data_4EHR
# 
_entry.id   4EHR 
# 
_audit_conform.dict_name       mmcif_pdbx.dic 
_audit_conform.dict_version    5.387 
_audit_conform.dict_location   http://mmcif.pdb.org/dictionaries/ascii/mmcif_pdbx.dic 
# 
loop_
_database_2.database_id 
_database_2.database_code 
_database_2.pdbx_database_accession 
_database_2.pdbx_DOI 
PDB   4EHR         pdb_00004ehr 10.2210/pdb4ehr/pdb 
RCSB  RCSB071633   ?            ?                   
WWPDB D_1000071633 ?            ?                   
# 
loop_
_pdbx_audit_revision_history.ordinal 
_pdbx_audit_revision_history.data_content_type 
_pdbx_audit_revision_history.major_revision 
_pdbx_audit_revision_history.minor_revision 
_pdbx_audit_revision_history.revision_date 
1 'Structure model' 1 0 2012-06-06 
2 'Structure model' 1 1 2012-06-13 
3 'Structure model' 1 2 2024-02-28 
# 
_pdbx_audit_revision_details.ordinal             1 
_pdbx_audit_revision_details.revision_ordinal    1 
_pdbx_audit_revision_details.data_content_type   'Structure model' 
_pdbx_audit_revision_details.provider            repository 
_pdbx_audit_revision_details.type                'Initial release' 
_pdbx_audit_revision_details.description         ? 
_pdbx_audit_revision_details.details             ? 
# 
loop_
_pdbx_audit_revision_group.ordinal 
_pdbx_audit_revision_group.revision_ordinal 
_pdbx_audit_revision_group.data_content_type 
_pdbx_audit_revision_group.group 
1 2 'Structure model' 'Database references'  
2 3 'Structure model' 'Data collection'      
3 3 'Structure model' 'Database references'  
4 3 'Structure model' 'Derived calculations' 
# 
loop_
_pdbx_audit_revision_category.ordinal 
_pdbx_audit_revision_category.revision_ordinal 
_pdbx_audit_revision_category.data_content_type 
_pdbx_audit_revision_category.category 
1 3 'Structure model' chem_comp_atom      
2 3 'Structure model' chem_comp_bond      
3 3 'Structure model' database_2          
4 3 'Structure model' database_PDB_matrix 
5 3 'Structure model' struct_ref_seq_dif  
6 3 'Structure model' struct_site         
# 
loop_
_pdbx_audit_revision_item.ordinal 
_pdbx_audit_revision_item.revision_ordinal 
_pdbx_audit_revision_item.data_content_type 
_pdbx_audit_revision_item.item 
1  3 'Structure model' '_database_2.pdbx_DOI'                 
2  3 'Structure model' '_database_2.pdbx_database_accession'  
3  3 'Structure model' '_database_PDB_matrix.origx[2][1]'     
4  3 'Structure model' '_database_PDB_matrix.origx[2][2]'     
5  3 'Structure model' '_database_PDB_matrix.origx[2][3]'     
6  3 'Structure model' '_database_PDB_matrix.origx[3][1]'     
7  3 'Structure model' '_database_PDB_matrix.origx[3][2]'     
8  3 'Structure model' '_database_PDB_matrix.origx[3][3]'     
9  3 'Structure model' '_database_PDB_matrix.origx_vector[2]' 
10 3 'Structure model' '_database_PDB_matrix.origx_vector[3]' 
11 3 'Structure model' '_struct_ref_seq_dif.details'          
12 3 'Structure model' '_struct_site.pdbx_auth_asym_id'       
13 3 'Structure model' '_struct_site.pdbx_auth_comp_id'       
14 3 'Structure model' '_struct_site.pdbx_auth_seq_id'        
# 
_pdbx_database_status.status_code                     REL 
_pdbx_database_status.entry_id                        4EHR 
_pdbx_database_status.recvd_initial_deposition_date   2012-04-03 
_pdbx_database_status.deposit_site                    RCSB 
_pdbx_database_status.process_site                    RCSB 
_pdbx_database_status.status_code_sf                  REL 
_pdbx_database_status.status_code_mr                  ? 
_pdbx_database_status.SG_entry                        ? 
_pdbx_database_status.status_code_cs                  ? 
_pdbx_database_status.methods_development_category    ? 
_pdbx_database_status.pdb_format_compatible           Y 
_pdbx_database_status.status_code_nmr_data            ? 
# 
loop_
_audit_author.name 
_audit_author.pdbx_ordinal 
'Schroeder, G.M.'   1  
'Wei, D.'           2  
'Banfi, P.'         3  
'Cai, Z.'           4  
'Lippy, J.'         5  
'Menichincheri, M.' 6  
'Modugno, M.'       7  
'Naglich, J.'       8  
'Penhallow, B.'     9  
'Perez, H.L.'       10 
'Sack, J.'          11 
'Schmidt, R.J.'     12 
'Tebben, A.'        13 
'Yan, C.'           14 
'Zhang, L.'         15 
'Galvani, A.'       16 
'Lombardo, L.J.'    17 
'Borzilleri, R.M.'  18 
# 
_citation.id                        primary 
_citation.title                     'Pyrazole and pyrimidine phenylacylsulfonamides as dual Bcl-2/Bcl-xL antagonists.' 
_citation.journal_abbrev            Bioorg.Med.Chem.Lett. 
_citation.journal_volume            22 
_citation.page_first                3951 
_citation.page_last                 3956 
_citation.year                      2012 
_citation.journal_id_ASTM           BMCLE8 
_citation.country                   UK 
_citation.journal_id_ISSN           0960-894X 
_citation.journal_id_CSD            1127 
_citation.book_publisher            ? 
_citation.pdbx_database_id_PubMed   22608393 
_citation.pdbx_database_id_DOI      10.1016/j.bmcl.2012.04.106 
# 
loop_
_citation_author.citation_id 
_citation_author.name 
_citation_author.ordinal 
_citation_author.identifier_ORCID 
primary 'Schroeder, G.M.'   1  ? 
primary 'Wei, D.'           2  ? 
primary 'Banfi, P.'         3  ? 
primary 'Cai, Z.W.'         4  ? 
primary 'Lippy, J.'         5  ? 
primary 'Menichincheri, M.' 6  ? 
primary 'Modugno, M.'       7  ? 
primary 'Naglich, J.'       8  ? 
primary 'Penhallow, B.'     9  ? 
primary 'Perez, H.L.'       10 ? 
primary 'Sack, J.'          11 ? 
primary 'Schmidt, R.J.'     12 ? 
primary 'Tebben, A.'        13 ? 
primary 'Yan, C.'           14 ? 
primary 'Zhang, L.'         15 ? 
primary 'Galvani, A.'       16 ? 
primary 'Lombardo, L.J.'    17 ? 
primary 'Borzilleri, R.M.'  18 ? 
# 
loop_
_entity.id 
_entity.type 
_entity.src_method 
_entity.pdbx_description 
_entity.formula_weight 
_entity.pdbx_number_of_molecules 
_entity.pdbx_ec 
_entity.pdbx_mutation 
_entity.pdbx_fragment 
_entity.details 
1 polymer     man 'Bcl-2-like protein 1' 19595.492 1  ? ? 'UNP RESIDUES 1-209' ? 
2 non-polymer syn 
;4-[5-butyl-3-(hydroxymethyl)-1-phenyl-1H-pyrazol-4-yl]-3-(3,4-dihydroisoquinolin-2(1H)-ylcarbonyl)-N-{[2-(trimethylsilyl)ethyl]sulfonyl}benzamide
;
672.909   1  ? ? ?                    ? 
3 non-polymer syn IMIDAZOLE 69.085    1  ? ? ?                    ? 
4 water       nat water 18.015    34 ? ? ?                    ? 
# 
_entity_name_com.entity_id   1 
_entity_name_com.name        'Bcl2-L-1, Apoptosis regulator Bcl-X' 
# 
_entity_poly.entity_id                      1 
_entity_poly.type                           'polypeptide(L)' 
_entity_poly.nstd_linkage                   no 
_entity_poly.nstd_monomer                   no 
_entity_poly.pdbx_seq_one_letter_code       
;GSHMSQSNRELVVDFLSYKLSQKGYSWSQFSDVEENRTEAPEGTESEAVKQALREAGDEFELRYRRAFSDLTSQLHITPG
TAYQSFEQVVNELFRDGVNWGRIVAFFSFGGALCVESVDKEMQVLVSRIAAWMATYLNDHLEPWIQENGGWDTFVELYGN
NAAAESRKGQER
;
_entity_poly.pdbx_seq_one_letter_code_can   
;GSHMSQSNRELVVDFLSYKLSQKGYSWSQFSDVEENRTEAPEGTESEAVKQALREAGDEFELRYRRAFSDLTSQLHITPG
TAYQSFEQVVNELFRDGVNWGRIVAFFSFGGALCVESVDKEMQVLVSRIAAWMATYLNDHLEPWIQENGGWDTFVELYGN
NAAAESRKGQER
;
_entity_poly.pdbx_strand_id                 A 
_entity_poly.pdbx_target_identifier         ? 
# 
loop_
_pdbx_entity_nonpoly.entity_id 
_pdbx_entity_nonpoly.name 
_pdbx_entity_nonpoly.comp_id 
2 
;4-[5-butyl-3-(hydroxymethyl)-1-phenyl-1H-pyrazol-4-yl]-3-(3,4-dihydroisoquinolin-2(1H)-ylcarbonyl)-N-{[2-(trimethylsilyl)ethyl]sulfonyl}benzamide
;
0Q5 
3 IMIDAZOLE IMD 
4 water HOH 
# 
loop_
_entity_poly_seq.entity_id 
_entity_poly_seq.num 
_entity_poly_seq.mon_id 
_entity_poly_seq.hetero 
1 1   GLY n 
1 2   SER n 
1 3   HIS n 
1 4   MET n 
1 5   SER n 
1 6   GLN n 
1 7   SER n 
1 8   ASN n 
1 9   ARG n 
1 10  GLU n 
1 11  LEU n 
1 12  VAL n 
1 13  VAL n 
1 14  ASP n 
1 15  PHE n 
1 16  LEU n 
1 17  SER n 
1 18  TYR n 
1 19  LYS n 
1 20  LEU n 
1 21  SER n 
1 22  GLN n 
1 23  LYS n 
1 24  GLY n 
1 25  TYR n 
1 26  SER n 
1 27  TRP n 
1 28  SER n 
1 29  GLN n 
1 30  PHE n 
1 31  SER n 
1 32  ASP n 
1 33  VAL n 
1 34  GLU n 
1 35  GLU n 
1 36  ASN n 
1 37  ARG n 
1 38  THR n 
1 39  GLU n 
1 40  ALA n 
1 41  PRO n 
1 42  GLU n 
1 43  GLY n 
1 44  THR n 
1 45  GLU n 
1 46  SER n 
1 47  GLU n 
1 48  ALA n 
1 49  VAL n 
1 50  LYS n 
1 51  GLN n 
1 52  ALA n 
1 53  LEU n 
1 54  ARG n 
1 55  GLU n 
1 56  ALA n 
1 57  GLY n 
1 58  ASP n 
1 59  GLU n 
1 60  PHE n 
1 61  GLU n 
1 62  LEU n 
1 63  ARG n 
1 64  TYR n 
1 65  ARG n 
1 66  ARG n 
1 67  ALA n 
1 68  PHE n 
1 69  SER n 
1 70  ASP n 
1 71  LEU n 
1 72  THR n 
1 73  SER n 
1 74  GLN n 
1 75  LEU n 
1 76  HIS n 
1 77  ILE n 
1 78  THR n 
1 79  PRO n 
1 80  GLY n 
1 81  THR n 
1 82  ALA n 
1 83  TYR n 
1 84  GLN n 
1 85  SER n 
1 86  PHE n 
1 87  GLU n 
1 88  GLN n 
1 89  VAL n 
1 90  VAL n 
1 91  ASN n 
1 92  GLU n 
1 93  LEU n 
1 94  PHE n 
1 95  ARG n 
1 96  ASP n 
1 97  GLY n 
1 98  VAL n 
1 99  ASN n 
1 100 TRP n 
1 101 GLY n 
1 102 ARG n 
1 103 ILE n 
1 104 VAL n 
1 105 ALA n 
1 106 PHE n 
1 107 PHE n 
1 108 SER n 
1 109 PHE n 
1 110 GLY n 
1 111 GLY n 
1 112 ALA n 
1 113 LEU n 
1 114 CYS n 
1 115 VAL n 
1 116 GLU n 
1 117 SER n 
1 118 VAL n 
1 119 ASP n 
1 120 LYS n 
1 121 GLU n 
1 122 MET n 
1 123 GLN n 
1 124 VAL n 
1 125 LEU n 
1 126 VAL n 
1 127 SER n 
1 128 ARG n 
1 129 ILE n 
1 130 ALA n 
1 131 ALA n 
1 132 TRP n 
1 133 MET n 
1 134 ALA n 
1 135 THR n 
1 136 TYR n 
1 137 LEU n 
1 138 ASN n 
1 139 ASP n 
1 140 HIS n 
1 141 LEU n 
1 142 GLU n 
1 143 PRO n 
1 144 TRP n 
1 145 ILE n 
1 146 GLN n 
1 147 GLU n 
1 148 ASN n 
1 149 GLY n 
1 150 GLY n 
1 151 TRP n 
1 152 ASP n 
1 153 THR n 
1 154 PHE n 
1 155 VAL n 
1 156 GLU n 
1 157 LEU n 
1 158 TYR n 
1 159 GLY n 
1 160 ASN n 
1 161 ASN n 
1 162 ALA n 
1 163 ALA n 
1 164 ALA n 
1 165 GLU n 
1 166 SER n 
1 167 ARG n 
1 168 LYS n 
1 169 GLY n 
1 170 GLN n 
1 171 GLU n 
1 172 ARG n 
# 
_entity_src_gen.entity_id                          1 
_entity_src_gen.pdbx_src_id                        1 
_entity_src_gen.pdbx_alt_source_flag               sample 
_entity_src_gen.pdbx_seq_type                      ? 
_entity_src_gen.pdbx_beg_seq_num                   ? 
_entity_src_gen.pdbx_end_seq_num                   ? 
_entity_src_gen.gene_src_common_name               human 
_entity_src_gen.gene_src_genus                     ? 
_entity_src_gen.pdbx_gene_src_gene                 'BCL2L1, BCL2L, BCLX' 
_entity_src_gen.gene_src_species                   ? 
_entity_src_gen.gene_src_strain                    ? 
_entity_src_gen.gene_src_tissue                    ? 
_entity_src_gen.gene_src_tissue_fraction           ? 
_entity_src_gen.gene_src_details                   ? 
_entity_src_gen.pdbx_gene_src_fragment             ? 
_entity_src_gen.pdbx_gene_src_scientific_name      'Homo sapiens' 
_entity_src_gen.pdbx_gene_src_ncbi_taxonomy_id     9606 
_entity_src_gen.pdbx_gene_src_variant              ? 
_entity_src_gen.pdbx_gene_src_cell_line            ? 
_entity_src_gen.pdbx_gene_src_atcc                 ? 
_entity_src_gen.pdbx_gene_src_organ                ? 
_entity_src_gen.pdbx_gene_src_organelle            ? 
_entity_src_gen.pdbx_gene_src_cell                 ? 
_entity_src_gen.pdbx_gene_src_cellular_location    ? 
_entity_src_gen.host_org_common_name               ? 
_entity_src_gen.pdbx_host_org_scientific_name      'ESCHERICHIA COLI' 
_entity_src_gen.pdbx_host_org_ncbi_taxonomy_id     562 
_entity_src_gen.host_org_genus                     ? 
_entity_src_gen.pdbx_host_org_gene                 ? 
_entity_src_gen.pdbx_host_org_organ                ? 
_entity_src_gen.host_org_species                   ? 
_entity_src_gen.pdbx_host_org_tissue               ? 
_entity_src_gen.pdbx_host_org_tissue_fraction      ? 
_entity_src_gen.pdbx_host_org_strain               'HMS174 (DE3)' 
_entity_src_gen.pdbx_host_org_variant              ? 
_entity_src_gen.pdbx_host_org_cell_line            ? 
_entity_src_gen.pdbx_host_org_atcc                 ? 
_entity_src_gen.pdbx_host_org_culture_collection   ? 
_entity_src_gen.pdbx_host_org_cell                 ? 
_entity_src_gen.pdbx_host_org_organelle            ? 
_entity_src_gen.pdbx_host_org_cellular_location    ? 
_entity_src_gen.pdbx_host_org_vector_type          plasmid 
_entity_src_gen.pdbx_host_org_vector               ? 
_entity_src_gen.host_org_details                   ? 
_entity_src_gen.expression_system_id               ? 
_entity_src_gen.plasmid_name                       PET29B 
_entity_src_gen.plasmid_details                    ? 
_entity_src_gen.pdbx_description                   ? 
# 
loop_
_chem_comp.id 
_chem_comp.type 
_chem_comp.mon_nstd_flag 
_chem_comp.name 
_chem_comp.pdbx_synonyms 
_chem_comp.formula 
_chem_comp.formula_weight 
0Q5 non-polymer         . 
;4-[5-butyl-3-(hydroxymethyl)-1-phenyl-1H-pyrazol-4-yl]-3-(3,4-dihydroisoquinolin-2(1H)-ylcarbonyl)-N-{[2-(trimethylsilyl)ethyl]sulfonyl}benzamide
;
? 'C36 H44 N4 O5 S Si' 672.909 
ALA 'L-peptide linking' y ALANINE ? 'C3 H7 N O2'         89.093  
ARG 'L-peptide linking' y ARGININE ? 'C6 H15 N4 O2 1'     175.209 
ASN 'L-peptide linking' y ASPARAGINE ? 'C4 H8 N2 O3'        132.118 
ASP 'L-peptide linking' y 'ASPARTIC ACID' ? 'C4 H7 N O4'         133.103 
CYS 'L-peptide linking' y CYSTEINE ? 'C3 H7 N O2 S'       121.158 
GLN 'L-peptide linking' y GLUTAMINE ? 'C5 H10 N2 O3'       146.144 
GLU 'L-peptide linking' y 'GLUTAMIC ACID' ? 'C5 H9 N O4'         147.129 
GLY 'peptide linking'   y GLYCINE ? 'C2 H5 N O2'         75.067  
HIS 'L-peptide linking' y HISTIDINE ? 'C6 H10 N3 O2 1'     156.162 
HOH non-polymer         . WATER ? 'H2 O'               18.015  
ILE 'L-peptide linking' y ISOLEUCINE ? 'C6 H13 N O2'        131.173 
IMD non-polymer         . IMIDAZOLE ? 'C3 H5 N2 1'         69.085  
LEU 'L-peptide linking' y LEUCINE ? 'C6 H13 N O2'        131.173 
LYS 'L-peptide linking' y LYSINE ? 'C6 H15 N2 O2 1'     147.195 
MET 'L-peptide linking' y METHIONINE ? 'C5 H11 N O2 S'      149.211 
PHE 'L-peptide linking' y PHENYLALANINE ? 'C9 H11 N O2'        165.189 
PRO 'L-peptide linking' y PROLINE ? 'C5 H9 N O2'         115.130 
SER 'L-peptide linking' y SERINE ? 'C3 H7 N O3'         105.093 
THR 'L-peptide linking' y THREONINE ? 'C4 H9 N O3'         119.119 
TRP 'L-peptide linking' y TRYPTOPHAN ? 'C11 H12 N2 O2'      204.225 
TYR 'L-peptide linking' y TYROSINE ? 'C9 H11 N O3'        181.189 
VAL 'L-peptide linking' y VALINE ? 'C5 H11 N O2'        117.146 
# 
loop_
_pdbx_poly_seq_scheme.asym_id 
_pdbx_poly_seq_scheme.entity_id 
_pdbx_poly_seq_scheme.seq_id 
_pdbx_poly_seq_scheme.mon_id 
_pdbx_poly_seq_scheme.ndb_seq_num 
_pdbx_poly_seq_scheme.pdb_seq_num 
_pdbx_poly_seq_scheme.auth_seq_num 
_pdbx_poly_seq_scheme.pdb_mon_id 
_pdbx_poly_seq_scheme.auth_mon_id 
_pdbx_poly_seq_scheme.pdb_strand_id 
_pdbx_poly_seq_scheme.pdb_ins_code 
_pdbx_poly_seq_scheme.hetero 
A 1 1   GLY 1   -2  ?   ?   ?   A . n 
A 1 2   SER 2   -1  ?   ?   ?   A . n 
A 1 3   HIS 3   0   ?   ?   ?   A . n 
A 1 4   MET 4   1   ?   ?   ?   A . n 
A 1 5   SER 5   2   2   SER SER A . n 
A 1 6   GLN 6   3   3   GLN GLN A . n 
A 1 7   SER 7   4   4   SER SER A . n 
A 1 8   ASN 8   5   5   ASN ASN A . n 
A 1 9   ARG 9   6   6   ARG ARG A . n 
A 1 10  GLU 10  7   7   GLU GLU A . n 
A 1 11  LEU 11  8   8   LEU LEU A . n 
A 1 12  VAL 12  9   9   VAL VAL A . n 
A 1 13  VAL 13  10  10  VAL VAL A . n 
A 1 14  ASP 14  11  11  ASP ASP A . n 
A 1 15  PHE 15  12  12  PHE PHE A . n 
A 1 16  LEU 16  13  13  LEU LEU A . n 
A 1 17  SER 17  14  14  SER SER A . n 
A 1 18  TYR 18  15  15  TYR TYR A . n 
A 1 19  LYS 19  16  16  LYS LYS A . n 
A 1 20  LEU 20  17  17  LEU LEU A . n 
A 1 21  SER 21  18  18  SER SER A . n 
A 1 22  GLN 22  19  19  GLN GLN A . n 
A 1 23  LYS 23  20  20  LYS LYS A . n 
A 1 24  GLY 24  21  21  GLY GLY A . n 
A 1 25  TYR 25  22  22  TYR TYR A . n 
A 1 26  SER 26  23  23  SER SER A . n 
A 1 27  TRP 27  24  24  TRP TRP A . n 
A 1 28  SER 28  25  25  SER SER A . n 
A 1 29  GLN 29  26  26  GLN GLN A . n 
A 1 30  PHE 30  67  ?   ?   ?   A . n 
A 1 31  SER 31  68  ?   ?   ?   A . n 
A 1 32  ASP 32  69  ?   ?   ?   A . n 
A 1 33  VAL 33  70  ?   ?   ?   A . n 
A 1 34  GLU 34  71  ?   ?   ?   A . n 
A 1 35  GLU 35  72  ?   ?   ?   A . n 
A 1 36  ASN 36  73  ?   ?   ?   A . n 
A 1 37  ARG 37  74  ?   ?   ?   A . n 
A 1 38  THR 38  75  ?   ?   ?   A . n 
A 1 39  GLU 39  76  ?   ?   ?   A . n 
A 1 40  ALA 40  77  ?   ?   ?   A . n 
A 1 41  PRO 41  78  ?   ?   ?   A . n 
A 1 42  GLU 42  79  ?   ?   ?   A . n 
A 1 43  GLY 43  80  ?   ?   ?   A . n 
A 1 44  THR 44  81  ?   ?   ?   A . n 
A 1 45  GLU 45  82  ?   ?   ?   A . n 
A 1 46  SER 46  83  83  SER SER A . n 
A 1 47  GLU 47  84  84  GLU GLU A . n 
A 1 48  ALA 48  85  85  ALA ALA A . n 
A 1 49  VAL 49  86  86  VAL VAL A . n 
A 1 50  LYS 50  87  87  LYS LYS A . n 
A 1 51  GLN 51  88  88  GLN GLN A . n 
A 1 52  ALA 52  89  89  ALA ALA A . n 
A 1 53  LEU 53  90  90  LEU LEU A . n 
A 1 54  ARG 54  91  91  ARG ARG A . n 
A 1 55  GLU 55  92  92  GLU GLU A . n 
A 1 56  ALA 56  93  93  ALA ALA A . n 
A 1 57  GLY 57  94  94  GLY GLY A . n 
A 1 58  ASP 58  95  95  ASP ASP A . n 
A 1 59  GLU 59  96  96  GLU GLU A . n 
A 1 60  PHE 60  97  97  PHE PHE A . n 
A 1 61  GLU 61  98  98  GLU GLU A . n 
A 1 62  LEU 62  99  99  LEU LEU A . n 
A 1 63  ARG 63  100 100 ARG ARG A . n 
A 1 64  TYR 64  101 101 TYR TYR A . n 
A 1 65  ARG 65  102 102 ARG ARG A . n 
A 1 66  ARG 66  103 103 ARG ARG A . n 
A 1 67  ALA 67  104 104 ALA ALA A . n 
A 1 68  PHE 68  105 105 PHE PHE A . n 
A 1 69  SER 69  106 106 SER SER A . n 
A 1 70  ASP 70  107 107 ASP ASP A . n 
A 1 71  LEU 71  108 108 LEU LEU A . n 
A 1 72  THR 72  109 109 THR THR A . n 
A 1 73  SER 73  110 110 SER SER A . n 
A 1 74  GLN 74  111 111 GLN GLN A . n 
A 1 75  LEU 75  112 112 LEU LEU A . n 
A 1 76  HIS 76  113 113 HIS HIS A . n 
A 1 77  ILE 77  114 114 ILE ILE A . n 
A 1 78  THR 78  115 115 THR THR A . n 
A 1 79  PRO 79  116 116 PRO PRO A . n 
A 1 80  GLY 80  117 117 GLY GLY A . n 
A 1 81  THR 81  118 118 THR THR A . n 
A 1 82  ALA 82  119 119 ALA ALA A . n 
A 1 83  TYR 83  120 120 TYR TYR A . n 
A 1 84  GLN 84  121 121 GLN GLN A . n 
A 1 85  SER 85  122 122 SER SER A . n 
A 1 86  PHE 86  123 123 PHE PHE A . n 
A 1 87  GLU 87  124 124 GLU GLU A . n 
A 1 88  GLN 88  125 125 GLN GLN A . n 
A 1 89  VAL 89  126 126 VAL VAL A . n 
A 1 90  VAL 90  127 127 VAL VAL A . n 
A 1 91  ASN 91  128 128 ASN ASN A . n 
A 1 92  GLU 92  129 129 GLU GLU A . n 
A 1 93  LEU 93  130 130 LEU LEU A . n 
A 1 94  PHE 94  131 131 PHE PHE A . n 
A 1 95  ARG 95  132 132 ARG ARG A . n 
A 1 96  ASP 96  133 133 ASP ASP A . n 
A 1 97  GLY 97  134 134 GLY GLY A . n 
A 1 98  VAL 98  135 135 VAL VAL A . n 
A 1 99  ASN 99  136 136 ASN ASN A . n 
A 1 100 TRP 100 137 137 TRP TRP A . n 
A 1 101 GLY 101 138 138 GLY GLY A . n 
A 1 102 ARG 102 139 139 ARG ARG A . n 
A 1 103 ILE 103 140 140 ILE ILE A . n 
A 1 104 VAL 104 141 141 VAL VAL A . n 
A 1 105 ALA 105 142 142 ALA ALA A . n 
A 1 106 PHE 106 143 143 PHE PHE A . n 
A 1 107 PHE 107 144 144 PHE PHE A . n 
A 1 108 SER 108 145 145 SER SER A . n 
A 1 109 PHE 109 146 146 PHE PHE A . n 
A 1 110 GLY 110 147 147 GLY GLY A . n 
A 1 111 GLY 111 148 148 GLY GLY A . n 
A 1 112 ALA 112 149 149 ALA ALA A . n 
A 1 113 LEU 113 150 150 LEU LEU A . n 
A 1 114 CYS 114 151 151 CYS CYS A . n 
A 1 115 VAL 115 152 152 VAL VAL A . n 
A 1 116 GLU 116 153 153 GLU GLU A . n 
A 1 117 SER 117 154 154 SER SER A . n 
A 1 118 VAL 118 155 155 VAL VAL A . n 
A 1 119 ASP 119 156 156 ASP ASP A . n 
A 1 120 LYS 120 157 157 LYS LYS A . n 
A 1 121 GLU 121 158 158 GLU GLU A . n 
A 1 122 MET 122 159 159 MET MET A . n 
A 1 123 GLN 123 160 160 GLN GLN A . n 
A 1 124 VAL 124 161 161 VAL VAL A . n 
A 1 125 LEU 125 162 162 LEU LEU A . n 
A 1 126 VAL 126 163 163 VAL VAL A . n 
A 1 127 SER 127 164 164 SER SER A . n 
A 1 128 ARG 128 165 165 ARG ARG A . n 
A 1 129 ILE 129 166 166 ILE ILE A . n 
A 1 130 ALA 130 167 167 ALA ALA A . n 
A 1 131 ALA 131 168 168 ALA ALA A . n 
A 1 132 TRP 132 169 169 TRP TRP A . n 
A 1 133 MET 133 170 170 MET MET A . n 
A 1 134 ALA 134 171 171 ALA ALA A . n 
A 1 135 THR 135 172 172 THR THR A . n 
A 1 136 TYR 136 173 173 TYR TYR A . n 
A 1 137 LEU 137 174 174 LEU LEU A . n 
A 1 138 ASN 138 175 175 ASN ASN A . n 
A 1 139 ASP 139 176 176 ASP ASP A . n 
A 1 140 HIS 140 177 177 HIS HIS A . n 
A 1 141 LEU 141 178 178 LEU LEU A . n 
A 1 142 GLU 142 179 179 GLU GLU A . n 
A 1 143 PRO 143 180 180 PRO PRO A . n 
A 1 144 TRP 144 181 181 TRP TRP A . n 
A 1 145 ILE 145 182 182 ILE ILE A . n 
A 1 146 GLN 146 183 183 GLN GLN A . n 
A 1 147 GLU 147 184 184 GLU GLU A . n 
A 1 148 ASN 148 185 185 ASN ASN A . n 
A 1 149 GLY 149 186 186 GLY GLY A . n 
A 1 150 GLY 150 187 187 GLY GLY A . n 
A 1 151 TRP 151 188 188 TRP TRP A . n 
A 1 152 ASP 152 189 189 ASP ASP A . n 
A 1 153 THR 153 190 190 THR THR A . n 
A 1 154 PHE 154 191 191 PHE PHE A . n 
A 1 155 VAL 155 192 192 VAL VAL A . n 
A 1 156 GLU 156 193 193 GLU GLU A . n 
A 1 157 LEU 157 194 194 LEU LEU A . n 
A 1 158 TYR 158 195 195 TYR TYR A . n 
A 1 159 GLY 159 196 196 GLY GLY A . n 
A 1 160 ASN 160 197 ?   ?   ?   A . n 
A 1 161 ASN 161 198 ?   ?   ?   A . n 
A 1 162 ALA 162 199 ?   ?   ?   A . n 
A 1 163 ALA 163 200 ?   ?   ?   A . n 
A 1 164 ALA 164 201 ?   ?   ?   A . n 
A 1 165 GLU 165 202 ?   ?   ?   A . n 
A 1 166 SER 166 203 ?   ?   ?   A . n 
A 1 167 ARG 167 204 ?   ?   ?   A . n 
A 1 168 LYS 168 205 ?   ?   ?   A . n 
A 1 169 GLY 169 206 ?   ?   ?   A . n 
A 1 170 GLN 170 207 ?   ?   ?   A . n 
A 1 171 GLU 171 208 ?   ?   ?   A . n 
A 1 172 ARG 172 209 ?   ?   ?   A . n 
# 
loop_
_pdbx_nonpoly_scheme.asym_id 
_pdbx_nonpoly_scheme.entity_id 
_pdbx_nonpoly_scheme.mon_id 
_pdbx_nonpoly_scheme.ndb_seq_num 
_pdbx_nonpoly_scheme.pdb_seq_num 
_pdbx_nonpoly_scheme.auth_seq_num 
_pdbx_nonpoly_scheme.pdb_mon_id 
_pdbx_nonpoly_scheme.auth_mon_id 
_pdbx_nonpoly_scheme.pdb_strand_id 
_pdbx_nonpoly_scheme.pdb_ins_code 
B 2 0Q5 1  301 1  0Q5 0Q5 A . 
C 3 IMD 1  302 1  IMD IMD A . 
D 4 HOH 1  401 2  HOH HOH A . 
D 4 HOH 2  402 3  HOH HOH A . 
D 4 HOH 3  403 4  HOH HOH A . 
D 4 HOH 4  404 5  HOH HOH A . 
D 4 HOH 5  405 6  HOH HOH A . 
D 4 HOH 6  406 7  HOH HOH A . 
D 4 HOH 7  407 8  HOH HOH A . 
D 4 HOH 8  408 9  HOH HOH A . 
D 4 HOH 9  409 10 HOH HOH A . 
D 4 HOH 10 410 11 HOH HOH A . 
D 4 HOH 11 411 12 HOH HOH A . 
D 4 HOH 12 412 13 HOH HOH A . 
D 4 HOH 13 413 14 HOH HOH A . 
D 4 HOH 14 414 15 HOH HOH A . 
D 4 HOH 15 415 16 HOH HOH A . 
D 4 HOH 16 416 17 HOH HOH A . 
D 4 HOH 17 417 18 HOH HOH A . 
D 4 HOH 18 418 19 HOH HOH A . 
D 4 HOH 19 419 20 HOH HOH A . 
D 4 HOH 20 420 21 HOH HOH A . 
D 4 HOH 21 421 22 HOH HOH A . 
D 4 HOH 22 422 23 HOH HOH A . 
D 4 HOH 23 423 24 HOH HOH A . 
D 4 HOH 24 424 25 HOH HOH A . 
D 4 HOH 25 425 26 HOH HOH A . 
D 4 HOH 26 426 27 HOH HOH A . 
D 4 HOH 27 427 28 HOH HOH A . 
D 4 HOH 28 428 29 HOH HOH A . 
D 4 HOH 29 429 30 HOH HOH A . 
D 4 HOH 30 430 31 HOH HOH A . 
D 4 HOH 31 431 32 HOH HOH A . 
D 4 HOH 32 432 33 HOH HOH A . 
D 4 HOH 33 433 34 HOH HOH A . 
D 4 HOH 34 434 35 HOH HOH A . 
# 
loop_
_pdbx_unobs_or_zero_occ_atoms.id 
_pdbx_unobs_or_zero_occ_atoms.PDB_model_num 
_pdbx_unobs_or_zero_occ_atoms.polymer_flag 
_pdbx_unobs_or_zero_occ_atoms.occupancy_flag 
_pdbx_unobs_or_zero_occ_atoms.auth_asym_id 
_pdbx_unobs_or_zero_occ_atoms.auth_comp_id 
_pdbx_unobs_or_zero_occ_atoms.auth_seq_id 
_pdbx_unobs_or_zero_occ_atoms.PDB_ins_code 
_pdbx_unobs_or_zero_occ_atoms.auth_atom_id 
_pdbx_unobs_or_zero_occ_atoms.label_alt_id 
_pdbx_unobs_or_zero_occ_atoms.label_asym_id 
_pdbx_unobs_or_zero_occ_atoms.label_comp_id 
_pdbx_unobs_or_zero_occ_atoms.label_seq_id 
_pdbx_unobs_or_zero_occ_atoms.label_atom_id 
1  1 Y 1 A GLN 26  ? CG  ? A GLN 29  CG  
2  1 Y 1 A GLN 26  ? CD  ? A GLN 29  CD  
3  1 Y 1 A GLN 26  ? OE1 ? A GLN 29  OE1 
4  1 Y 1 A GLN 26  ? NE2 ? A GLN 29  NE2 
5  1 Y 1 A GLU 84  ? CG  ? A GLU 47  CG  
6  1 Y 1 A GLU 84  ? CD  ? A GLU 47  CD  
7  1 Y 1 A GLU 84  ? OE1 ? A GLU 47  OE1 
8  1 Y 1 A GLU 84  ? OE2 ? A GLU 47  OE2 
9  1 Y 1 A GLN 88  ? CG  ? A GLN 51  CG  
10 1 Y 1 A GLN 88  ? CD  ? A GLN 51  CD  
11 1 Y 1 A GLN 88  ? OE1 ? A GLN 51  OE1 
12 1 Y 1 A GLN 88  ? NE2 ? A GLN 51  NE2 
13 1 Y 1 A GLU 96  ? CG  ? A GLU 59  CG  
14 1 Y 1 A GLU 96  ? CD  ? A GLU 59  CD  
15 1 Y 1 A GLU 96  ? OE1 ? A GLU 59  OE1 
16 1 Y 1 A GLU 96  ? OE2 ? A GLU 59  OE2 
17 1 Y 1 A ARG 103 ? NE  ? A ARG 66  NE  
18 1 Y 1 A ARG 103 ? CZ  ? A ARG 66  CZ  
19 1 Y 1 A ARG 103 ? NH1 ? A ARG 66  NH1 
20 1 Y 1 A ARG 103 ? NH2 ? A ARG 66  NH2 
21 1 Y 1 A GLN 111 ? CG  ? A GLN 74  CG  
22 1 Y 1 A GLN 111 ? CD  ? A GLN 74  CD  
23 1 Y 1 A GLN 111 ? OE1 ? A GLN 74  OE1 
24 1 Y 1 A GLN 111 ? NE2 ? A GLN 74  NE2 
25 1 Y 1 A GLN 121 ? CG  ? A GLN 84  CG  
26 1 Y 1 A GLN 121 ? CD  ? A GLN 84  CD  
27 1 Y 1 A GLN 121 ? OE1 ? A GLN 84  OE1 
28 1 Y 1 A GLN 121 ? NE2 ? A GLN 84  NE2 
29 1 Y 1 A GLU 124 ? CG  ? A GLU 87  CG  
30 1 Y 1 A GLU 124 ? CD  ? A GLU 87  CD  
31 1 Y 1 A GLU 124 ? OE1 ? A GLU 87  OE1 
32 1 Y 1 A GLU 124 ? OE2 ? A GLU 87  OE2 
33 1 Y 1 A ARG 132 ? NE  ? A ARG 95  NE  
34 1 Y 1 A ARG 132 ? CZ  ? A ARG 95  CZ  
35 1 Y 1 A ARG 132 ? NH1 ? A ARG 95  NH1 
36 1 Y 1 A ARG 132 ? NH2 ? A ARG 95  NH2 
37 1 Y 1 A LYS 157 ? CG  ? A LYS 120 CG  
38 1 Y 1 A LYS 157 ? CD  ? A LYS 120 CD  
39 1 Y 1 A LYS 157 ? CE  ? A LYS 120 CE  
40 1 Y 1 A LYS 157 ? NZ  ? A LYS 120 NZ  
41 1 Y 1 A GLU 179 ? CG  ? A GLU 142 CG  
42 1 Y 1 A GLU 179 ? CD  ? A GLU 142 CD  
43 1 Y 1 A GLU 179 ? OE1 ? A GLU 142 OE1 
44 1 Y 1 A GLU 179 ? OE2 ? A GLU 142 OE2 
# 
loop_
_software.name 
_software.classification 
_software.version 
_software.citation_id 
_software.pdbx_ordinal 
BUSTER   refinement       2.11.2        ? 1 
HKL-2000 'data reduction' '(DENZO)'     ? 2 
HKL-2000 'data scaling'   '(SCALEPACK)' ? 3 
# 
_cell.entry_id           4EHR 
_cell.length_a           102.227 
_cell.length_b           102.227 
_cell.length_c           34.929 
_cell.angle_alpha        90.00 
_cell.angle_beta         90.00 
_cell.angle_gamma        90.00 
_cell.Z_PDB              8 
_cell.pdbx_unique_axis   ? 
_cell.length_a_esd       ? 
_cell.length_b_esd       ? 
_cell.length_c_esd       ? 
_cell.angle_alpha_esd    ? 
_cell.angle_beta_esd     ? 
_cell.angle_gamma_esd    ? 
# 
_symmetry.entry_id                         4EHR 
_symmetry.space_group_name_H-M             'P 42 21 2' 
_symmetry.pdbx_full_space_group_name_H-M   ? 
_symmetry.cell_setting                     ? 
_symmetry.Int_Tables_number                94 
_symmetry.space_group_name_Hall            ? 
# 
_exptl.entry_id          4EHR 
_exptl.method            'X-RAY DIFFRACTION' 
_exptl.crystals_number   1 
# 
_exptl_crystal.id                    1 
_exptl_crystal.density_meas          ? 
_exptl_crystal.density_Matthews      2.33 
_exptl_crystal.density_percent_sol   47.18 
_exptl_crystal.description           ? 
_exptl_crystal.F_000                 ? 
_exptl_crystal.preparation           ? 
# 
_diffrn.id                     1 
_diffrn.ambient_temp           100 
_diffrn.ambient_temp_details   ? 
_diffrn.crystal_id             1 
# 
_diffrn_detector.diffrn_id              1 
_diffrn_detector.detector               CCD 
_diffrn_detector.type                   'RAYONIX MX-225' 
_diffrn_detector.pdbx_collection_date   2010-05-22 
_diffrn_detector.details                ? 
# 
_diffrn_radiation.diffrn_id                        1 
_diffrn_radiation.wavelength_id                    1 
_diffrn_radiation.pdbx_monochromatic_or_laue_m_l   M 
_diffrn_radiation.monochromator                    ? 
_diffrn_radiation.pdbx_diffrn_protocol             'SINGLE WAVELENGTH' 
_diffrn_radiation.pdbx_scattering_type             x-ray 
# 
_diffrn_radiation_wavelength.id           1 
_diffrn_radiation_wavelength.wavelength   0.980 
_diffrn_radiation_wavelength.wt           1.0 
# 
_diffrn_source.diffrn_id                   1 
_diffrn_source.source                      SYNCHROTRON 
_diffrn_source.type                        'CLSI BEAMLINE 08ID-1' 
_diffrn_source.pdbx_synchrotron_site       CLSI 
_diffrn_source.pdbx_synchrotron_beamline   08ID-1 
_diffrn_source.pdbx_wavelength             0.980 
_diffrn_source.pdbx_wavelength_list        ? 
# 
_reflns.entry_id                     4EHR 
_reflns.observed_criterion_sigma_I   0. 
_reflns.observed_criterion_sigma_F   ? 
_reflns.d_resolution_low             50.00 
_reflns.d_resolution_high            2.09 
_reflns.number_obs                   11425 
_reflns.number_all                   ? 
_reflns.percent_possible_obs         99.4 
_reflns.pdbx_Rmerge_I_obs            0.077 
_reflns.pdbx_Rsym_value              ? 
_reflns.pdbx_netI_over_sigmaI        25.8 
_reflns.B_iso_Wilson_estimate        39.94 
_reflns.pdbx_redundancy              12.5 
_reflns.R_free_details               ? 
_reflns.limit_h_max                  ? 
_reflns.limit_h_min                  ? 
_reflns.limit_k_max                  ? 
_reflns.limit_k_min                  ? 
_reflns.limit_l_max                  ? 
_reflns.limit_l_min                  ? 
_reflns.observed_criterion_F_max     ? 
_reflns.observed_criterion_F_min     ? 
_reflns.pdbx_chi_squared             ? 
_reflns.pdbx_scaling_rejects         ? 
_reflns.pdbx_ordinal                 1 
_reflns.pdbx_diffrn_id               1 
# 
_reflns_shell.d_res_high             2.09 
_reflns_shell.d_res_low              2.16 
_reflns_shell.percent_possible_all   100.0 
_reflns_shell.Rmerge_I_obs           0.496 
_reflns_shell.pdbx_Rsym_value        ? 
_reflns_shell.meanI_over_sigI_obs    6.0 
_reflns_shell.pdbx_redundancy        12.4 
_reflns_shell.percent_possible_obs   ? 
_reflns_shell.number_unique_all      ? 
_reflns_shell.number_measured_all    ? 
_reflns_shell.number_measured_obs    ? 
_reflns_shell.number_unique_obs      ? 
_reflns_shell.pdbx_chi_squared       ? 
_reflns_shell.pdbx_ordinal           1 
_reflns_shell.pdbx_diffrn_id         1 
# 
_refine.entry_id                                 4EHR 
_refine.ls_number_reflns_obs                     11303 
_refine.ls_number_reflns_all                     ? 
_refine.pdbx_ls_sigma_I                          ? 
_refine.pdbx_ls_sigma_F                          0.0 
_refine.pdbx_data_cutoff_high_absF               ? 
_refine.pdbx_data_cutoff_low_absF                ? 
_refine.pdbx_data_cutoff_high_rms_absF           ? 
_refine.ls_d_res_low                             45.72 
_refine.ls_d_res_high                            2.09 
_refine.ls_percent_reflns_obs                    98.45 
_refine.ls_R_factor_obs                          0.2354 
_refine.ls_R_factor_all                          ? 
_refine.ls_R_factor_R_work                       0.2329 
_refine.ls_R_factor_R_free                       0.2827 
_refine.ls_R_factor_R_free_error                 ? 
_refine.ls_R_factor_R_free_error_details         ? 
_refine.ls_percent_reflns_R_free                 5.15 
_refine.ls_number_reflns_R_free                  582 
_refine.ls_number_parameters                     ? 
_refine.ls_number_restraints                     ? 
_refine.occupancy_min                            ? 
_refine.occupancy_max                            ? 
_refine.correlation_coeff_Fo_to_Fc               0.9375 
_refine.correlation_coeff_Fo_to_Fc_free          0.9035 
_refine.B_iso_mean                               45.80 
_refine.aniso_B[1][1]                            1.3175 
_refine.aniso_B[2][2]                            1.3175 
_refine.aniso_B[3][3]                            -2.6351 
_refine.aniso_B[1][2]                            0.0000 
_refine.aniso_B[1][3]                            0.0000 
_refine.aniso_B[2][3]                            0.0000 
_refine.solvent_model_details                    ? 
_refine.solvent_model_param_ksol                 ? 
_refine.solvent_model_param_bsol                 ? 
_refine.pdbx_solvent_vdw_probe_radii             ? 
_refine.pdbx_solvent_ion_probe_radii             ? 
_refine.pdbx_solvent_shrinkage_radii             ? 
_refine.pdbx_ls_cross_valid_method               THROUGHOUT 
_refine.details                                  ? 
_refine.pdbx_starting_model                      ? 
_refine.pdbx_method_to_determine_struct          'MOLECULAR REPLACEMENT' 
_refine.pdbx_isotropic_thermal_model             ? 
_refine.pdbx_stereochemistry_target_values       ? 
_refine.pdbx_stereochem_target_val_spec_case     ? 
_refine.pdbx_R_Free_selection_details            RANDOM 
_refine.pdbx_overall_ESU_R                       ? 
_refine.pdbx_overall_ESU_R_Free                  ? 
_refine.overall_SU_ML                            ? 
_refine.pdbx_overall_phase_error                 ? 
_refine.overall_SU_B                             ? 
_refine.overall_SU_R_Cruickshank_DPI             0.205 
_refine.ls_redundancy_reflns_obs                 ? 
_refine.B_iso_min                                ? 
_refine.B_iso_max                                ? 
_refine.overall_SU_R_free                        ? 
_refine.ls_wR_factor_R_free                      ? 
_refine.ls_wR_factor_R_work                      ? 
_refine.overall_FOM_free_R_set                   ? 
_refine.overall_FOM_work_R_set                   ? 
_refine.pdbx_diffrn_id                           1 
_refine.pdbx_refine_id                           'X-RAY DIFFRACTION' 
_refine.pdbx_TLS_residual_ADP_flag               ? 
_refine.pdbx_overall_SU_R_free_Cruickshank_DPI   ? 
_refine.pdbx_overall_SU_R_Blow_DPI               ? 
_refine.pdbx_overall_SU_R_free_Blow_DPI          ? 
# 
_refine_analyze.entry_id                        4EHR 
_refine_analyze.Luzzati_coordinate_error_obs    0.326 
_refine_analyze.Luzzati_sigma_a_obs             ? 
_refine_analyze.Luzzati_d_res_low_obs           ? 
_refine_analyze.Luzzati_coordinate_error_free   ? 
_refine_analyze.Luzzati_sigma_a_free            ? 
_refine_analyze.Luzzati_d_res_low_free          ? 
_refine_analyze.number_disordered_residues      ? 
_refine_analyze.occupancy_sum_hydrogen          ? 
_refine_analyze.occupancy_sum_non_hydrogen      ? 
_refine_analyze.pdbx_Luzzati_d_res_high_obs     ? 
_refine_analyze.pdbx_refine_id                  'X-RAY DIFFRACTION' 
# 
_refine_hist.pdbx_refine_id                   'X-RAY DIFFRACTION' 
_refine_hist.cycle_id                         LAST 
_refine_hist.pdbx_number_atoms_protein        1085 
_refine_hist.pdbx_number_atoms_nucleic_acid   0 
_refine_hist.pdbx_number_atoms_ligand         52 
_refine_hist.number_atoms_solvent             34 
_refine_hist.number_atoms_total               1171 
_refine_hist.d_res_high                       2.09 
_refine_hist.d_res_low                        45.72 
# 
loop_
_refine_ls_restr.type 
_refine_ls_restr.dev_ideal 
_refine_ls_restr.dev_ideal_target 
_refine_ls_restr.weight 
_refine_ls_restr.number 
_refine_ls_restr.pdbx_restraint_function 
_refine_ls_restr.pdbx_refine_id 
t_bond_d                  0.010 ? 2.00  1168 HARMONIC     'X-RAY DIFFRACTION' 
t_angle_deg               1.14  ? 2.00  1589 HARMONIC     'X-RAY DIFFRACTION' 
t_dihedral_angle_d        ?     ? 2.00  386  SINUSOIDAL   'X-RAY DIFFRACTION' 
t_incorr_chiral_ct        ?     ? ?     ?    ?            'X-RAY DIFFRACTION' 
t_pseud_angle             ?     ? ?     ?    ?            'X-RAY DIFFRACTION' 
t_trig_c_planes           ?     ? 2.00  25   HARMONIC     'X-RAY DIFFRACTION' 
t_gen_planes              ?     ? 5.00  205  HARMONIC     'X-RAY DIFFRACTION' 
t_it                      ?     ? 20.00 1168 HARMONIC     'X-RAY DIFFRACTION' 
t_nbd                     ?     ? ?     ?    ?            'X-RAY DIFFRACTION' 
t_omega_torsion           3.27  ? ?     ?    ?            'X-RAY DIFFRACTION' 
t_other_torsion           20.18 ? ?     ?    ?            'X-RAY DIFFRACTION' 
t_improper_torsion        ?     ? ?     ?    ?            'X-RAY DIFFRACTION' 
t_chiral_improper_torsion ?     ? 5.00  138  SEMIHARMONIC 'X-RAY DIFFRACTION' 
t_sum_occupancies         ?     ? ?     ?    ?            'X-RAY DIFFRACTION' 
t_utility_distance        ?     ? ?     ?    ?            'X-RAY DIFFRACTION' 
t_utility_angle           ?     ? ?     ?    ?            'X-RAY DIFFRACTION' 
t_utility_torsion         ?     ? ?     ?    ?            'X-RAY DIFFRACTION' 
t_ideal_dist_contact      ?     ? 4.00  1430 SEMIHARMONIC 'X-RAY DIFFRACTION' 
# 
_refine_ls_shell.pdbx_total_number_of_bins_used   6 
_refine_ls_shell.d_res_high                       2.09 
_refine_ls_shell.d_res_low                        2.29 
_refine_ls_shell.number_reflns_R_work             2475 
_refine_ls_shell.R_factor_R_work                  0.2768 
_refine_ls_shell.percent_reflns_obs               98.45 
_refine_ls_shell.R_factor_R_free                  0.3023 
_refine_ls_shell.R_factor_R_free_error            ? 
_refine_ls_shell.percent_reflns_R_free            5.89 
_refine_ls_shell.number_reflns_R_free             155 
_refine_ls_shell.number_reflns_all                2630 
_refine_ls_shell.R_factor_all                     0.2784 
_refine_ls_shell.number_reflns_obs                ? 
_refine_ls_shell.redundancy_reflns_obs            ? 
_refine_ls_shell.pdbx_refine_id                   'X-RAY DIFFRACTION' 
# 
_struct.entry_id                  4EHR 
_struct.title                     
;Crystal structure of Bcl-Xl complex with 4-(5-butyl-3-(hydroxymethyl)-1-phenyl-1h-pyrazol-4-yl)-3-(3,4-dihydro-2(1h)-isoquinolinylcarbonyl)-n-((2-(trimethylsilyl)ethyl)sulfonyl)benzamide
;
_struct.pdbx_model_details        ? 
_struct.pdbx_CASP_flag            ? 
_struct.pdbx_model_type_details   ? 
# 
_struct_keywords.entry_id        4EHR 
_struct_keywords.pdbx_keywords   APOPTOSIS 
_struct_keywords.text            'apoptosis, programmed cell death, bcl-2 family' 
# 
loop_
_struct_asym.id 
_struct_asym.pdbx_blank_PDB_chainid_flag 
_struct_asym.pdbx_modified 
_struct_asym.entity_id 
_struct_asym.details 
A N N 1 ? 
B N N 2 ? 
C N N 3 ? 
D N N 4 ? 
# 
_struct_ref.id                         1 
_struct_ref.db_name                    UNP 
_struct_ref.db_code                    B2CL1_HUMAN 
_struct_ref.pdbx_db_accession          Q07817 
_struct_ref.entity_id                  1 
_struct_ref.pdbx_seq_one_letter_code   
;MSQSNRELVVDFLSYKLSQKGYSWSQFSDVEENRTEAPEGTESEMETPSAINGNPSWHLADSPAVNGATGHSSSLDAREV
IPMAAVKQALREAGDEFELRYRRAFSDLTSQLHITPGTAYQSFEQVVNELFRDGVNWGRIVAFFSFGGALCVESVDKEMQ
VLVSRIAAWMATYLNDHLEPWIQENGGWDTFVELYGNNAAAESRKGQER
;
_struct_ref.pdbx_align_begin           1 
_struct_ref.pdbx_db_isoform            ? 
# 
_struct_ref_seq.align_id                      1 
_struct_ref_seq.ref_id                        1 
_struct_ref_seq.pdbx_PDB_id_code              4EHR 
_struct_ref_seq.pdbx_strand_id                A 
_struct_ref_seq.seq_align_beg                 4 
_struct_ref_seq.pdbx_seq_align_beg_ins_code   ? 
_struct_ref_seq.seq_align_end                 172 
_struct_ref_seq.pdbx_seq_align_end_ins_code   ? 
_struct_ref_seq.pdbx_db_accession             Q07817 
_struct_ref_seq.db_align_beg                  1 
_struct_ref_seq.pdbx_db_align_beg_ins_code    ? 
_struct_ref_seq.db_align_end                  209 
_struct_ref_seq.pdbx_db_align_end_ins_code    ? 
_struct_ref_seq.pdbx_auth_seq_align_beg       1 
_struct_ref_seq.pdbx_auth_seq_align_end       209 
# 
loop_
_struct_ref_seq_dif.align_id 
_struct_ref_seq_dif.pdbx_pdb_id_code 
_struct_ref_seq_dif.mon_id 
_struct_ref_seq_dif.pdbx_pdb_strand_id 
_struct_ref_seq_dif.seq_num 
_struct_ref_seq_dif.pdbx_pdb_ins_code 
_struct_ref_seq_dif.pdbx_seq_db_name 
_struct_ref_seq_dif.pdbx_seq_db_accession_code 
_struct_ref_seq_dif.db_mon_id 
_struct_ref_seq_dif.pdbx_seq_db_seq_num 
_struct_ref_seq_dif.details 
_struct_ref_seq_dif.pdbx_auth_seq_num 
_struct_ref_seq_dif.pdbx_ordinal 
1 4EHR GLY A 1 ? UNP Q07817 ?   ?  'expression tag' -2 1  
1 4EHR SER A 2 ? UNP Q07817 ?   ?  'expression tag' -1 2  
1 4EHR HIS A 3 ? UNP Q07817 ?   ?  'expression tag' 0  3  
1 4EHR ?   A ? ? UNP Q07817 MET 45 deletion         ?  4  
1 4EHR ?   A ? ? UNP Q07817 GLU 46 deletion         ?  5  
1 4EHR ?   A ? ? UNP Q07817 THR 47 deletion         ?  6  
1 4EHR ?   A ? ? UNP Q07817 PRO 48 deletion         ?  7  
1 4EHR ?   A ? ? UNP Q07817 SER 49 deletion         ?  8  
1 4EHR ?   A ? ? UNP Q07817 ALA 50 deletion         ?  9  
1 4EHR ?   A ? ? UNP Q07817 ILE 51 deletion         ?  10 
1 4EHR ?   A ? ? UNP Q07817 ASN 52 deletion         ?  11 
1 4EHR ?   A ? ? UNP Q07817 GLY 53 deletion         ?  12 
1 4EHR ?   A ? ? UNP Q07817 ASN 54 deletion         ?  13 
1 4EHR ?   A ? ? UNP Q07817 PRO 55 deletion         ?  14 
1 4EHR ?   A ? ? UNP Q07817 SER 56 deletion         ?  15 
1 4EHR ?   A ? ? UNP Q07817 TRP 57 deletion         ?  16 
1 4EHR ?   A ? ? UNP Q07817 HIS 58 deletion         ?  17 
1 4EHR ?   A ? ? UNP Q07817 LEU 59 deletion         ?  18 
1 4EHR ?   A ? ? UNP Q07817 ALA 60 deletion         ?  19 
1 4EHR ?   A ? ? UNP Q07817 ASP 61 deletion         ?  20 
1 4EHR ?   A ? ? UNP Q07817 SER 62 deletion         ?  21 
1 4EHR ?   A ? ? UNP Q07817 PRO 63 deletion         ?  22 
1 4EHR ?   A ? ? UNP Q07817 ALA 64 deletion         ?  23 
1 4EHR ?   A ? ? UNP Q07817 VAL 65 deletion         ?  24 
1 4EHR ?   A ? ? UNP Q07817 ASN 66 deletion         ?  25 
1 4EHR ?   A ? ? UNP Q07817 GLY 67 deletion         ?  26 
1 4EHR ?   A ? ? UNP Q07817 ALA 68 deletion         ?  27 
1 4EHR ?   A ? ? UNP Q07817 THR 69 deletion         ?  28 
1 4EHR ?   A ? ? UNP Q07817 GLY 70 deletion         ?  29 
1 4EHR ?   A ? ? UNP Q07817 HIS 71 deletion         ?  30 
1 4EHR ?   A ? ? UNP Q07817 SER 72 deletion         ?  31 
1 4EHR ?   A ? ? UNP Q07817 SER 73 deletion         ?  32 
1 4EHR ?   A ? ? UNP Q07817 SER 74 deletion         ?  33 
1 4EHR ?   A ? ? UNP Q07817 LEU 75 deletion         ?  34 
1 4EHR ?   A ? ? UNP Q07817 ASP 76 deletion         ?  35 
1 4EHR ?   A ? ? UNP Q07817 ALA 77 deletion         ?  36 
1 4EHR ?   A ? ? UNP Q07817 ARG 78 deletion         ?  37 
1 4EHR ?   A ? ? UNP Q07817 GLU 79 deletion         ?  38 
1 4EHR ?   A ? ? UNP Q07817 VAL 80 deletion         ?  39 
1 4EHR ?   A ? ? UNP Q07817 ILE 81 deletion         ?  40 
1 4EHR ?   A ? ? UNP Q07817 PRO 82 deletion         ?  41 
1 4EHR ?   A ? ? UNP Q07817 MET 83 deletion         ?  42 
1 4EHR ?   A ? ? UNP Q07817 ALA 84 deletion         ?  43 
# 
_pdbx_struct_assembly.id                   1 
_pdbx_struct_assembly.details              author_and_software_defined_assembly 
_pdbx_struct_assembly.method_details       PISA 
_pdbx_struct_assembly.oligomeric_details   monomeric 
_pdbx_struct_assembly.oligomeric_count     1 
# 
_pdbx_struct_assembly_gen.assembly_id       1 
_pdbx_struct_assembly_gen.oper_expression   1 
_pdbx_struct_assembly_gen.asym_id_list      A,B,C,D 
# 
_pdbx_struct_oper_list.id                   1 
_pdbx_struct_oper_list.type                 'identity operation' 
_pdbx_struct_oper_list.name                 1_555 
_pdbx_struct_oper_list.symmetry_operation   x,y,z 
_pdbx_struct_oper_list.matrix[1][1]         1.0000000000 
_pdbx_struct_oper_list.matrix[1][2]         0.0000000000 
_pdbx_struct_oper_list.matrix[1][3]         0.0000000000 
_pdbx_struct_oper_list.vector[1]            0.0000000000 
_pdbx_struct_oper_list.matrix[2][1]         0.0000000000 
_pdbx_struct_oper_list.matrix[2][2]         1.0000000000 
_pdbx_struct_oper_list.matrix[2][3]         0.0000000000 
_pdbx_struct_oper_list.vector[2]            0.0000000000 
_pdbx_struct_oper_list.matrix[3][1]         0.0000000000 
_pdbx_struct_oper_list.matrix[3][2]         0.0000000000 
_pdbx_struct_oper_list.matrix[3][3]         1.0000000000 
_pdbx_struct_oper_list.vector[3]            0.0000000000 
# 
_struct_biol.id        1 
_struct_biol.details   ? 
# 
loop_
_struct_conf.conf_type_id 
_struct_conf.id 
_struct_conf.pdbx_PDB_helix_id 
_struct_conf.beg_label_comp_id 
_struct_conf.beg_label_asym_id 
_struct_conf.beg_label_seq_id 
_struct_conf.pdbx_beg_PDB_ins_code 
_struct_conf.end_label_comp_id 
_struct_conf.end_label_asym_id 
_struct_conf.end_label_seq_id 
_struct_conf.pdbx_end_PDB_ins_code 
_struct_conf.beg_auth_comp_id 
_struct_conf.beg_auth_asym_id 
_struct_conf.beg_auth_seq_id 
_struct_conf.end_auth_comp_id 
_struct_conf.end_auth_asym_id 
_struct_conf.end_auth_seq_id 
_struct_conf.pdbx_PDB_helix_class 
_struct_conf.details 
_struct_conf.pdbx_PDB_helix_length 
HELX_P HELX_P1 1 GLN A 6   ? LYS A 23  ? GLN A 3   LYS A 20  1 ? 18 
HELX_P HELX_P2 2 GLU A 47  ? TYR A 64  ? GLU A 84  TYR A 101 1 ? 18 
HELX_P HELX_P3 3 TYR A 64  ? LEU A 75  ? TYR A 101 LEU A 112 1 ? 12 
HELX_P HELX_P4 4 THR A 81  ? PHE A 94  ? THR A 118 PHE A 131 1 ? 14 
HELX_P HELX_P5 5 ASN A 99  ? LYS A 120 ? ASN A 136 LYS A 157 1 ? 22 
HELX_P HELX_P6 6 VAL A 124 ? LEU A 141 ? VAL A 161 LEU A 178 1 ? 18 
HELX_P HELX_P7 7 LEU A 141 ? ASN A 148 ? LEU A 178 ASN A 185 1 ? 8  
HELX_P HELX_P8 8 GLY A 149 ? GLY A 159 ? GLY A 186 GLY A 196 1 ? 11 
# 
_struct_conf_type.id          HELX_P 
_struct_conf_type.criteria    ? 
_struct_conf_type.reference   ? 
# 
loop_
_struct_mon_prot_cis.pdbx_id 
_struct_mon_prot_cis.label_comp_id 
_struct_mon_prot_cis.label_seq_id 
_struct_mon_prot_cis.label_asym_id 
_struct_mon_prot_cis.label_alt_id 
_struct_mon_prot_cis.pdbx_PDB_ins_code 
_struct_mon_prot_cis.auth_comp_id 
_struct_mon_prot_cis.auth_seq_id 
_struct_mon_prot_cis.auth_asym_id 
_struct_mon_prot_cis.pdbx_label_comp_id_2 
_struct_mon_prot_cis.pdbx_label_seq_id_2 
_struct_mon_prot_cis.pdbx_label_asym_id_2 
_struct_mon_prot_cis.pdbx_PDB_ins_code_2 
_struct_mon_prot_cis.pdbx_auth_comp_id_2 
_struct_mon_prot_cis.pdbx_auth_seq_id_2 
_struct_mon_prot_cis.pdbx_auth_asym_id_2 
_struct_mon_prot_cis.pdbx_PDB_model_num 
_struct_mon_prot_cis.pdbx_omega_angle 
1 TRP 27 A . ? TRP 24 A SER 28 A ? SER 25 A 1 20.35 
2 SER 28 A . ? SER 25 A GLN 29 A ? GLN 26 A 1 14.52 
# 
loop_
_struct_site.id 
_struct_site.pdbx_evidence_code 
_struct_site.pdbx_auth_asym_id 
_struct_site.pdbx_auth_comp_id 
_struct_site.pdbx_auth_seq_id 
_struct_site.pdbx_auth_ins_code 
_struct_site.pdbx_num_residues 
_struct_site.details 
AC1 Software A 0Q5 301 ? 12 'BINDING SITE FOR RESIDUE 0Q5 A 301' 
AC2 Software A IMD 302 ? 2  'BINDING SITE FOR RESIDUE IMD A 302' 
# 
loop_
_struct_site_gen.id 
_struct_site_gen.site_id 
_struct_site_gen.pdbx_num_res 
_struct_site_gen.label_comp_id 
_struct_site_gen.label_asym_id 
_struct_site_gen.label_seq_id 
_struct_site_gen.pdbx_auth_ins_code 
_struct_site_gen.auth_comp_id 
_struct_site_gen.auth_asym_id 
_struct_site_gen.auth_seq_id 
_struct_site_gen.label_atom_id 
_struct_site_gen.label_alt_id 
_struct_site_gen.symmetry 
_struct_site_gen.details 
1  AC1 12 SER A 28  ? SER A 25  . ? 1_556 ? 
2  AC1 12 GLN A 29  ? GLN A 26  . ? 1_556 ? 
3  AC1 12 PHE A 60  ? PHE A 97  . ? 1_555 ? 
4  AC1 12 ARG A 63  ? ARG A 100 . ? 1_555 ? 
5  AC1 12 TYR A 64  ? TYR A 101 . ? 1_555 ? 
6  AC1 12 ALA A 67  ? ALA A 104 . ? 1_555 ? 
7  AC1 12 PHE A 68  ? PHE A 105 . ? 1_555 ? 
8  AC1 12 GLU A 92  ? GLU A 129 . ? 1_555 ? 
9  AC1 12 LEU A 93  ? LEU A 130 . ? 1_555 ? 
10 AC1 12 GLY A 101 ? GLY A 138 . ? 1_555 ? 
11 AC1 12 ARG A 102 ? ARG A 139 . ? 1_555 ? 
12 AC1 12 PHE A 109 ? PHE A 146 . ? 1_555 ? 
13 AC2 2  GLN A 29  ? GLN A 26  . ? 1_555 ? 
14 AC2 2  VAL A 126 ? VAL A 163 . ? 1_555 ? 
# 
loop_
_pdbx_validate_rmsd_angle.id 
_pdbx_validate_rmsd_angle.PDB_model_num 
_pdbx_validate_rmsd_angle.auth_atom_id_1 
_pdbx_validate_rmsd_angle.auth_asym_id_1 
_pdbx_validate_rmsd_angle.auth_comp_id_1 
_pdbx_validate_rmsd_angle.auth_seq_id_1 
_pdbx_validate_rmsd_angle.PDB_ins_code_1 
_pdbx_validate_rmsd_angle.label_alt_id_1 
_pdbx_validate_rmsd_angle.auth_atom_id_2 
_pdbx_validate_rmsd_angle.auth_asym_id_2 
_pdbx_validate_rmsd_angle.auth_comp_id_2 
_pdbx_validate_rmsd_angle.auth_seq_id_2 
_pdbx_validate_rmsd_angle.PDB_ins_code_2 
_pdbx_validate_rmsd_angle.label_alt_id_2 
_pdbx_validate_rmsd_angle.auth_atom_id_3 
_pdbx_validate_rmsd_angle.auth_asym_id_3 
_pdbx_validate_rmsd_angle.auth_comp_id_3 
_pdbx_validate_rmsd_angle.auth_seq_id_3 
_pdbx_validate_rmsd_angle.PDB_ins_code_3 
_pdbx_validate_rmsd_angle.label_alt_id_3 
_pdbx_validate_rmsd_angle.angle_value 
_pdbx_validate_rmsd_angle.angle_target_value 
_pdbx_validate_rmsd_angle.angle_deviation 
_pdbx_validate_rmsd_angle.angle_standard_deviation 
_pdbx_validate_rmsd_angle.linker_flag 
1 1 C A TRP 24 ? ? N A SER 25 ? ? CA A SER 25 ? ? 141.83 121.70 20.13 2.50 Y 
2 1 C A SER 25 ? ? N A GLN 26 ? ? CA A GLN 26 ? ? 138.54 121.70 16.84 2.50 Y 
# 
loop_
_pdbx_validate_torsion.id 
_pdbx_validate_torsion.PDB_model_num 
_pdbx_validate_torsion.auth_comp_id 
_pdbx_validate_torsion.auth_asym_id 
_pdbx_validate_torsion.auth_seq_id 
_pdbx_validate_torsion.PDB_ins_code 
_pdbx_validate_torsion.label_alt_id 
_pdbx_validate_torsion.phi 
_pdbx_validate_torsion.psi 
1 1 SER A 25  ? ? 95.08   135.78 
2 1 MET A 159 ? ? -104.00 51.73  
3 1 GLN A 160 ? ? -58.55  -9.92  
# 
loop_
_pdbx_unobs_or_zero_occ_residues.id 
_pdbx_unobs_or_zero_occ_residues.PDB_model_num 
_pdbx_unobs_or_zero_occ_residues.polymer_flag 
_pdbx_unobs_or_zero_occ_residues.occupancy_flag 
_pdbx_unobs_or_zero_occ_residues.auth_asym_id 
_pdbx_unobs_or_zero_occ_residues.auth_comp_id 
_pdbx_unobs_or_zero_occ_residues.auth_seq_id 
_pdbx_unobs_or_zero_occ_residues.PDB_ins_code 
_pdbx_unobs_or_zero_occ_residues.label_asym_id 
_pdbx_unobs_or_zero_occ_residues.label_comp_id 
_pdbx_unobs_or_zero_occ_residues.label_seq_id 
1  1 Y 1 A GLY -2  ? A GLY 1   
2  1 Y 1 A SER -1  ? A SER 2   
3  1 Y 1 A HIS 0   ? A HIS 3   
4  1 Y 1 A MET 1   ? A MET 4   
5  1 Y 1 A PHE 67  ? A PHE 30  
6  1 Y 1 A SER 68  ? A SER 31  
7  1 Y 1 A ASP 69  ? A ASP 32  
8  1 Y 1 A VAL 70  ? A VAL 33  
9  1 Y 1 A GLU 71  ? A GLU 34  
10 1 Y 1 A GLU 72  ? A GLU 35  
11 1 Y 1 A ASN 73  ? A ASN 36  
12 1 Y 1 A ARG 74  ? A ARG 37  
13 1 Y 1 A THR 75  ? A THR 38  
14 1 Y 1 A GLU 76  ? A GLU 39  
15 1 Y 1 A ALA 77  ? A ALA 40  
16 1 Y 1 A PRO 78  ? A PRO 41  
17 1 Y 1 A GLU 79  ? A GLU 42  
18 1 Y 1 A GLY 80  ? A GLY 43  
19 1 Y 1 A THR 81  ? A THR 44  
20 1 Y 1 A GLU 82  ? A GLU 45  
21 1 Y 1 A ASN 197 ? A ASN 160 
22 1 Y 1 A ASN 198 ? A ASN 161 
23 1 Y 1 A ALA 199 ? A ALA 162 
24 1 Y 1 A ALA 200 ? A ALA 163 
25 1 Y 1 A ALA 201 ? A ALA 164 
26 1 Y 1 A GLU 202 ? A GLU 165 
27 1 Y 1 A SER 203 ? A SER 166 
28 1 Y 1 A ARG 204 ? A ARG 167 
29 1 Y 1 A LYS 205 ? A LYS 168 
30 1 Y 1 A GLY 206 ? A GLY 169 
31 1 Y 1 A GLN 207 ? A GLN 170 
32 1 Y 1 A GLU 208 ? A GLU 171 
33 1 Y 1 A ARG 209 ? A ARG 172 
# 
loop_
_chem_comp_atom.comp_id 
_chem_comp_atom.atom_id 
_chem_comp_atom.type_symbol 
_chem_comp_atom.pdbx_aromatic_flag 
_chem_comp_atom.pdbx_stereo_config 
_chem_comp_atom.pdbx_ordinal 
0Q5 O4   O  N N 1   
0Q5 C27  C  N N 2   
0Q5 N3   N  N N 3   
0Q5 C36  C  N N 4   
0Q5 C35  C  N N 5   
0Q5 C30  C  Y N 6   
0Q5 C31  C  Y N 7   
0Q5 C32  C  Y N 8   
0Q5 C33  C  Y N 9   
0Q5 C34  C  Y N 10  
0Q5 C29  C  Y N 11  
0Q5 C28  C  N N 12  
0Q5 C    C  Y N 13  
0Q5 C5   C  Y N 14  
0Q5 C6   C  Y N 15  
0Q5 C8   C  Y N 16  
0Q5 C9   C  N N 17  
0Q5 C10  C  N N 18  
0Q5 C11  C  N N 19  
0Q5 C12  C  N N 20  
0Q5 N1   N  Y N 21  
0Q5 C13  C  Y N 22  
0Q5 C18  C  Y N 23  
0Q5 C17  C  Y N 24  
0Q5 C16  C  Y N 25  
0Q5 C15  C  Y N 26  
0Q5 C14  C  Y N 27  
0Q5 N    N  Y N 28  
0Q5 C7   C  Y N 29  
0Q5 C19  C  N N 30  
0Q5 O    O  N N 31  
0Q5 C4   C  Y N 32  
0Q5 C3   C  Y N 33  
0Q5 C2   C  Y N 34  
0Q5 C1   C  Y N 35  
0Q5 C20  C  N N 36  
0Q5 O1   O  N N 37  
0Q5 N2   N  N N 38  
0Q5 S    S  N N 39  
0Q5 O2   O  N N 40  
0Q5 O3   O  N N 41  
0Q5 C21  C  N N 42  
0Q5 C22  C  N N 43  
0Q5 SI1  SI N N 44  
0Q5 C26  C  N N 45  
0Q5 C25  C  N N 46  
0Q5 C24  C  N N 47  
0Q5 H1   H  N N 48  
0Q5 H2   H  N N 49  
0Q5 H3   H  N N 50  
0Q5 H4   H  N N 51  
0Q5 H5   H  N N 52  
0Q5 H6   H  N N 53  
0Q5 H7   H  N N 54  
0Q5 H8   H  N N 55  
0Q5 H9   H  N N 56  
0Q5 H10  H  N N 57  
0Q5 H11  H  N N 58  
0Q5 H12  H  N N 59  
0Q5 H13  H  N N 60  
0Q5 H14  H  N N 61  
0Q5 H15  H  N N 62  
0Q5 H16  H  N N 63  
0Q5 H17  H  N N 64  
0Q5 H18  H  N N 65  
0Q5 H19  H  N N 66  
0Q5 H20  H  N N 67  
0Q5 H21  H  N N 68  
0Q5 H22  H  N N 69  
0Q5 H23  H  N N 70  
0Q5 H24  H  N N 71  
0Q5 H25  H  N N 72  
0Q5 H26  H  N N 73  
0Q5 H27  H  N N 74  
0Q5 H28  H  N N 75  
0Q5 H29  H  N N 76  
0Q5 H30  H  N N 77  
0Q5 H31  H  N N 78  
0Q5 H32  H  N N 79  
0Q5 H33  H  N N 80  
0Q5 H34  H  N N 81  
0Q5 H35  H  N N 82  
0Q5 H36  H  N N 83  
0Q5 H37  H  N N 84  
0Q5 H38  H  N N 85  
0Q5 H39  H  N N 86  
0Q5 H40  H  N N 87  
0Q5 H41  H  N N 88  
0Q5 H42  H  N N 89  
0Q5 H43  H  N N 90  
0Q5 H44  H  N N 91  
ALA N    N  N N 92  
ALA CA   C  N S 93  
ALA C    C  N N 94  
ALA O    O  N N 95  
ALA CB   C  N N 96  
ALA OXT  O  N N 97  
ALA H    H  N N 98  
ALA H2   H  N N 99  
ALA HA   H  N N 100 
ALA HB1  H  N N 101 
ALA HB2  H  N N 102 
ALA HB3  H  N N 103 
ALA HXT  H  N N 104 
ARG N    N  N N 105 
ARG CA   C  N S 106 
ARG C    C  N N 107 
ARG O    O  N N 108 
ARG CB   C  N N 109 
ARG CG   C  N N 110 
ARG CD   C  N N 111 
ARG NE   N  N N 112 
ARG CZ   C  N N 113 
ARG NH1  N  N N 114 
ARG NH2  N  N N 115 
ARG OXT  O  N N 116 
ARG H    H  N N 117 
ARG H2   H  N N 118 
ARG HA   H  N N 119 
ARG HB2  H  N N 120 
ARG HB3  H  N N 121 
ARG HG2  H  N N 122 
ARG HG3  H  N N 123 
ARG HD2  H  N N 124 
ARG HD3  H  N N 125 
ARG HE   H  N N 126 
ARG HH11 H  N N 127 
ARG HH12 H  N N 128 
ARG HH21 H  N N 129 
ARG HH22 H  N N 130 
ARG HXT  H  N N 131 
ASN N    N  N N 132 
ASN CA   C  N S 133 
ASN C    C  N N 134 
ASN O    O  N N 135 
ASN CB   C  N N 136 
ASN CG   C  N N 137 
ASN OD1  O  N N 138 
ASN ND2  N  N N 139 
ASN OXT  O  N N 140 
ASN H    H  N N 141 
ASN H2   H  N N 142 
ASN HA   H  N N 143 
ASN HB2  H  N N 144 
ASN HB3  H  N N 145 
ASN HD21 H  N N 146 
ASN HD22 H  N N 147 
ASN HXT  H  N N 148 
ASP N    N  N N 149 
ASP CA   C  N S 150 
ASP C    C  N N 151 
ASP O    O  N N 152 
ASP CB   C  N N 153 
ASP CG   C  N N 154 
ASP OD1  O  N N 155 
ASP OD2  O  N N 156 
ASP OXT  O  N N 157 
ASP H    H  N N 158 
ASP H2   H  N N 159 
ASP HA   H  N N 160 
ASP HB2  H  N N 161 
ASP HB3  H  N N 162 
ASP HD2  H  N N 163 
ASP HXT  H  N N 164 
CYS N    N  N N 165 
CYS CA   C  N R 166 
CYS C    C  N N 167 
CYS O    O  N N 168 
CYS CB   C  N N 169 
CYS SG   S  N N 170 
CYS OXT  O  N N 171 
CYS H    H  N N 172 
CYS H2   H  N N 173 
CYS HA   H  N N 174 
CYS HB2  H  N N 175 
CYS HB3  H  N N 176 
CYS HG   H  N N 177 
CYS HXT  H  N N 178 
GLN N    N  N N 179 
GLN CA   C  N S 180 
GLN C    C  N N 181 
GLN O    O  N N 182 
GLN CB   C  N N 183 
GLN CG   C  N N 184 
GLN CD   C  N N 185 
GLN OE1  O  N N 186 
GLN NE2  N  N N 187 
GLN OXT  O  N N 188 
GLN H    H  N N 189 
GLN H2   H  N N 190 
GLN HA   H  N N 191 
GLN HB2  H  N N 192 
GLN HB3  H  N N 193 
GLN HG2  H  N N 194 
GLN HG3  H  N N 195 
GLN HE21 H  N N 196 
GLN HE22 H  N N 197 
GLN HXT  H  N N 198 
GLU N    N  N N 199 
GLU CA   C  N S 200 
GLU C    C  N N 201 
GLU O    O  N N 202 
GLU CB   C  N N 203 
GLU CG   C  N N 204 
GLU CD   C  N N 205 
GLU OE1  O  N N 206 
GLU OE2  O  N N 207 
GLU OXT  O  N N 208 
GLU H    H  N N 209 
GLU H2   H  N N 210 
GLU HA   H  N N 211 
GLU HB2  H  N N 212 
GLU HB3  H  N N 213 
GLU HG2  H  N N 214 
GLU HG3  H  N N 215 
GLU HE2  H  N N 216 
GLU HXT  H  N N 217 
GLY N    N  N N 218 
GLY CA   C  N N 219 
GLY C    C  N N 220 
GLY O    O  N N 221 
GLY OXT  O  N N 222 
GLY H    H  N N 223 
GLY H2   H  N N 224 
GLY HA2  H  N N 225 
GLY HA3  H  N N 226 
GLY HXT  H  N N 227 
HIS N    N  N N 228 
HIS CA   C  N S 229 
HIS C    C  N N 230 
HIS O    O  N N 231 
HIS CB   C  N N 232 
HIS CG   C  Y N 233 
HIS ND1  N  Y N 234 
HIS CD2  C  Y N 235 
HIS CE1  C  Y N 236 
HIS NE2  N  Y N 237 
HIS OXT  O  N N 238 
HIS H    H  N N 239 
HIS H2   H  N N 240 
HIS HA   H  N N 241 
HIS HB2  H  N N 242 
HIS HB3  H  N N 243 
HIS HD1  H  N N 244 
HIS HD2  H  N N 245 
HIS HE1  H  N N 246 
HIS HE2  H  N N 247 
HIS HXT  H  N N 248 
HOH O    O  N N 249 
HOH H1   H  N N 250 
HOH H2   H  N N 251 
ILE N    N  N N 252 
ILE CA   C  N S 253 
ILE C    C  N N 254 
ILE O    O  N N 255 
ILE CB   C  N S 256 
ILE CG1  C  N N 257 
ILE CG2  C  N N 258 
ILE CD1  C  N N 259 
ILE OXT  O  N N 260 
ILE H    H  N N 261 
ILE H2   H  N N 262 
ILE HA   H  N N 263 
ILE HB   H  N N 264 
ILE HG12 H  N N 265 
ILE HG13 H  N N 266 
ILE HG21 H  N N 267 
ILE HG22 H  N N 268 
ILE HG23 H  N N 269 
ILE HD11 H  N N 270 
ILE HD12 H  N N 271 
ILE HD13 H  N N 272 
ILE HXT  H  N N 273 
IMD N1   N  Y N 274 
IMD C2   C  Y N 275 
IMD N3   N  Y N 276 
IMD C4   C  Y N 277 
IMD C5   C  Y N 278 
IMD HN1  H  N N 279 
IMD H2   H  N N 280 
IMD HN3  H  N N 281 
IMD H4   H  N N 282 
IMD H5   H  N N 283 
LEU N    N  N N 284 
LEU CA   C  N S 285 
LEU C    C  N N 286 
LEU O    O  N N 287 
LEU CB   C  N N 288 
LEU CG   C  N N 289 
LEU CD1  C  N N 290 
LEU CD2  C  N N 291 
LEU OXT  O  N N 292 
LEU H    H  N N 293 
LEU H2   H  N N 294 
LEU HA   H  N N 295 
LEU HB2  H  N N 296 
LEU HB3  H  N N 297 
LEU HG   H  N N 298 
LEU HD11 H  N N 299 
LEU HD12 H  N N 300 
LEU HD13 H  N N 301 
LEU HD21 H  N N 302 
LEU HD22 H  N N 303 
LEU HD23 H  N N 304 
LEU HXT  H  N N 305 
LYS N    N  N N 306 
LYS CA   C  N S 307 
LYS C    C  N N 308 
LYS O    O  N N 309 
LYS CB   C  N N 310 
LYS CG   C  N N 311 
LYS CD   C  N N 312 
LYS CE   C  N N 313 
LYS NZ   N  N N 314 
LYS OXT  O  N N 315 
LYS H    H  N N 316 
LYS H2   H  N N 317 
LYS HA   H  N N 318 
LYS HB2  H  N N 319 
LYS HB3  H  N N 320 
LYS HG2  H  N N 321 
LYS HG3  H  N N 322 
LYS HD2  H  N N 323 
LYS HD3  H  N N 324 
LYS HE2  H  N N 325 
LYS HE3  H  N N 326 
LYS HZ1  H  N N 327 
LYS HZ2  H  N N 328 
LYS HZ3  H  N N 329 
LYS HXT  H  N N 330 
MET N    N  N N 331 
MET CA   C  N S 332 
MET C    C  N N 333 
MET O    O  N N 334 
MET CB   C  N N 335 
MET CG   C  N N 336 
MET SD   S  N N 337 
MET CE   C  N N 338 
MET OXT  O  N N 339 
MET H    H  N N 340 
MET H2   H  N N 341 
MET HA   H  N N 342 
MET HB2  H  N N 343 
MET HB3  H  N N 344 
MET HG2  H  N N 345 
MET HG3  H  N N 346 
MET HE1  H  N N 347 
MET HE2  H  N N 348 
MET HE3  H  N N 349 
MET HXT  H  N N 350 
PHE N    N  N N 351 
PHE CA   C  N S 352 
PHE C    C  N N 353 
PHE O    O  N N 354 
PHE CB   C  N N 355 
PHE CG   C  Y N 356 
PHE CD1  C  Y N 357 
PHE CD2  C  Y N 358 
PHE CE1  C  Y N 359 
PHE CE2  C  Y N 360 
PHE CZ   C  Y N 361 
PHE OXT  O  N N 362 
PHE H    H  N N 363 
PHE H2   H  N N 364 
PHE HA   H  N N 365 
PHE HB2  H  N N 366 
PHE HB3  H  N N 367 
PHE HD1  H  N N 368 
PHE HD2  H  N N 369 
PHE HE1  H  N N 370 
PHE HE2  H  N N 371 
PHE HZ   H  N N 372 
PHE HXT  H  N N 373 
PRO N    N  N N 374 
PRO CA   C  N S 375 
PRO C    C  N N 376 
PRO O    O  N N 377 
PRO CB   C  N N 378 
PRO CG   C  N N 379 
PRO CD   C  N N 380 
PRO OXT  O  N N 381 
PRO H    H  N N 382 
PRO HA   H  N N 383 
PRO HB2  H  N N 384 
PRO HB3  H  N N 385 
PRO HG2  H  N N 386 
PRO HG3  H  N N 387 
PRO HD2  H  N N 388 
PRO HD3  H  N N 389 
PRO HXT  H  N N 390 
SER N    N  N N 391 
SER CA   C  N S 392 
SER C    C  N N 393 
SER O    O  N N 394 
SER CB   C  N N 395 
SER OG   O  N N 396 
SER OXT  O  N N 397 
SER H    H  N N 398 
SER H2   H  N N 399 
SER HA   H  N N 400 
SER HB2  H  N N 401 
SER HB3  H  N N 402 
SER HG   H  N N 403 
SER HXT  H  N N 404 
THR N    N  N N 405 
THR CA   C  N S 406 
THR C    C  N N 407 
THR O    O  N N 408 
THR CB   C  N R 409 
THR OG1  O  N N 410 
THR CG2  C  N N 411 
THR OXT  O  N N 412 
THR H    H  N N 413 
THR H2   H  N N 414 
THR HA   H  N N 415 
THR HB   H  N N 416 
THR HG1  H  N N 417 
THR HG21 H  N N 418 
THR HG22 H  N N 419 
THR HG23 H  N N 420 
THR HXT  H  N N 421 
TRP N    N  N N 422 
TRP CA   C  N S 423 
TRP C    C  N N 424 
TRP O    O  N N 425 
TRP CB   C  N N 426 
TRP CG   C  Y N 427 
TRP CD1  C  Y N 428 
TRP CD2  C  Y N 429 
TRP NE1  N  Y N 430 
TRP CE2  C  Y N 431 
TRP CE3  C  Y N 432 
TRP CZ2  C  Y N 433 
TRP CZ3  C  Y N 434 
TRP CH2  C  Y N 435 
TRP OXT  O  N N 436 
TRP H    H  N N 437 
TRP H2   H  N N 438 
TRP HA   H  N N 439 
TRP HB2  H  N N 440 
TRP HB3  H  N N 441 
TRP HD1  H  N N 442 
TRP HE1  H  N N 443 
TRP HE3  H  N N 444 
TRP HZ2  H  N N 445 
TRP HZ3  H  N N 446 
TRP HH2  H  N N 447 
TRP HXT  H  N N 448 
TYR N    N  N N 449 
TYR CA   C  N S 450 
TYR C    C  N N 451 
TYR O    O  N N 452 
TYR CB   C  N N 453 
TYR CG   C  Y N 454 
TYR CD1  C  Y N 455 
TYR CD2  C  Y N 456 
TYR CE1  C  Y N 457 
TYR CE2  C  Y N 458 
TYR CZ   C  Y N 459 
TYR OH   O  N N 460 
TYR OXT  O  N N 461 
TYR H    H  N N 462 
TYR H2   H  N N 463 
TYR HA   H  N N 464 
TYR HB2  H  N N 465 
TYR HB3  H  N N 466 
TYR HD1  H  N N 467 
TYR HD2  H  N N 468 
TYR HE1  H  N N 469 
TYR HE2  H  N N 470 
TYR HH   H  N N 471 
TYR HXT  H  N N 472 
VAL N    N  N N 473 
VAL CA   C  N S 474 
VAL C    C  N N 475 
VAL O    O  N N 476 
VAL CB   C  N N 477 
VAL CG1  C  N N 478 
VAL CG2  C  N N 479 
VAL OXT  O  N N 480 
VAL H    H  N N 481 
VAL H2   H  N N 482 
VAL HA   H  N N 483 
VAL HB   H  N N 484 
VAL HG11 H  N N 485 
VAL HG12 H  N N 486 
VAL HG13 H  N N 487 
VAL HG21 H  N N 488 
VAL HG22 H  N N 489 
VAL HG23 H  N N 490 
VAL HXT  H  N N 491 
# 
loop_
_chem_comp_bond.comp_id 
_chem_comp_bond.atom_id_1 
_chem_comp_bond.atom_id_2 
_chem_comp_bond.value_order 
_chem_comp_bond.pdbx_aromatic_flag 
_chem_comp_bond.pdbx_stereo_config 
_chem_comp_bond.pdbx_ordinal 
0Q5 C12 C11  sing N N 1   
0Q5 C11 C10  sing N N 2   
0Q5 C10 C9   sing N N 3   
0Q5 C17 C16  doub Y N 4   
0Q5 C17 C18  sing Y N 5   
0Q5 C16 C15  sing Y N 6   
0Q5 C18 C13  doub Y N 7   
0Q5 C32 C31  doub Y N 8   
0Q5 C32 C33  sing Y N 9   
0Q5 C15 C14  doub Y N 10  
0Q5 C26 SI1  sing N N 11  
0Q5 C9  C8   sing N N 12  
0Q5 C31 C30  sing Y N 13  
0Q5 C13 C14  sing Y N 14  
0Q5 C13 N1   sing N N 15  
0Q5 C33 C34  doub Y N 16  
0Q5 C8  N1   sing Y N 17  
0Q5 C8  C6   doub Y N 18  
0Q5 N1  N    sing Y N 19  
0Q5 C30 C35  sing N N 20  
0Q5 C30 C29  doub Y N 21  
0Q5 C25 SI1  sing N N 22  
0Q5 C35 C36  sing N N 23  
0Q5 SI1 C24  sing N N 24  
0Q5 SI1 C22  sing N N 25  
0Q5 C34 C29  sing Y N 26  
0Q5 C4  C3   doub Y N 27  
0Q5 C4  C5   sing Y N 28  
0Q5 C6  C5   sing N N 29  
0Q5 C6  C7   sing Y N 30  
0Q5 N   C7   doub Y N 31  
0Q5 C29 C28  sing N N 32  
0Q5 C3  C2   sing Y N 33  
0Q5 C5  C    doub Y N 34  
0Q5 C7  C19  sing N N 35  
0Q5 C21 C22  sing N N 36  
0Q5 C21 S    sing N N 37  
0Q5 O   C19  sing N N 38  
0Q5 C36 N3   sing N N 39  
0Q5 C2  C20  sing N N 40  
0Q5 C2  C1   doub Y N 41  
0Q5 C   C1   sing Y N 42  
0Q5 C   C27  sing N N 43  
0Q5 C28 N3   sing N N 44  
0Q5 N3  C27  sing N N 45  
0Q5 N2  C20  sing N N 46  
0Q5 N2  S    sing N N 47  
0Q5 C20 O1   doub N N 48  
0Q5 C27 O4   doub N N 49  
0Q5 O2  S    doub N N 50  
0Q5 S   O3   doub N N 51  
0Q5 C36 H1   sing N N 52  
0Q5 C36 H2   sing N N 53  
0Q5 C35 H3   sing N N 54  
0Q5 C35 H4   sing N N 55  
0Q5 C31 H5   sing N N 56  
0Q5 C32 H6   sing N N 57  
0Q5 C33 H7   sing N N 58  
0Q5 C34 H8   sing N N 59  
0Q5 C28 H9   sing N N 60  
0Q5 C28 H10  sing N N 61  
0Q5 C9  H11  sing N N 62  
0Q5 C9  H12  sing N N 63  
0Q5 C10 H13  sing N N 64  
0Q5 C10 H14  sing N N 65  
0Q5 C11 H15  sing N N 66  
0Q5 C11 H16  sing N N 67  
0Q5 C12 H17  sing N N 68  
0Q5 C12 H18  sing N N 69  
0Q5 C12 H19  sing N N 70  
0Q5 C18 H20  sing N N 71  
0Q5 C17 H21  sing N N 72  
0Q5 C16 H22  sing N N 73  
0Q5 C15 H23  sing N N 74  
0Q5 C14 H24  sing N N 75  
0Q5 C19 H25  sing N N 76  
0Q5 C19 H26  sing N N 77  
0Q5 O   H27  sing N N 78  
0Q5 C4  H28  sing N N 79  
0Q5 C3  H29  sing N N 80  
0Q5 C1  H30  sing N N 81  
0Q5 N2  H31  sing N N 82  
0Q5 C21 H32  sing N N 83  
0Q5 C21 H33  sing N N 84  
0Q5 C22 H34  sing N N 85  
0Q5 C22 H35  sing N N 86  
0Q5 C26 H36  sing N N 87  
0Q5 C26 H37  sing N N 88  
0Q5 C26 H38  sing N N 89  
0Q5 C25 H39  sing N N 90  
0Q5 C25 H40  sing N N 91  
0Q5 C25 H41  sing N N 92  
0Q5 C24 H42  sing N N 93  
0Q5 C24 H43  sing N N 94  
0Q5 C24 H44  sing N N 95  
ALA N   CA   sing N N 96  
ALA N   H    sing N N 97  
ALA N   H2   sing N N 98  
ALA CA  C    sing N N 99  
ALA CA  CB   sing N N 100 
ALA CA  HA   sing N N 101 
ALA C   O    doub N N 102 
ALA C   OXT  sing N N 103 
ALA CB  HB1  sing N N 104 
ALA CB  HB2  sing N N 105 
ALA CB  HB3  sing N N 106 
ALA OXT HXT  sing N N 107 
ARG N   CA   sing N N 108 
ARG N   H    sing N N 109 
ARG N   H2   sing N N 110 
ARG CA  C    sing N N 111 
ARG CA  CB   sing N N 112 
ARG CA  HA   sing N N 113 
ARG C   O    doub N N 114 
ARG C   OXT  sing N N 115 
ARG CB  CG   sing N N 116 
ARG CB  HB2  sing N N 117 
ARG CB  HB3  sing N N 118 
ARG CG  CD   sing N N 119 
ARG CG  HG2  sing N N 120 
ARG CG  HG3  sing N N 121 
ARG CD  NE   sing N N 122 
ARG CD  HD2  sing N N 123 
ARG CD  HD3  sing N N 124 
ARG NE  CZ   sing N N 125 
ARG NE  HE   sing N N 126 
ARG CZ  NH1  sing N N 127 
ARG CZ  NH2  doub N N 128 
ARG NH1 HH11 sing N N 129 
ARG NH1 HH12 sing N N 130 
ARG NH2 HH21 sing N N 131 
ARG NH2 HH22 sing N N 132 
ARG OXT HXT  sing N N 133 
ASN N   CA   sing N N 134 
ASN N   H    sing N N 135 
ASN N   H2   sing N N 136 
ASN CA  C    sing N N 137 
ASN CA  CB   sing N N 138 
ASN CA  HA   sing N N 139 
ASN C   O    doub N N 140 
ASN C   OXT  sing N N 141 
ASN CB  CG   sing N N 142 
ASN CB  HB2  sing N N 143 
ASN CB  HB3  sing N N 144 
ASN CG  OD1  doub N N 145 
ASN CG  ND2  sing N N 146 
ASN ND2 HD21 sing N N 147 
ASN ND2 HD22 sing N N 148 
ASN OXT HXT  sing N N 149 
ASP N   CA   sing N N 150 
ASP N   H    sing N N 151 
ASP N   H2   sing N N 152 
ASP CA  C    sing N N 153 
ASP CA  CB   sing N N 154 
ASP CA  HA   sing N N 155 
ASP C   O    doub N N 156 
ASP C   OXT  sing N N 157 
ASP CB  CG   sing N N 158 
ASP CB  HB2  sing N N 159 
ASP CB  HB3  sing N N 160 
ASP CG  OD1  doub N N 161 
ASP CG  OD2  sing N N 162 
ASP OD2 HD2  sing N N 163 
ASP OXT HXT  sing N N 164 
CYS N   CA   sing N N 165 
CYS N   H    sing N N 166 
CYS N   H2   sing N N 167 
CYS CA  C    sing N N 168 
CYS CA  CB   sing N N 169 
CYS CA  HA   sing N N 170 
CYS C   O    doub N N 171 
CYS C   OXT  sing N N 172 
CYS CB  SG   sing N N 173 
CYS CB  HB2  sing N N 174 
CYS CB  HB3  sing N N 175 
CYS SG  HG   sing N N 176 
CYS OXT HXT  sing N N 177 
GLN N   CA   sing N N 178 
GLN N   H    sing N N 179 
GLN N   H2   sing N N 180 
GLN CA  C    sing N N 181 
GLN CA  CB   sing N N 182 
GLN CA  HA   sing N N 183 
GLN C   O    doub N N 184 
GLN C   OXT  sing N N 185 
GLN CB  CG   sing N N 186 
GLN CB  HB2  sing N N 187 
GLN CB  HB3  sing N N 188 
GLN CG  CD   sing N N 189 
GLN CG  HG2  sing N N 190 
GLN CG  HG3  sing N N 191 
GLN CD  OE1  doub N N 192 
GLN CD  NE2  sing N N 193 
GLN NE2 HE21 sing N N 194 
GLN NE2 HE22 sing N N 195 
GLN OXT HXT  sing N N 196 
GLU N   CA   sing N N 197 
GLU N   H    sing N N 198 
GLU N   H2   sing N N 199 
GLU CA  C    sing N N 200 
GLU CA  CB   sing N N 201 
GLU CA  HA   sing N N 202 
GLU C   O    doub N N 203 
GLU C   OXT  sing N N 204 
GLU CB  CG   sing N N 205 
GLU CB  HB2  sing N N 206 
GLU CB  HB3  sing N N 207 
GLU CG  CD   sing N N 208 
GLU CG  HG2  sing N N 209 
GLU CG  HG3  sing N N 210 
GLU CD  OE1  doub N N 211 
GLU CD  OE2  sing N N 212 
GLU OE2 HE2  sing N N 213 
GLU OXT HXT  sing N N 214 
GLY N   CA   sing N N 215 
GLY N   H    sing N N 216 
GLY N   H2   sing N N 217 
GLY CA  C    sing N N 218 
GLY CA  HA2  sing N N 219 
GLY CA  HA3  sing N N 220 
GLY C   O    doub N N 221 
GLY C   OXT  sing N N 222 
GLY OXT HXT  sing N N 223 
HIS N   CA   sing N N 224 
HIS N   H    sing N N 225 
HIS N   H2   sing N N 226 
HIS CA  C    sing N N 227 
HIS CA  CB   sing N N 228 
HIS CA  HA   sing N N 229 
HIS C   O    doub N N 230 
HIS C   OXT  sing N N 231 
HIS CB  CG   sing N N 232 
HIS CB  HB2  sing N N 233 
HIS CB  HB3  sing N N 234 
HIS CG  ND1  sing Y N 235 
HIS CG  CD2  doub Y N 236 
HIS ND1 CE1  doub Y N 237 
HIS ND1 HD1  sing N N 238 
HIS CD2 NE2  sing Y N 239 
HIS CD2 HD2  sing N N 240 
HIS CE1 NE2  sing Y N 241 
HIS CE1 HE1  sing N N 242 
HIS NE2 HE2  sing N N 243 
HIS OXT HXT  sing N N 244 
HOH O   H1   sing N N 245 
HOH O   H2   sing N N 246 
ILE N   CA   sing N N 247 
ILE N   H    sing N N 248 
ILE N   H2   sing N N 249 
ILE CA  C    sing N N 250 
ILE CA  CB   sing N N 251 
ILE CA  HA   sing N N 252 
ILE C   O    doub N N 253 
ILE C   OXT  sing N N 254 
ILE CB  CG1  sing N N 255 
ILE CB  CG2  sing N N 256 
ILE CB  HB   sing N N 257 
ILE CG1 CD1  sing N N 258 
ILE CG1 HG12 sing N N 259 
ILE CG1 HG13 sing N N 260 
ILE CG2 HG21 sing N N 261 
ILE CG2 HG22 sing N N 262 
ILE CG2 HG23 sing N N 263 
ILE CD1 HD11 sing N N 264 
ILE CD1 HD12 sing N N 265 
ILE CD1 HD13 sing N N 266 
ILE OXT HXT  sing N N 267 
IMD N1  C2   sing Y N 268 
IMD N1  C5   sing Y N 269 
IMD N1  HN1  sing N N 270 
IMD C2  N3   doub Y N 271 
IMD C2  H2   sing N N 272 
IMD N3  C4   sing Y N 273 
IMD N3  HN3  sing N N 274 
IMD C4  C5   doub Y N 275 
IMD C4  H4   sing N N 276 
IMD C5  H5   sing N N 277 
LEU N   CA   sing N N 278 
LEU N   H    sing N N 279 
LEU N   H2   sing N N 280 
LEU CA  C    sing N N 281 
LEU CA  CB   sing N N 282 
LEU CA  HA   sing N N 283 
LEU C   O    doub N N 284 
LEU C   OXT  sing N N 285 
LEU CB  CG   sing N N 286 
LEU CB  HB2  sing N N 287 
LEU CB  HB3  sing N N 288 
LEU CG  CD1  sing N N 289 
LEU CG  CD2  sing N N 290 
LEU CG  HG   sing N N 291 
LEU CD1 HD11 sing N N 292 
LEU CD1 HD12 sing N N 293 
LEU CD1 HD13 sing N N 294 
LEU CD2 HD21 sing N N 295 
LEU CD2 HD22 sing N N 296 
LEU CD2 HD23 sing N N 297 
LEU OXT HXT  sing N N 298 
LYS N   CA   sing N N 299 
LYS N   H    sing N N 300 
LYS N   H2   sing N N 301 
LYS CA  C    sing N N 302 
LYS CA  CB   sing N N 303 
LYS CA  HA   sing N N 304 
LYS C   O    doub N N 305 
LYS C   OXT  sing N N 306 
LYS CB  CG   sing N N 307 
LYS CB  HB2  sing N N 308 
LYS CB  HB3  sing N N 309 
LYS CG  CD   sing N N 310 
LYS CG  HG2  sing N N 311 
LYS CG  HG3  sing N N 312 
LYS CD  CE   sing N N 313 
LYS CD  HD2  sing N N 314 
LYS CD  HD3  sing N N 315 
LYS CE  NZ   sing N N 316 
LYS CE  HE2  sing N N 317 
LYS CE  HE3  sing N N 318 
LYS NZ  HZ1  sing N N 319 
LYS NZ  HZ2  sing N N 320 
LYS NZ  HZ3  sing N N 321 
LYS OXT HXT  sing N N 322 
MET N   CA   sing N N 323 
MET N   H    sing N N 324 
MET N   H2   sing N N 325 
MET CA  C    sing N N 326 
MET CA  CB   sing N N 327 
MET CA  HA   sing N N 328 
MET C   O    doub N N 329 
MET C   OXT  sing N N 330 
MET CB  CG   sing N N 331 
MET CB  HB2  sing N N 332 
MET CB  HB3  sing N N 333 
MET CG  SD   sing N N 334 
MET CG  HG2  sing N N 335 
MET CG  HG3  sing N N 336 
MET SD  CE   sing N N 337 
MET CE  HE1  sing N N 338 
MET CE  HE2  sing N N 339 
MET CE  HE3  sing N N 340 
MET OXT HXT  sing N N 341 
PHE N   CA   sing N N 342 
PHE N   H    sing N N 343 
PHE N   H2   sing N N 344 
PHE CA  C    sing N N 345 
PHE CA  CB   sing N N 346 
PHE CA  HA   sing N N 347 
PHE C   O    doub N N 348 
PHE C   OXT  sing N N 349 
PHE CB  CG   sing N N 350 
PHE CB  HB2  sing N N 351 
PHE CB  HB3  sing N N 352 
PHE CG  CD1  doub Y N 353 
PHE CG  CD2  sing Y N 354 
PHE CD1 CE1  sing Y N 355 
PHE CD1 HD1  sing N N 356 
PHE CD2 CE2  doub Y N 357 
PHE CD2 HD2  sing N N 358 
PHE CE1 CZ   doub Y N 359 
PHE CE1 HE1  sing N N 360 
PHE CE2 CZ   sing Y N 361 
PHE CE2 HE2  sing N N 362 
PHE CZ  HZ   sing N N 363 
PHE OXT HXT  sing N N 364 
PRO N   CA   sing N N 365 
PRO N   CD   sing N N 366 
PRO N   H    sing N N 367 
PRO CA  C    sing N N 368 
PRO CA  CB   sing N N 369 
PRO CA  HA   sing N N 370 
PRO C   O    doub N N 371 
PRO C   OXT  sing N N 372 
PRO CB  CG   sing N N 373 
PRO CB  HB2  sing N N 374 
PRO CB  HB3  sing N N 375 
PRO CG  CD   sing N N 376 
PRO CG  HG2  sing N N 377 
PRO CG  HG3  sing N N 378 
PRO CD  HD2  sing N N 379 
PRO CD  HD3  sing N N 380 
PRO OXT HXT  sing N N 381 
SER N   CA   sing N N 382 
SER N   H    sing N N 383 
SER N   H2   sing N N 384 
SER CA  C    sing N N 385 
SER CA  CB   sing N N 386 
SER CA  HA   sing N N 387 
SER C   O    doub N N 388 
SER C   OXT  sing N N 389 
SER CB  OG   sing N N 390 
SER CB  HB2  sing N N 391 
SER CB  HB3  sing N N 392 
SER OG  HG   sing N N 393 
SER OXT HXT  sing N N 394 
THR N   CA   sing N N 395 
THR N   H    sing N N 396 
THR N   H2   sing N N 397 
THR CA  C    sing N N 398 
THR CA  CB   sing N N 399 
THR CA  HA   sing N N 400 
THR C   O    doub N N 401 
THR C   OXT  sing N N 402 
THR CB  OG1  sing N N 403 
THR CB  CG2  sing N N 404 
THR CB  HB   sing N N 405 
THR OG1 HG1  sing N N 406 
THR CG2 HG21 sing N N 407 
THR CG2 HG22 sing N N 408 
THR CG2 HG23 sing N N 409 
THR OXT HXT  sing N N 410 
TRP N   CA   sing N N 411 
TRP N   H    sing N N 412 
TRP N   H2   sing N N 413 
TRP CA  C    sing N N 414 
TRP CA  CB   sing N N 415 
TRP CA  HA   sing N N 416 
TRP C   O    doub N N 417 
TRP C   OXT  sing N N 418 
TRP CB  CG   sing N N 419 
TRP CB  HB2  sing N N 420 
TRP CB  HB3  sing N N 421 
TRP CG  CD1  doub Y N 422 
TRP CG  CD2  sing Y N 423 
TRP CD1 NE1  sing Y N 424 
TRP CD1 HD1  sing N N 425 
TRP CD2 CE2  doub Y N 426 
TRP CD2 CE3  sing Y N 427 
TRP NE1 CE2  sing Y N 428 
TRP NE1 HE1  sing N N 429 
TRP CE2 CZ2  sing Y N 430 
TRP CE3 CZ3  doub Y N 431 
TRP CE3 HE3  sing N N 432 
TRP CZ2 CH2  doub Y N 433 
TRP CZ2 HZ2  sing N N 434 
TRP CZ3 CH2  sing Y N 435 
TRP CZ3 HZ3  sing N N 436 
TRP CH2 HH2  sing N N 437 
TRP OXT HXT  sing N N 438 
TYR N   CA   sing N N 439 
TYR N   H    sing N N 440 
TYR N   H2   sing N N 441 
TYR CA  C    sing N N 442 
TYR CA  CB   sing N N 443 
TYR CA  HA   sing N N 444 
TYR C   O    doub N N 445 
TYR C   OXT  sing N N 446 
TYR CB  CG   sing N N 447 
TYR CB  HB2  sing N N 448 
TYR CB  HB3  sing N N 449 
TYR CG  CD1  doub Y N 450 
TYR CG  CD2  sing Y N 451 
TYR CD1 CE1  sing Y N 452 
TYR CD1 HD1  sing N N 453 
TYR CD2 CE2  doub Y N 454 
TYR CD2 HD2  sing N N 455 
TYR CE1 CZ   doub Y N 456 
TYR CE1 HE1  sing N N 457 
TYR CE2 CZ   sing Y N 458 
TYR CE2 HE2  sing N N 459 
TYR CZ  OH   sing N N 460 
TYR OH  HH   sing N N 461 
TYR OXT HXT  sing N N 462 
VAL N   CA   sing N N 463 
VAL N   H    sing N N 464 
VAL N   H2   sing N N 465 
VAL CA  C    sing N N 466 
VAL CA  CB   sing N N 467 
VAL CA  HA   sing N N 468 
VAL C   O    doub N N 469 
VAL C   OXT  sing N N 470 
VAL CB  CG1  sing N N 471 
VAL CB  CG2  sing N N 472 
VAL CB  HB   sing N N 473 
VAL CG1 HG11 sing N N 474 
VAL CG1 HG12 sing N N 475 
VAL CG1 HG13 sing N N 476 
VAL CG2 HG21 sing N N 477 
VAL CG2 HG22 sing N N 478 
VAL CG2 HG23 sing N N 479 
VAL OXT HXT  sing N N 480 
# 
_atom_sites.entry_id                    4EHR 
_atom_sites.fract_transf_matrix[1][1]   -0.00464024 
_atom_sites.fract_transf_matrix[1][2]   -0.00521319 
_atom_sites.fract_transf_matrix[1][3]   -0.00685407 
_atom_sites.fract_transf_matrix[2][1]   -0.00801683 
_atom_sites.fract_transf_matrix[2][2]   0.00545797 
_atom_sites.fract_transf_matrix[2][3]   0.00127612 
_atom_sites.fract_transf_matrix[3][1]   0.00920250 
_atom_sites.fract_transf_matrix[3][2]   0.01821233 
_atom_sites.fract_transf_matrix[3][3]   -0.02008238 
_atom_sites.fract_transf_vector[1]      0.145642 
_atom_sites.fract_transf_vector[2]      0.336688 
_atom_sites.fract_transf_vector[3]      -0.127059 
# 
loop_
_atom_type.symbol 
C  
N  
O  
S  
SI 
# 
loop_
_atom_site.group_PDB 
_atom_site.id 
_atom_site.type_symbol 
_atom_site.label_atom_id 
_atom_site.label_alt_id 
_atom_site.label_comp_id 
_atom_site.label_asym_id 
_atom_site.label_entity_id 
_atom_site.label_seq_id 
_atom_site.pdbx_PDB_ins_code 
_atom_site.Cartn_x 
_atom_site.Cartn_y 
_atom_site.Cartn_z 
_atom_site.occupancy 
_atom_site.B_iso_or_equiv 
_atom_site.pdbx_formal_charge 
_atom_site.auth_seq_id 
_atom_site.auth_comp_id 
_atom_site.auth_asym_id 
_atom_site.auth_atom_id 
_atom_site.pdbx_PDB_model_num 
ATOM   1    N  N   . SER A 1 5   ? -14.263 0.479   12.031  1.00 74.67  ? 2   SER A N   1 
ATOM   2    C  CA  . SER A 1 5   ? -14.018 -0.011  10.681  1.00 74.07  ? 2   SER A CA  1 
ATOM   3    C  C   . SER A 1 5   ? -14.340 1.066   9.632   1.00 76.63  ? 2   SER A C   1 
ATOM   4    O  O   . SER A 1 5   ? -15.398 1.045   8.992   1.00 76.21  ? 2   SER A O   1 
ATOM   5    C  CB  . SER A 1 5   ? -14.783 -1.310  10.420  1.00 78.28  ? 2   SER A CB  1 
ATOM   6    O  OG  . SER A 1 5   ? -14.589 -1.785  9.095   1.00 87.33  ? 2   SER A OG  1 
ATOM   7    N  N   . GLN A 1 6   ? -13.401 2.007   9.464   1.00 71.71  ? 3   GLN A N   1 
ATOM   8    C  CA  . GLN A 1 6   ? -13.491 3.094   8.492   1.00 70.50  ? 3   GLN A CA  1 
ATOM   9    C  C   . GLN A 1 6   ? -13.346 2.559   7.062   1.00 71.79  ? 3   GLN A C   1 
ATOM   10   O  O   . GLN A 1 6   ? -12.848 1.445   6.872   1.00 71.55  ? 3   GLN A O   1 
ATOM   11   C  CB  . GLN A 1 6   ? -12.386 4.111   8.770   1.00 71.92  ? 3   GLN A CB  1 
ATOM   12   C  CG  . GLN A 1 6   ? -12.862 5.547   8.660   1.00 84.68  ? 3   GLN A CG  1 
ATOM   13   C  CD  . GLN A 1 6   ? -12.180 6.444   9.660   1.00 99.71  ? 3   GLN A CD  1 
ATOM   14   O  OE1 . GLN A 1 6   ? -11.700 6.007   10.720  1.00 95.20  ? 3   GLN A OE1 1 
ATOM   15   N  NE2 . GLN A 1 6   ? -12.153 7.730   9.359   1.00 89.38  ? 3   GLN A NE2 1 
ATOM   16   N  N   . SER A 1 7   ? -13.782 3.352   6.057   1.00 66.09  ? 4   SER A N   1 
ATOM   17   C  CA  . SER A 1 7   ? -13.684 3.002   4.632   1.00 64.46  ? 4   SER A CA  1 
ATOM   18   C  C   . SER A 1 7   ? -12.205 2.850   4.216   1.00 63.40  ? 4   SER A C   1 
ATOM   19   O  O   . SER A 1 7   ? -11.877 1.941   3.440   1.00 62.76  ? 4   SER A O   1 
ATOM   20   C  CB  . SER A 1 7   ? -14.369 4.058   3.769   1.00 68.38  ? 4   SER A CB  1 
ATOM   21   O  OG  . SER A 1 7   ? -14.062 3.888   2.394   1.00 77.48  ? 4   SER A OG  1 
ATOM   22   N  N   . ASN A 1 8   ? -11.323 3.723   4.748   1.00 54.88  ? 5   ASN A N   1 
ATOM   23   C  CA  . ASN A 1 8   ? -9.900  3.663   4.458   1.00 54.27  ? 5   ASN A CA  1 
ATOM   24   C  C   . ASN A 1 8   ? -9.291  2.354   4.966   1.00 58.84  ? 5   ASN A C   1 
ATOM   25   O  O   . ASN A 1 8   ? -8.550  1.700   4.224   1.00 59.48  ? 5   ASN A O   1 
ATOM   26   C  CB  . ASN A 1 8   ? -9.178  4.888   5.002   1.00 52.72  ? 5   ASN A CB  1 
ATOM   27   C  CG  . ASN A 1 8   ? -9.261  6.101   4.105   1.00 65.29  ? 5   ASN A CG  1 
ATOM   28   O  OD1 . ASN A 1 8   ? -9.020  7.227   4.537   1.00 61.64  ? 5   ASN A OD1 1 
ATOM   29   N  ND2 . ASN A 1 8   ? -9.570  5.910   2.829   1.00 55.58  ? 5   ASN A ND2 1 
ATOM   30   N  N   . ARG A 1 9   ? -9.698  1.922   6.182   1.00 53.39  ? 6   ARG A N   1 
ATOM   31   C  CA  . ARG A 1 9   ? -9.274  0.672   6.803   1.00 52.75  ? 6   ARG A CA  1 
ATOM   32   C  C   . ARG A 1 9   ? -9.668  -0.524  5.913   1.00 54.02  ? 6   ARG A C   1 
ATOM   33   O  O   . ARG A 1 9   ? -8.836  -1.399  5.694   1.00 52.49  ? 6   ARG A O   1 
ATOM   34   C  CB  . ARG A 1 9   ? -9.903  0.550   8.202   1.00 54.53  ? 6   ARG A CB  1 
ATOM   35   C  CG  . ARG A 1 9   ? -9.292  -0.509  9.110   1.00 67.73  ? 6   ARG A CG  1 
ATOM   36   C  CD  . ARG A 1 9   ? -10.117 -0.725  10.376  1.00 85.92  ? 6   ARG A CD  1 
ATOM   37   N  NE  . ARG A 1 9   ? -10.377 0.517   11.119  1.00 102.80 ? 6   ARG A NE  1 
ATOM   38   C  CZ  . ARG A 1 9   ? -9.585  1.020   12.064  1.00 121.09 ? 6   ARG A CZ  1 
ATOM   39   N  NH1 . ARG A 1 9   ? -8.461  0.397   12.402  1.00 112.01 ? 6   ARG A NH1 1 
ATOM   40   N  NH2 . ARG A 1 9   ? -9.909  2.151   12.677  1.00 105.95 ? 6   ARG A NH2 1 
ATOM   41   N  N   . GLU A 1 10  ? -10.912 -0.532  5.379   1.00 49.70  ? 7   GLU A N   1 
ATOM   42   C  CA  . GLU A 1 10  ? -11.459 -1.596  4.512   1.00 50.01  ? 7   GLU A CA  1 
ATOM   43   C  C   . GLU A 1 10  ? -10.728 -1.724  3.163   1.00 50.28  ? 7   GLU A C   1 
ATOM   44   O  O   . GLU A 1 10  ? -10.599 -2.829  2.620   1.00 47.38  ? 7   GLU A O   1 
ATOM   45   C  CB  . GLU A 1 10  ? -12.957 -1.371  4.263   1.00 51.96  ? 7   GLU A CB  1 
ATOM   46   C  CG  . GLU A 1 10  ? -13.835 -1.832  5.418   1.00 66.98  ? 7   GLU A CG  1 
ATOM   47   C  CD  . GLU A 1 10  ? -15.293 -1.409  5.348   1.00 101.61 ? 7   GLU A CD  1 
ATOM   48   O  OE1 . GLU A 1 10  ? -15.847 -1.017  6.403   1.00 93.81  ? 7   GLU A OE1 1 
ATOM   49   O  OE2 . GLU A 1 10  ? -15.884 -1.474  4.244   1.00 100.22 ? 7   GLU A OE2 1 
ATOM   50   N  N   . LEU A 1 11  ? -10.254 -0.579  2.648   1.00 44.93  ? 8   LEU A N   1 
ATOM   51   C  CA  . LEU A 1 11  ? -9.515  -0.453  1.407   1.00 44.39  ? 8   LEU A CA  1 
ATOM   52   C  C   . LEU A 1 11  ? -8.118  -1.026  1.569   1.00 43.88  ? 8   LEU A C   1 
ATOM   53   O  O   . LEU A 1 11  ? -7.681  -1.790  0.718   1.00 41.88  ? 8   LEU A O   1 
ATOM   54   C  CB  . LEU A 1 11  ? -9.413  1.027   1.045   1.00 45.06  ? 8   LEU A CB  1 
ATOM   55   C  CG  . LEU A 1 11  ? -9.807  1.374   -0.345  1.00 51.04  ? 8   LEU A CG  1 
ATOM   56   C  CD1 . LEU A 1 11  ? -11.327 1.445   -0.475  1.00 51.96  ? 8   LEU A CD1 1 
ATOM   57   C  CD2 . LEU A 1 11  ? -9.203  2.683   -0.724  1.00 54.07  ? 8   LEU A CD2 1 
ATOM   58   N  N   . VAL A 1 12  ? -7.423  -0.645  2.666   1.00 37.26  ? 9   VAL A N   1 
ATOM   59   C  CA  . VAL A 1 12  ? -6.087  -1.104  2.985   1.00 35.94  ? 9   VAL A CA  1 
ATOM   60   C  C   . VAL A 1 12  ? -6.124  -2.631  3.118   1.00 40.62  ? 9   VAL A C   1 
ATOM   61   O  O   . VAL A 1 12  ? -5.344  -3.312  2.444   1.00 39.35  ? 9   VAL A O   1 
ATOM   62   C  CB  . VAL A 1 12  ? -5.577  -0.376  4.260   1.00 38.57  ? 9   VAL A CB  1 
ATOM   63   C  CG1 . VAL A 1 12  ? -4.366  -1.089  4.881   1.00 37.89  ? 9   VAL A CG1 1 
ATOM   64   C  CG2 . VAL A 1 12  ? -5.256  1.099   3.957   1.00 37.05  ? 9   VAL A CG2 1 
ATOM   65   N  N   . VAL A 1 13  ? -7.086  -3.164  3.930   1.00 36.49  ? 10  VAL A N   1 
ATOM   66   C  CA  . VAL A 1 13  ? -7.294  -4.602  4.178   1.00 35.76  ? 10  VAL A CA  1 
ATOM   67   C  C   . VAL A 1 13  ? -7.587  -5.376  2.863   1.00 34.49  ? 10  VAL A C   1 
ATOM   68   O  O   . VAL A 1 13  ? -6.993  -6.420  2.642   1.00 33.47  ? 10  VAL A O   1 
ATOM   69   C  CB  . VAL A 1 13  ? -8.382  -4.839  5.279   1.00 40.38  ? 10  VAL A CB  1 
ATOM   70   C  CG1 . VAL A 1 13  ? -8.815  -6.288  5.336   1.00 39.77  ? 10  VAL A CG1 1 
ATOM   71   C  CG2 . VAL A 1 13  ? -7.877  -4.396  6.646   1.00 40.97  ? 10  VAL A CG2 1 
ATOM   72   N  N   . ASP A 1 14  ? -8.487  -4.887  2.014   1.00 30.59  ? 11  ASP A N   1 
ATOM   73   C  CA  . ASP A 1 14  ? -8.737  -5.548  0.708   1.00 31.26  ? 11  ASP A CA  1 
ATOM   74   C  C   . ASP A 1 14  ? -7.428  -5.578  -0.118  1.00 31.93  ? 11  ASP A C   1 
ATOM   75   O  O   . ASP A 1 14  ? -7.051  -6.643  -0.607  1.00 30.73  ? 11  ASP A O   1 
ATOM   76   C  CB  . ASP A 1 14  ? -9.817  -4.849  -0.115  1.00 33.96  ? 11  ASP A CB  1 
ATOM   77   C  CG  . ASP A 1 14  ? -10.099 -5.582  -1.434  1.00 54.13  ? 11  ASP A CG  1 
ATOM   78   O  OD1 . ASP A 1 14  ? -10.918 -6.530  -1.424  1.00 56.80  ? 11  ASP A OD1 1 
ATOM   79   O  OD2 . ASP A 1 14  ? -9.450  -5.243  -2.466  1.00 54.95  ? 11  ASP A OD2 1 
ATOM   80   N  N   . PHE A 1 15  ? -6.702  -4.441  -0.197  1.00 29.12  ? 12  PHE A N   1 
ATOM   81   C  CA  . PHE A 1 15  ? -5.432  -4.376  -0.954  1.00 29.04  ? 12  PHE A CA  1 
ATOM   82   C  C   . PHE A 1 15  ? -4.366  -5.373  -0.411  1.00 34.14  ? 12  PHE A C   1 
ATOM   83   O  O   . PHE A 1 15  ? -3.809  -6.158  -1.161  1.00 33.25  ? 12  PHE A O   1 
ATOM   84   C  CB  . PHE A 1 15  ? -4.846  -2.944  -0.947  1.00 29.92  ? 12  PHE A CB  1 
ATOM   85   C  CG  . PHE A 1 15  ? -3.727  -2.843  -1.960  1.00 29.93  ? 12  PHE A CG  1 
ATOM   86   C  CD1 . PHE A 1 15  ? -4.005  -2.613  -3.304  1.00 31.35  ? 12  PHE A CD1 1 
ATOM   87   C  CD2 . PHE A 1 15  ? -2.407  -3.109  -1.590  1.00 30.48  ? 12  PHE A CD2 1 
ATOM   88   C  CE1 . PHE A 1 15  ? -2.976  -2.565  -4.246  1.00 32.24  ? 12  PHE A CE1 1 
ATOM   89   C  CE2 . PHE A 1 15  ? -1.378  -3.081  -2.534  1.00 33.13  ? 12  PHE A CE2 1 
ATOM   90   C  CZ  . PHE A 1 15  ? -1.665  -2.799  -3.852  1.00 31.57  ? 12  PHE A CZ  1 
ATOM   91   N  N   . LEU A 1 16  ? -4.068  -5.297  0.897   1.00 31.52  ? 13  LEU A N   1 
ATOM   92   C  CA  . LEU A 1 16  ? -3.078  -6.150  1.550   1.00 30.65  ? 13  LEU A CA  1 
ATOM   93   C  C   . LEU A 1 16  ? -3.468  -7.626  1.480   1.00 33.75  ? 13  LEU A C   1 
ATOM   94   O  O   . LEU A 1 16  ? -2.614  -8.483  1.218   1.00 32.59  ? 13  LEU A O   1 
ATOM   95   C  CB  . LEU A 1 16  ? -2.879  -5.694  3.008   1.00 30.14  ? 13  LEU A CB  1 
ATOM   96   C  CG  . LEU A 1 16  ? -2.340  -4.278  3.237   1.00 33.98  ? 13  LEU A CG  1 
ATOM   97   C  CD1 . LEU A 1 16  ? -2.022  -4.062  4.688   1.00 34.57  ? 13  LEU A CD1 1 
ATOM   98   C  CD2 . LEU A 1 16  ? -1.028  -4.029  2.466   1.00 36.53  ? 13  LEU A CD2 1 
ATOM   99   N  N   . SER A 1 17  ? -4.757  -7.929  1.683   1.00 30.37  ? 14  SER A N   1 
ATOM   100  C  CA  . SER A 1 17  ? -5.219  -9.328  1.619   1.00 31.83  ? 14  SER A CA  1 
ATOM   101  C  C   . SER A 1 17  ? -5.039  -9.872  0.182   1.00 34.77  ? 14  SER A C   1 
ATOM   102  O  O   . SER A 1 17  ? -4.608  -11.016 -0.010  1.00 32.66  ? 14  SER A O   1 
ATOM   103  C  CB  . SER A 1 17  ? -6.687  -9.418  2.037   1.00 35.49  ? 14  SER A CB  1 
ATOM   104  O  OG  . SER A 1 17  ? -7.275  -10.597 1.514   1.00 46.01  ? 14  SER A OG  1 
ATOM   105  N  N   . TYR A 1 18  ? -5.339  -9.027  -0.822  1.00 32.11  ? 15  TYR A N   1 
ATOM   106  C  CA  . TYR A 1 18  ? -5.175  -9.394  -2.244  1.00 32.02  ? 15  TYR A CA  1 
ATOM   107  C  C   . TYR A 1 18  ? -3.709  -9.653  -2.530  1.00 31.39  ? 15  TYR A C   1 
ATOM   108  O  O   . TYR A 1 18  ? -3.369  -10.670 -3.115  1.00 29.39  ? 15  TYR A O   1 
ATOM   109  C  CB  . TYR A 1 18  ? -5.695  -8.255  -3.155  1.00 33.34  ? 15  TYR A CB  1 
ATOM   110  C  CG  . TYR A 1 18  ? -5.343  -8.423  -4.625  1.00 36.82  ? 15  TYR A CG  1 
ATOM   111  C  CD1 . TYR A 1 18  ? -5.961  -9.399  -5.408  1.00 38.64  ? 15  TYR A CD1 1 
ATOM   112  C  CD2 . TYR A 1 18  ? -4.377  -7.619  -5.227  1.00 37.42  ? 15  TYR A CD2 1 
ATOM   113  C  CE1 . TYR A 1 18  ? -5.645  -9.546  -6.763  1.00 39.76  ? 15  TYR A CE1 1 
ATOM   114  C  CE2 . TYR A 1 18  ? -4.065  -7.747  -6.580  1.00 37.38  ? 15  TYR A CE2 1 
ATOM   115  C  CZ  . TYR A 1 18  ? -4.704  -8.707  -7.344  1.00 45.24  ? 15  TYR A CZ  1 
ATOM   116  O  OH  . TYR A 1 18  ? -4.375  -8.832  -8.675  1.00 41.30  ? 15  TYR A OH  1 
ATOM   117  N  N   . LYS A 1 19  ? -2.838  -8.731  -2.092  1.00 27.67  ? 16  LYS A N   1 
ATOM   118  C  CA  . LYS A 1 19  ? -1.416  -8.802  -2.353  1.00 26.91  ? 16  LYS A CA  1 
ATOM   119  C  C   . LYS A 1 19  ? -0.790  -10.026 -1.720  1.00 31.26  ? 16  LYS A C   1 
ATOM   120  O  O   . LYS A 1 19  ? 0.068   -10.669 -2.320  1.00 29.41  ? 16  LYS A O   1 
ATOM   121  C  CB  . LYS A 1 19  ? -0.708  -7.529  -1.850  1.00 29.48  ? 16  LYS A CB  1 
ATOM   122  C  CG  . LYS A 1 19  ? 0.466   -7.141  -2.751  1.00 44.39  ? 16  LYS A CG  1 
ATOM   123  C  CD  . LYS A 1 19  ? 0.002   -6.315  -3.961  1.00 43.14  ? 16  LYS A CD  1 
ATOM   124  C  CE  . LYS A 1 19  ? -0.012  -7.103  -5.219  1.00 47.26  ? 16  LYS A CE  1 
ATOM   125  N  NZ  . LYS A 1 19  ? 0.393   -6.319  -6.411  1.00 39.02  ? 16  LYS A NZ  1 
ATOM   126  N  N   . LEU A 1 20  ? -1.153  -10.306 -0.469  1.00 26.65  ? 17  LEU A N   1 
ATOM   127  C  CA  . LEU A 1 20  ? -0.642  -11.518 0.205   1.00 25.95  ? 17  LEU A CA  1 
ATOM   128  C  C   . LEU A 1 20  ? -1.121  -12.741 -0.513  1.00 24.74  ? 17  LEU A C   1 
ATOM   129  O  O   . LEU A 1 20  ? -0.304  -13.596 -0.814  1.00 25.42  ? 17  LEU A O   1 
ATOM   130  C  CB  . LEU A 1 20  ? -1.061  -11.546 1.682   1.00 26.44  ? 17  LEU A CB  1 
ATOM   131  C  CG  . LEU A 1 20  ? -0.241  -10.600 2.568   1.00 31.64  ? 17  LEU A CG  1 
ATOM   132  C  CD1 . LEU A 1 20  ? -0.996  -10.258 3.832   1.00 33.26  ? 17  LEU A CD1 1 
ATOM   133  C  CD2 . LEU A 1 20  ? 1.138   -11.204 2.882   1.00 30.65  ? 17  LEU A CD2 1 
ATOM   134  N  N   . SER A 1 21  ? -2.388  -12.813 -0.893  1.00 24.71  ? 18  SER A N   1 
ATOM   135  C  CA  . SER A 1 21  ? -2.790  -14.019 -1.655  1.00 26.68  ? 18  SER A CA  1 
ATOM   136  C  C   . SER A 1 21  ? -2.105  -14.152 -2.989  1.00 32.30  ? 18  SER A C   1 
ATOM   137  O  O   . SER A 1 21  ? -1.833  -15.265 -3.418  1.00 30.83  ? 18  SER A O   1 
ATOM   138  C  CB  . SER A 1 21  ? -4.294  -14.088 -1.852  1.00 31.50  ? 18  SER A CB  1 
ATOM   139  O  OG  . SER A 1 21  ? -4.739  -12.926 -2.526  1.00 53.95  ? 18  SER A OG  1 
ATOM   140  N  N   . GLN A 1 22  ? -1.812  -13.008 -3.668  1.00 29.04  ? 19  GLN A N   1 
ATOM   141  C  CA  . GLN A 1 22  ? -1.174  -13.054 -4.991  1.00 26.96  ? 19  GLN A CA  1 
ATOM   142  C  C   . GLN A 1 22  ? 0.232   -13.659 -4.824  1.00 29.76  ? 19  GLN A C   1 
ATOM   143  O  O   . GLN A 1 22  ? 0.689   -14.438 -5.638  1.00 28.12  ? 19  GLN A O   1 
ATOM   144  C  CB  . GLN A 1 22  ? -1.073  -11.612 -5.528  1.00 27.66  ? 19  GLN A CB  1 
ATOM   145  C  CG  . GLN A 1 22  ? -0.457  -11.532 -6.917  1.00 29.13  ? 19  GLN A CG  1 
ATOM   146  C  CD  . GLN A 1 22  ? -0.373  -10.103 -7.299  1.00 29.51  ? 19  GLN A CD  1 
ATOM   147  O  OE1 . GLN A 1 22  ? 0.486   -9.350  -6.778  1.00 24.31  ? 19  GLN A OE1 1 
ATOM   148  N  NE2 . GLN A 1 22  ? -1.344  -9.665  -8.076  1.00 25.74  ? 19  GLN A NE2 1 
ATOM   149  N  N   . LYS A 1 23  ? 0.851   -13.369 -3.689  1.00 26.54  ? 20  LYS A N   1 
ATOM   150  C  CA  . LYS A 1 23  ? 2.174   -13.853 -3.351  1.00 27.76  ? 20  LYS A CA  1 
ATOM   151  C  C   . LYS A 1 23  ? 2.210   -15.226 -2.622  1.00 33.85  ? 20  LYS A C   1 
ATOM   152  O  O   . LYS A 1 23  ? 3.250   -15.635 -2.126  1.00 34.32  ? 20  LYS A O   1 
ATOM   153  C  CB  . LYS A 1 23  ? 2.975   -12.732 -2.646  1.00 29.39  ? 20  LYS A CB  1 
ATOM   154  C  CG  . LYS A 1 23  ? 2.902   -11.400 -3.433  1.00 41.89  ? 20  LYS A CG  1 
ATOM   155  C  CD  . LYS A 1 23  ? 4.003   -11.195 -4.422  1.00 52.45  ? 20  LYS A CD  1 
ATOM   156  C  CE  . LYS A 1 23  ? 4.128   -9.741  -4.854  1.00 37.35  ? 20  LYS A CE  1 
ATOM   157  N  NZ  . LYS A 1 23  ? 3.288   -9.411  -6.042  1.00 31.97  ? 20  LYS A NZ  1 
ATOM   158  N  N   . GLY A 1 24  ? 1.130   -15.982 -2.703  1.00 30.27  ? 21  GLY A N   1 
ATOM   159  C  CA  . GLY A 1 24  ? 1.134   -17.325 -2.138  1.00 30.18  ? 21  GLY A CA  1 
ATOM   160  C  C   . GLY A 1 24  ? 0.611   -17.516 -0.743  1.00 35.50  ? 21  GLY A C   1 
ATOM   161  O  O   . GLY A 1 24  ? 0.594   -18.652 -0.287  1.00 35.51  ? 21  GLY A O   1 
ATOM   162  N  N   . TYR A 1 25  ? 0.146   -16.440 -0.071  1.00 33.69  ? 22  TYR A N   1 
ATOM   163  C  CA  . TYR A 1 25  ? -0.378  -16.531 1.294   1.00 35.43  ? 22  TYR A CA  1 
ATOM   164  C  C   . TYR A 1 25  ? -1.887  -16.420 1.332   1.00 48.28  ? 22  TYR A C   1 
ATOM   165  O  O   . TYR A 1 25  ? -2.437  -15.335 1.120   1.00 48.37  ? 22  TYR A O   1 
ATOM   166  C  CB  . TYR A 1 25  ? 0.339   -15.569 2.255   1.00 36.18  ? 22  TYR A CB  1 
ATOM   167  C  CG  . TYR A 1 25  ? 1.850   -15.712 2.223   1.00 36.43  ? 22  TYR A CG  1 
ATOM   168  C  CD1 . TYR A 1 25  ? 2.469   -16.878 2.666   1.00 38.27  ? 22  TYR A CD1 1 
ATOM   169  C  CD2 . TYR A 1 25  ? 2.655   -14.715 1.672   1.00 36.17  ? 22  TYR A CD2 1 
ATOM   170  C  CE1 . TYR A 1 25  ? 3.857   -17.023 2.625   1.00 38.93  ? 22  TYR A CE1 1 
ATOM   171  C  CE2 . TYR A 1 25  ? 4.045   -14.832 1.661   1.00 35.94  ? 22  TYR A CE2 1 
ATOM   172  C  CZ  . TYR A 1 25  ? 4.640   -15.986 2.138   1.00 46.08  ? 22  TYR A CZ  1 
ATOM   173  O  OH  . TYR A 1 25  ? 6.005   -16.114 2.099   1.00 52.88  ? 22  TYR A OH  1 
ATOM   174  N  N   . SER A 1 26  ? -2.541  -17.586 1.599   1.00 50.99  ? 23  SER A N   1 
ATOM   175  C  CA  . SER A 1 26  ? -3.972  -17.969 1.599   1.00 51.37  ? 23  SER A CA  1 
ATOM   176  C  C   . SER A 1 26  ? -4.976  -17.125 2.360   1.00 57.36  ? 23  SER A C   1 
ATOM   177  O  O   . SER A 1 26  ? -6.078  -16.922 1.855   1.00 59.34  ? 23  SER A O   1 
ATOM   178  C  CB  . SER A 1 26  ? -4.121  -19.435 2.002   1.00 55.11  ? 23  SER A CB  1 
ATOM   179  O  OG  . SER A 1 26  ? -4.994  -20.159 1.155   1.00 63.69  ? 23  SER A OG  1 
ATOM   180  N  N   . TRP A 1 27  ? -4.639  -16.687 3.577   1.00 54.28  ? 24  TRP A N   1 
ATOM   181  C  CA  . TRP A 1 27  ? -5.514  -15.886 4.471   1.00 54.08  ? 24  TRP A CA  1 
ATOM   182  C  C   . TRP A 1 27  ? -4.588  -14.808 5.132   1.00 56.39  ? 24  TRP A C   1 
ATOM   183  O  O   . TRP A 1 27  ? -3.428  -14.869 4.747   1.00 53.79  ? 24  TRP A O   1 
ATOM   184  C  CB  . TRP A 1 27  ? -6.241  -16.823 5.486   1.00 52.69  ? 24  TRP A CB  1 
ATOM   185  C  CG  . TRP A 1 27  ? -5.472  -18.066 5.868   1.00 53.18  ? 24  TRP A CG  1 
ATOM   186  C  CD1 . TRP A 1 27  ? -5.708  -19.345 5.445   1.00 56.03  ? 24  TRP A CD1 1 
ATOM   187  C  CD2 . TRP A 1 27  ? -4.339  -18.138 6.747   1.00 52.61  ? 24  TRP A CD2 1 
ATOM   188  N  NE1 . TRP A 1 27  ? -4.777  -20.204 5.991   1.00 54.63  ? 24  TRP A NE1 1 
ATOM   189  C  CE2 . TRP A 1 27  ? -3.929  -19.490 6.797   1.00 55.73  ? 24  TRP A CE2 1 
ATOM   190  C  CE3 . TRP A 1 27  ? -3.619  -17.187 7.494   1.00 53.18  ? 24  TRP A CE3 1 
ATOM   191  C  CZ2 . TRP A 1 27  ? -2.832  -19.911 7.562   1.00 54.46  ? 24  TRP A CZ2 1 
ATOM   192  C  CZ3 . TRP A 1 27  ? -2.507  -17.605 8.204   1.00 53.61  ? 24  TRP A CZ3 1 
ATOM   193  C  CH2 . TRP A 1 27  ? -2.119  -18.950 8.221   1.00 53.98  ? 24  TRP A CH2 1 
ATOM   194  N  N   . SER A 1 28  ? -4.994  -13.740 5.930   1.00 55.78  ? 25  SER A N   1 
ATOM   195  C  CA  . SER A 1 28  ? -6.135  -13.272 6.779   1.00 57.37  ? 25  SER A CA  1 
ATOM   196  C  C   . SER A 1 28  ? -5.853  -13.646 8.266   1.00 64.08  ? 25  SER A C   1 
ATOM   197  O  O   . SER A 1 28  ? -5.329  -14.741 8.461   1.00 64.91  ? 25  SER A O   1 
ATOM   198  C  CB  . SER A 1 28  ? -7.501  -13.791 6.318   1.00 61.56  ? 25  SER A CB  1 
ATOM   199  O  OG  . SER A 1 28  ? -8.436  -13.944 7.378   1.00 64.27  ? 25  SER A OG  1 
ATOM   200  N  N   . GLN A 1 29  ? -6.060  -12.788 9.334   1.00 61.32  ? 26  GLN A N   1 
ATOM   201  C  CA  . GLN A 1 29  ? -6.757  -11.517 9.612   1.00 52.54  ? 26  GLN A CA  1 
ATOM   202  C  C   . GLN A 1 29  ? -7.631  -10.879 8.534   1.00 103.47 ? 26  GLN A C   1 
ATOM   203  O  O   . GLN A 1 29  ? -8.803  -10.586 8.794   1.00 68.81  ? 26  GLN A O   1 
ATOM   204  C  CB  . GLN A 1 29  ? -5.901  -10.496 10.381  1.00 52.91  ? 26  GLN A CB  1 
ATOM   205  N  N   . SER A 1 46  ? -15.998 0.602   -2.102  1.00 53.07  ? 83  SER A N   1 
ATOM   206  C  CA  . SER A 1 46  ? -16.727 -0.098  -3.165  1.00 52.78  ? 83  SER A CA  1 
ATOM   207  C  C   . SER A 1 46  ? -15.877 -1.192  -3.772  1.00 54.37  ? 83  SER A C   1 
ATOM   208  O  O   . SER A 1 46  ? -14.655 -1.128  -3.692  1.00 52.96  ? 83  SER A O   1 
ATOM   209  C  CB  . SER A 1 46  ? -17.132 0.874   -4.271  1.00 57.16  ? 83  SER A CB  1 
ATOM   210  O  OG  . SER A 1 46  ? -17.725 0.193   -5.369  1.00 67.73  ? 83  SER A OG  1 
ATOM   211  N  N   . GLU A 1 47  ? -16.531 -2.172  -4.423  1.00 50.55  ? 84  GLU A N   1 
ATOM   212  C  CA  . GLU A 1 47  ? -15.843 -3.265  -5.110  1.00 49.59  ? 84  GLU A CA  1 
ATOM   213  C  C   . GLU A 1 47  ? -15.115 -2.693  -6.341  1.00 49.43  ? 84  GLU A C   1 
ATOM   214  O  O   . GLU A 1 47  ? -14.030 -3.152  -6.688  1.00 47.93  ? 84  GLU A O   1 
ATOM   215  C  CB  . GLU A 1 47  ? -16.835 -4.373  -5.519  1.00 51.05  ? 84  GLU A CB  1 
ATOM   216  N  N   . ALA A 1 48  ? -15.712 -1.670  -6.976  1.00 43.80  ? 85  ALA A N   1 
ATOM   217  C  CA  . ALA A 1 48  ? -15.146 -0.995  -8.144  1.00 41.75  ? 85  ALA A CA  1 
ATOM   218  C  C   . ALA A 1 48  ? -13.880 -0.251  -7.709  1.00 39.82  ? 85  ALA A C   1 
ATOM   219  O  O   . ALA A 1 48  ? -12.863 -0.349  -8.385  1.00 37.75  ? 85  ALA A O   1 
ATOM   220  C  CB  . ALA A 1 48  ? -16.161 -0.031  -8.748  1.00 42.57  ? 85  ALA A CB  1 
ATOM   221  N  N   . VAL A 1 49  ? -13.921 0.427   -6.557  1.00 36.55  ? 86  VAL A N   1 
ATOM   222  C  CA  . VAL A 1 49  ? -12.737 1.118   -6.027  1.00 36.50  ? 86  VAL A CA  1 
ATOM   223  C  C   . VAL A 1 49  ? -11.629 0.086   -5.736  1.00 40.34  ? 86  VAL A C   1 
ATOM   224  O  O   . VAL A 1 49  ? -10.495 0.241   -6.192  1.00 38.86  ? 86  VAL A O   1 
ATOM   225  C  CB  . VAL A 1 49  ? -13.069 1.959   -4.772  1.00 41.27  ? 86  VAL A CB  1 
ATOM   226  C  CG1 . VAL A 1 49  ? -11.788 2.479   -4.111  1.00 41.62  ? 86  VAL A CG1 1 
ATOM   227  C  CG2 . VAL A 1 49  ? -14.007 3.114   -5.117  1.00 40.95  ? 86  VAL A CG2 1 
ATOM   228  N  N   . LYS A 1 50  ? -11.986 -0.972  -4.991  1.00 37.68  ? 87  LYS A N   1 
ATOM   229  C  CA  . LYS A 1 50  ? -11.076 -2.057  -4.608  1.00 37.32  ? 87  LYS A CA  1 
ATOM   230  C  C   . LYS A 1 50  ? -10.462 -2.739  -5.828  1.00 36.89  ? 87  LYS A C   1 
ATOM   231  O  O   . LYS A 1 50  ? -9.242  -2.847  -5.878  1.00 36.83  ? 87  LYS A O   1 
ATOM   232  C  CB  . LYS A 1 50  ? -11.763 -3.055  -3.661  1.00 39.39  ? 87  LYS A CB  1 
ATOM   233  C  CG  . LYS A 1 50  ? -11.847 -2.524  -2.224  1.00 51.09  ? 87  LYS A CG  1 
ATOM   234  C  CD  . LYS A 1 50  ? -12.951 -3.184  -1.397  1.00 62.63  ? 87  LYS A CD  1 
ATOM   235  C  CE  . LYS A 1 50  ? -12.926 -2.679  0.033   1.00 74.46  ? 87  LYS A CE  1 
ATOM   236  N  NZ  . LYS A 1 50  ? -14.292 -2.492  0.596   1.00 84.57  ? 87  LYS A NZ  1 
ATOM   237  N  N   . GLN A 1 51  ? -11.279 -3.163  -6.821  1.00 31.15  ? 88  GLN A N   1 
ATOM   238  C  CA  . GLN A 1 51  ? -10.759 -3.780  -8.044  1.00 31.63  ? 88  GLN A CA  1 
ATOM   239  C  C   . GLN A 1 51  ? -9.784  -2.807  -8.764  1.00 36.18  ? 88  GLN A C   1 
ATOM   240  O  O   . GLN A 1 51  ? -8.725  -3.229  -9.210  1.00 36.40  ? 88  GLN A O   1 
ATOM   241  C  CB  . GLN A 1 51  ? -11.902 -4.210  -9.000  1.00 33.46  ? 88  GLN A CB  1 
ATOM   242  N  N   . ALA A 1 52  ? -10.127 -1.523  -8.852  1.00 34.52  ? 89  ALA A N   1 
ATOM   243  C  CA  . ALA A 1 52  ? -9.250  -0.522  -9.508  1.00 34.81  ? 89  ALA A CA  1 
ATOM   244  C  C   . ALA A 1 52  ? -7.881  -0.432  -8.842  1.00 37.86  ? 89  ALA A C   1 
ATOM   245  O  O   . ALA A 1 52  ? -6.866  -0.351  -9.534  1.00 37.37  ? 89  ALA A O   1 
ATOM   246  C  CB  . ALA A 1 52  ? -9.905  0.843   -9.507  1.00 35.48  ? 89  ALA A CB  1 
ATOM   247  N  N   . LEU A 1 53  ? -7.863  -0.440  -7.494  1.00 34.06  ? 90  LEU A N   1 
ATOM   248  C  CA  . LEU A 1 53  ? -6.652  -0.330  -6.706  1.00 33.78  ? 90  LEU A CA  1 
ATOM   249  C  C   . LEU A 1 53  ? -5.819  -1.568  -6.860  1.00 35.49  ? 90  LEU A C   1 
ATOM   250  O  O   . LEU A 1 53  ? -4.602  -1.455  -7.011  1.00 34.23  ? 90  LEU A O   1 
ATOM   251  C  CB  . LEU A 1 53  ? -7.018  -0.059  -5.249  1.00 34.65  ? 90  LEU A CB  1 
ATOM   252  C  CG  . LEU A 1 53  ? -5.980  0.617   -4.376  1.00 40.64  ? 90  LEU A CG  1 
ATOM   253  C  CD1 . LEU A 1 53  ? -5.285  1.777   -5.094  1.00 41.17  ? 90  LEU A CD1 1 
ATOM   254  C  CD2 . LEU A 1 53  ? -6.631  1.140   -3.120  1.00 44.42  ? 90  LEU A CD2 1 
ATOM   255  N  N   . ARG A 1 54  ? -6.475  -2.760  -6.893  1.00 31.31  ? 91  ARG A N   1 
ATOM   256  C  CA  . ARG A 1 54  ? -5.796  -4.047  -7.103  1.00 30.93  ? 91  ARG A CA  1 
ATOM   257  C  C   . ARG A 1 54  ? -5.056  -3.999  -8.461  1.00 34.90  ? 91  ARG A C   1 
ATOM   258  O  O   . ARG A 1 54  ? -3.869  -4.300  -8.519  1.00 34.17  ? 91  ARG A O   1 
ATOM   259  C  CB  . ARG A 1 54  ? -6.814  -5.195  -7.129  1.00 28.55  ? 91  ARG A CB  1 
ATOM   260  C  CG  . ARG A 1 54  ? -7.368  -5.575  -5.755  1.00 39.13  ? 91  ARG A CG  1 
ATOM   261  C  CD  . ARG A 1 54  ? -8.420  -6.663  -5.912  1.00 44.65  ? 91  ARG A CD  1 
ATOM   262  N  NE  . ARG A 1 54  ? -8.939  -7.059  -4.607  1.00 60.47  ? 91  ARG A NE  1 
ATOM   263  C  CZ  . ARG A 1 54  ? -9.483  -8.242  -4.340  1.00 74.64  ? 91  ARG A CZ  1 
ATOM   264  N  NH1 . ARG A 1 54  ? -9.623  -9.147  -5.300  1.00 55.89  ? 91  ARG A NH1 1 
ATOM   265  N  NH2 . ARG A 1 54  ? -9.884  -8.533  -3.110  1.00 65.32  ? 91  ARG A NH2 1 
ATOM   266  N  N   . GLU A 1 55  ? -5.758  -3.585  -9.533  1.00 32.02  ? 92  GLU A N   1 
ATOM   267  C  CA  . GLU A 1 55  ? -5.170  -3.509  -10.878 1.00 32.74  ? 92  GLU A CA  1 
ATOM   268  C  C   . GLU A 1 55  ? -4.078  -2.459  -10.963 1.00 34.40  ? 92  GLU A C   1 
ATOM   269  O  O   . GLU A 1 55  ? -3.035  -2.749  -11.531 1.00 33.59  ? 92  GLU A O   1 
ATOM   270  C  CB  . GLU A 1 55  ? -6.229  -3.221  -11.955 1.00 34.63  ? 92  GLU A CB  1 
ATOM   271  C  CG  . GLU A 1 55  ? -7.192  -4.369  -12.237 1.00 46.60  ? 92  GLU A CG  1 
ATOM   272  C  CD  . GLU A 1 55  ? -8.590  -3.949  -12.673 1.00 65.57  ? 92  GLU A CD  1 
ATOM   273  O  OE1 . GLU A 1 55  ? -8.822  -2.741  -12.914 1.00 58.80  ? 92  GLU A OE1 1 
ATOM   274  O  OE2 . GLU A 1 55  ? -9.467  -4.838  -12.746 1.00 60.35  ? 92  GLU A OE2 1 
ATOM   275  N  N   . ALA A 1 56  ? -4.320  -1.236  -10.426 1.00 30.70  ? 93  ALA A N   1 
ATOM   276  C  CA  . ALA A 1 56  ? -3.298  -0.161  -10.488 1.00 30.17  ? 93  ALA A CA  1 
ATOM   277  C  C   . ALA A 1 56  ? -2.023  -0.630  -9.747  1.00 29.84  ? 93  ALA A C   1 
ATOM   278  O  O   . ALA A 1 56  ? -0.935  -0.461  -10.243 1.00 27.36  ? 93  ALA A O   1 
ATOM   279  C  CB  . ALA A 1 56  ? -3.842  1.143   -9.887  1.00 30.74  ? 93  ALA A CB  1 
ATOM   280  N  N   . GLY A 1 57  ? -2.189  -1.308  -8.619  1.00 27.27  ? 94  GLY A N   1 
ATOM   281  C  CA  . GLY A 1 57  ? -1.074  -1.829  -7.839  1.00 25.82  ? 94  GLY A CA  1 
ATOM   282  C  C   . GLY A 1 57  ? -0.286  -2.875  -8.596  1.00 27.71  ? 94  GLY A C   1 
ATOM   283  O  O   . GLY A 1 57  ? 0.950   -2.875  -8.550  1.00 26.81  ? 94  GLY A O   1 
ATOM   284  N  N   . ASP A 1 58  ? -1.002  -3.763  -9.323  1.00 24.26  ? 95  ASP A N   1 
ATOM   285  C  CA  . ASP A 1 58  ? -0.365  -4.777  -10.160 1.00 23.71  ? 95  ASP A CA  1 
ATOM   286  C  C   . ASP A 1 58  ? 0.442   -4.081  -11.282 1.00 26.82  ? 95  ASP A C   1 
ATOM   287  O  O   . ASP A 1 58  ? 1.604   -4.392  -11.472 1.00 25.10  ? 95  ASP A O   1 
ATOM   288  C  CB  . ASP A 1 58  ? -1.418  -5.709  -10.768 1.00 25.43  ? 95  ASP A CB  1 
ATOM   289  C  CG  . ASP A 1 58  ? -1.952  -6.716  -9.778  1.00 35.25  ? 95  ASP A CG  1 
ATOM   290  O  OD1 . ASP A 1 58  ? -1.389  -6.800  -8.635  1.00 31.97  ? 95  ASP A OD1 1 
ATOM   291  O  OD2 . ASP A 1 58  ? -2.921  -7.423  -10.123 1.00 39.81  ? 95  ASP A OD2 1 
ATOM   292  N  N   . GLU A 1 59  ? -0.165  -3.103  -11.957 1.00 25.71  ? 96  GLU A N   1 
ATOM   293  C  CA  . GLU A 1 59  ? 0.484   -2.329  -13.038 1.00 26.31  ? 96  GLU A CA  1 
ATOM   294  C  C   . GLU A 1 59  ? 1.714   -1.588  -12.544 1.00 28.85  ? 96  GLU A C   1 
ATOM   295  O  O   . GLU A 1 59  ? 2.740   -1.649  -13.199 1.00 29.37  ? 96  GLU A O   1 
ATOM   296  C  CB  . GLU A 1 59  ? -0.537  -1.354  -13.675 1.00 27.30  ? 96  GLU A CB  1 
ATOM   297  N  N   . PHE A 1 60  ? 1.648   -0.963  -11.355 1.00 26.48  ? 97  PHE A N   1 
ATOM   298  C  CA  . PHE A 1 60  ? 2.791   -0.245  -10.770 1.00 25.28  ? 97  PHE A CA  1 
ATOM   299  C  C   . PHE A 1 60  ? 3.945   -1.188  -10.511 1.00 29.23  ? 97  PHE A C   1 
ATOM   300  O  O   . PHE A 1 60  ? 5.081   -0.904  -10.857 1.00 27.93  ? 97  PHE A O   1 
ATOM   301  C  CB  . PHE A 1 60  ? 2.391   0.459   -9.457  1.00 27.45  ? 97  PHE A CB  1 
ATOM   302  C  CG  . PHE A 1 60  ? 3.500   1.339   -8.917  1.00 30.56  ? 97  PHE A CG  1 
ATOM   303  C  CD1 . PHE A 1 60  ? 3.703   2.623   -9.423  1.00 33.69  ? 97  PHE A CD1 1 
ATOM   304  C  CD2 . PHE A 1 60  ? 4.377   0.867   -7.946  1.00 32.64  ? 97  PHE A CD2 1 
ATOM   305  C  CE1 . PHE A 1 60  ? 4.750   3.419   -8.943  1.00 35.23  ? 97  PHE A CE1 1 
ATOM   306  C  CE2 . PHE A 1 60  ? 5.417   1.668   -7.466  1.00 35.76  ? 97  PHE A CE2 1 
ATOM   307  C  CZ  . PHE A 1 60  ? 5.599   2.935   -7.967  1.00 33.60  ? 97  PHE A CZ  1 
ATOM   308  N  N   . GLU A 1 61  ? 3.653   -2.316  -9.880  1.00 28.43  ? 98  GLU A N   1 
ATOM   309  C  CA  . GLU A 1 61  ? 4.662   -3.309  -9.532  1.00 27.85  ? 98  GLU A CA  1 
ATOM   310  C  C   . GLU A 1 61  ? 5.295   -3.896  -10.801 1.00 28.32  ? 98  GLU A C   1 
ATOM   311  O  O   . GLU A 1 61  ? 6.494   -4.083  -10.856 1.00 28.65  ? 98  GLU A O   1 
ATOM   312  C  CB  . GLU A 1 61  ? 3.978   -4.408  -8.698  1.00 29.06  ? 98  GLU A CB  1 
ATOM   313  C  CG  . GLU A 1 61  ? 4.928   -5.388  -8.060  1.00 36.38  ? 98  GLU A CG  1 
ATOM   314  C  CD  . GLU A 1 61  ? 4.226   -6.318  -7.087  1.00 44.53  ? 98  GLU A CD  1 
ATOM   315  O  OE1 . GLU A 1 61  ? 3.065   -6.046  -6.705  1.00 31.46  ? 98  GLU A OE1 1 
ATOM   316  O  OE2 . GLU A 1 61  ? 4.861   -7.315  -6.689  1.00 39.18  ? 98  GLU A OE2 1 
ATOM   317  N  N   . LEU A 1 62  ? 4.499   -4.205  -11.805 1.00 24.07  ? 99  LEU A N   1 
ATOM   318  C  CA  . LEU A 1 62  ? 5.081   -4.747  -13.033 1.00 23.93  ? 99  LEU A CA  1 
ATOM   319  C  C   . LEU A 1 62  ? 5.910   -3.662  -13.773 1.00 28.53  ? 99  LEU A C   1 
ATOM   320  O  O   . LEU A 1 62  ? 6.967   -3.969  -14.335 1.00 29.64  ? 99  LEU A O   1 
ATOM   321  C  CB  . LEU A 1 62  ? 3.953   -5.219  -13.945 1.00 23.97  ? 99  LEU A CB  1 
ATOM   322  C  CG  . LEU A 1 62  ? 3.216   -6.507  -13.533 1.00 27.81  ? 99  LEU A CG  1 
ATOM   323  C  CD1 . LEU A 1 62  ? 1.868   -6.574  -14.247 1.00 26.55  ? 99  LEU A CD1 1 
ATOM   324  C  CD2 . LEU A 1 62  ? 4.048   -7.707  -13.845 1.00 28.97  ? 99  LEU A CD2 1 
ATOM   325  N  N   . ARG A 1 63  ? 5.437   -2.409  -13.763 1.00 24.19  ? 100 ARG A N   1 
ATOM   326  C  CA  . ARG A 1 63  ? 6.178   -1.298  -14.448 1.00 25.36  ? 100 ARG A CA  1 
ATOM   327  C  C   . ARG A 1 63  ? 7.584   -1.116  -13.885 1.00 29.90  ? 100 ARG A C   1 
ATOM   328  O  O   . ARG A 1 63  ? 8.541   -0.977  -14.646 1.00 28.29  ? 100 ARG A O   1 
ATOM   329  C  CB  . ARG A 1 63  ? 5.402   0.028   -14.289 1.00 24.37  ? 100 ARG A CB  1 
ATOM   330  C  CG  . ARG A 1 63  ? 6.163   1.222   -14.871 1.00 33.16  ? 100 ARG A CG  1 
ATOM   331  C  CD  . ARG A 1 63  ? 5.317   2.461   -14.937 1.00 40.23  ? 100 ARG A CD  1 
ATOM   332  N  NE  . ARG A 1 63  ? 4.284   2.346   -15.964 1.00 48.55  ? 100 ARG A NE  1 
ATOM   333  C  CZ  . ARG A 1 63  ? 3.506   3.342   -16.359 1.00 55.85  ? 100 ARG A CZ  1 
ATOM   334  N  NH1 . ARG A 1 63  ? 3.660   4.559   -15.845 1.00 41.28  ? 100 ARG A NH1 1 
ATOM   335  N  NH2 . ARG A 1 63  ? 2.574   3.135   -17.276 1.00 44.14  ? 100 ARG A NH2 1 
ATOM   336  N  N   . TYR A 1 64  ? 7.704   -1.137  -12.547 1.00 29.38  ? 101 TYR A N   1 
ATOM   337  C  CA  . TYR A 1 64  ? 8.969   -0.938  -11.822 1.00 29.62  ? 101 TYR A CA  1 
ATOM   338  C  C   . TYR A 1 64  ? 9.472   -2.198  -11.114 1.00 32.48  ? 101 TYR A C   1 
ATOM   339  O  O   . TYR A 1 64  ? 10.184  -2.107  -10.100 1.00 31.13  ? 101 TYR A O   1 
ATOM   340  C  CB  . TYR A 1 64  ? 8.831   0.214   -10.821 1.00 30.03  ? 101 TYR A CB  1 
ATOM   341  C  CG  . TYR A 1 64  ? 8.442   1.505   -11.505 1.00 33.82  ? 101 TYR A CG  1 
ATOM   342  C  CD1 . TYR A 1 64  ? 9.337   2.173   -12.338 1.00 36.63  ? 101 TYR A CD1 1 
ATOM   343  C  CD2 . TYR A 1 64  ? 7.177   2.056   -11.327 1.00 34.08  ? 101 TYR A CD2 1 
ATOM   344  C  CE1 . TYR A 1 64  ? 8.967   3.346   -13.000 1.00 38.42  ? 101 TYR A CE1 1 
ATOM   345  C  CE2 . TYR A 1 64  ? 6.814   3.259   -11.942 1.00 34.20  ? 101 TYR A CE2 1 
ATOM   346  C  CZ  . TYR A 1 64  ? 7.716   3.900   -12.772 1.00 40.89  ? 101 TYR A CZ  1 
ATOM   347  O  OH  . TYR A 1 64  ? 7.351   5.063   -13.379 1.00 35.50  ? 101 TYR A OH  1 
ATOM   348  N  N   . ARG A 1 65  ? 9.159   -3.361  -11.678 1.00 28.76  ? 102 ARG A N   1 
ATOM   349  C  CA  . ARG A 1 65  ? 9.524   -4.633  -11.060 1.00 29.74  ? 102 ARG A CA  1 
ATOM   350  C  C   . ARG A 1 65  ? 10.865  -4.714  -10.327 1.00 33.59  ? 102 ARG A C   1 
ATOM   351  O  O   . ARG A 1 65  ? 10.883  -4.841  -9.101  1.00 30.06  ? 102 ARG A O   1 
ATOM   352  C  CB  . ARG A 1 65  ? 9.292   -5.800  -12.000 1.00 31.04  ? 102 ARG A CB  1 
ATOM   353  C  CG  . ARG A 1 65  ? 8.956   -7.082  -11.263 1.00 42.55  ? 102 ARG A CG  1 
ATOM   354  C  CD  . ARG A 1 65  ? 10.049  -8.104  -11.361 1.00 45.48  ? 102 ARG A CD  1 
ATOM   355  N  NE  . ARG A 1 65  ? 10.450  -8.313  -12.746 1.00 37.90  ? 102 ARG A NE  1 
ATOM   356  C  CZ  . ARG A 1 65  ? 11.710  -8.327  -13.155 1.00 47.28  ? 102 ARG A CZ  1 
ATOM   357  N  NH1 . ARG A 1 65  ? 12.700  -8.190  -12.280 1.00 36.15  ? 102 ARG A NH1 1 
ATOM   358  N  NH2 . ARG A 1 65  ? 11.993  -8.476  -14.437 1.00 31.87  ? 102 ARG A NH2 1 
ATOM   359  N  N   . ARG A 1 66  ? 11.971  -4.613  -11.065 1.00 33.09  ? 103 ARG A N   1 
ATOM   360  C  CA  . ARG A 1 66  ? 13.329  -4.697  -10.537 1.00 32.83  ? 103 ARG A CA  1 
ATOM   361  C  C   . ARG A 1 66  ? 13.653  -3.642  -9.480  1.00 35.06  ? 103 ARG A C   1 
ATOM   362  O  O   . ARG A 1 66  ? 14.110  -3.998  -8.397  1.00 32.66  ? 103 ARG A O   1 
ATOM   363  C  CB  . ARG A 1 66  ? 14.355  -4.745  -11.705 1.00 37.23  ? 103 ARG A CB  1 
ATOM   364  C  CG  . ARG A 1 66  ? 15.745  -4.129  -11.450 1.00 52.81  ? 103 ARG A CG  1 
ATOM   365  C  CD  . ARG A 1 66  ? 16.721  -5.095  -10.827 1.00 57.47  ? 103 ARG A CD  1 
ATOM   366  N  N   . ALA A 1 67  ? 13.405  -2.365  -9.768  1.00 34.44  ? 104 ALA A N   1 
ATOM   367  C  CA  . ALA A 1 67  ? 13.698  -1.302  -8.811  1.00 35.32  ? 104 ALA A CA  1 
ATOM   368  C  C   . ALA A 1 67  ? 12.796  -1.420  -7.578  1.00 37.38  ? 104 ALA A C   1 
ATOM   369  O  O   . ALA A 1 67  ? 13.271  -1.209  -6.457  1.00 36.16  ? 104 ALA A O   1 
ATOM   370  C  CB  . ALA A 1 67  ? 13.517  0.058   -9.474  1.00 36.71  ? 104 ALA A CB  1 
ATOM   371  N  N   . PHE A 1 68  ? 11.503  -1.804  -7.779  1.00 33.76  ? 105 PHE A N   1 
ATOM   372  C  CA  . PHE A 1 68  ? 10.550  -1.998  -6.673  1.00 34.37  ? 105 PHE A CA  1 
ATOM   373  C  C   . PHE A 1 68  ? 11.016  -3.144  -5.779  1.00 38.39  ? 105 PHE A C   1 
ATOM   374  O  O   . PHE A 1 68  ? 11.019  -3.007  -4.559  1.00 38.81  ? 105 PHE A O   1 
ATOM   375  C  CB  . PHE A 1 68  ? 9.134   -2.286  -7.221  1.00 36.12  ? 105 PHE A CB  1 
ATOM   376  C  CG  . PHE A 1 68  ? 8.047   -2.418  -6.184  1.00 37.75  ? 105 PHE A CG  1 
ATOM   377  C  CD1 . PHE A 1 68  ? 7.540   -1.285  -5.532  1.00 40.04  ? 105 PHE A CD1 1 
ATOM   378  C  CD2 . PHE A 1 68  ? 7.493   -3.663  -5.886  1.00 37.39  ? 105 PHE A CD2 1 
ATOM   379  C  CE1 . PHE A 1 68  ? 6.521   -1.400  -4.582  1.00 39.73  ? 105 PHE A CE1 1 
ATOM   380  C  CE2 . PHE A 1 68  ? 6.460   -3.776  -4.951  1.00 41.19  ? 105 PHE A CE2 1 
ATOM   381  C  CZ  . PHE A 1 68  ? 5.974   -2.639  -4.314  1.00 40.06  ? 105 PHE A CZ  1 
ATOM   382  N  N   . SER A 1 69  ? 11.450  -4.253  -6.397  1.00 33.81  ? 106 SER A N   1 
ATOM   383  C  CA  . SER A 1 69  ? 11.909  -5.451  -5.682  1.00 33.24  ? 106 SER A CA  1 
ATOM   384  C  C   . SER A 1 69  ? 13.195  -5.149  -4.923  1.00 37.00  ? 106 SER A C   1 
ATOM   385  O  O   . SER A 1 69  ? 13.290  -5.488  -3.741  1.00 34.99  ? 106 SER A O   1 
ATOM   386  C  CB  . SER A 1 69  ? 12.062  -6.622  -6.644  1.00 36.35  ? 106 SER A CB  1 
ATOM   387  O  OG  . SER A 1 69  ? 11.729  -7.839  -6.001  1.00 51.72  ? 106 SER A OG  1 
ATOM   388  N  N   . ASP A 1 70  ? 14.121  -4.409  -5.551  1.00 33.90  ? 107 ASP A N   1 
ATOM   389  C  CA  . ASP A 1 70  ? 15.366  -3.968  -4.900  1.00 36.35  ? 107 ASP A CA  1 
ATOM   390  C  C   . ASP A 1 70  ? 15.106  -3.048  -3.700  1.00 39.07  ? 107 ASP A C   1 
ATOM   391  O  O   . ASP A 1 70  ? 15.730  -3.226  -2.659  1.00 36.77  ? 107 ASP A O   1 
ATOM   392  C  CB  . ASP A 1 70  ? 16.297  -3.250  -5.907  1.00 39.05  ? 107 ASP A CB  1 
ATOM   393  C  CG  . ASP A 1 70  ? 17.012  -4.206  -6.837  1.00 53.04  ? 107 ASP A CG  1 
ATOM   394  O  OD1 . ASP A 1 70  ? 16.845  -5.442  -6.663  1.00 53.79  ? 107 ASP A OD1 1 
ATOM   395  O  OD2 . ASP A 1 70  ? 17.729  -3.721  -7.756  1.00 62.30  ? 107 ASP A OD2 1 
ATOM   396  N  N   . LEU A 1 71  ? 14.195  -2.062  -3.858  1.00 36.80  ? 108 LEU A N   1 
ATOM   397  C  CA  . LEU A 1 71  ? 13.849  -1.148  -2.781  1.00 35.99  ? 108 LEU A CA  1 
ATOM   398  C  C   . LEU A 1 71  ? 13.392  -1.907  -1.532  1.00 40.21  ? 108 LEU A C   1 
ATOM   399  O  O   . LEU A 1 71  ? 13.937  -1.682  -0.451  1.00 40.20  ? 108 LEU A O   1 
ATOM   400  C  CB  . LEU A 1 71  ? 12.773  -0.147  -3.240  1.00 35.54  ? 108 LEU A CB  1 
ATOM   401  C  CG  . LEU A 1 71  ? 12.138  0.772   -2.160  1.00 39.70  ? 108 LEU A CG  1 
ATOM   402  C  CD1 . LEU A 1 71  ? 13.174  1.723   -1.548  1.00 40.98  ? 108 LEU A CD1 1 
ATOM   403  C  CD2 . LEU A 1 71  ? 11.082  1.617   -2.760  1.00 39.15  ? 108 LEU A CD2 1 
ATOM   404  N  N   . THR A 1 72  ? 12.399  -2.796  -1.678  1.00 36.76  ? 109 THR A N   1 
ATOM   405  C  CA  . THR A 1 72  ? 11.846  -3.534  -0.547  1.00 37.56  ? 109 THR A CA  1 
ATOM   406  C  C   . THR A 1 72  ? 12.817  -4.533  0.061   1.00 44.83  ? 109 THR A C   1 
ATOM   407  O  O   . THR A 1 72  ? 12.987  -4.538  1.288   1.00 44.35  ? 109 THR A O   1 
ATOM   408  C  CB  . THR A 1 72  ? 10.435  -4.054  -0.823  1.00 49.62  ? 109 THR A CB  1 
ATOM   409  O  OG1 . THR A 1 72  ? 10.465  -4.914  -1.956  1.00 52.80  ? 109 THR A OG1 1 
ATOM   410  C  CG2 . THR A 1 72  ? 9.451   -2.927  -1.092  1.00 49.26  ? 109 THR A CG2 1 
ATOM   411  N  N   . SER A 1 73  ? 13.510  -5.327  -0.781  1.00 41.54  ? 110 SER A N   1 
ATOM   412  C  CA  . SER A 1 73  ? 14.518  -6.295  -0.297  1.00 42.23  ? 110 SER A CA  1 
ATOM   413  C  C   . SER A 1 73  ? 15.685  -5.577  0.389   1.00 49.44  ? 110 SER A C   1 
ATOM   414  O  O   . SER A 1 73  ? 16.152  -6.053  1.417   1.00 49.92  ? 110 SER A O   1 
ATOM   415  C  CB  . SER A 1 73  ? 15.063  -7.137  -1.455  1.00 43.74  ? 110 SER A CB  1 
ATOM   416  O  OG  . SER A 1 73  ? 14.023  -7.835  -2.118  1.00 49.36  ? 110 SER A OG  1 
ATOM   417  N  N   . GLN A 1 74  ? 16.161  -4.436  -0.174  1.00 48.19  ? 111 GLN A N   1 
ATOM   418  C  CA  . GLN A 1 74  ? 17.305  -3.694  0.382   1.00 49.64  ? 111 GLN A CA  1 
ATOM   419  C  C   . GLN A 1 74  ? 17.077  -3.091  1.756   1.00 54.21  ? 111 GLN A C   1 
ATOM   420  O  O   . GLN A 1 74  ? 18.056  -2.774  2.428   1.00 53.94  ? 111 GLN A O   1 
ATOM   421  C  CB  . GLN A 1 74  ? 17.838  -2.621  -0.584  1.00 51.66  ? 111 GLN A CB  1 
ATOM   422  N  N   . LEU A 1 75  ? 15.801  -2.924  2.169   1.00 51.43  ? 112 LEU A N   1 
ATOM   423  C  CA  . LEU A 1 75  ? 15.423  -2.386  3.478   1.00 51.39  ? 112 LEU A CA  1 
ATOM   424  C  C   . LEU A 1 75  ? 15.796  -3.344  4.584   1.00 57.35  ? 112 LEU A C   1 
ATOM   425  O  O   . LEU A 1 75  ? 16.088  -2.882  5.686   1.00 58.00  ? 112 LEU A O   1 
ATOM   426  C  CB  . LEU A 1 75  ? 13.911  -2.098  3.577   1.00 50.74  ? 112 LEU A CB  1 
ATOM   427  C  CG  . LEU A 1 75  ? 13.290  -1.062  2.642   1.00 54.27  ? 112 LEU A CG  1 
ATOM   428  C  CD1 . LEU A 1 75  ? 11.789  -1.094  2.750   1.00 53.45  ? 112 LEU A CD1 1 
ATOM   429  C  CD2 . LEU A 1 75  ? 13.804  0.351   2.914   1.00 57.17  ? 112 LEU A CD2 1 
ATOM   430  N  N   . HIS A 1 76  ? 15.770  -4.670  4.307   1.00 55.60  ? 113 HIS A N   1 
ATOM   431  C  CA  . HIS A 1 76  ? 16.066  -5.745  5.274   1.00 57.13  ? 113 HIS A CA  1 
ATOM   432  C  C   . HIS A 1 76  ? 15.156  -5.640  6.502   1.00 61.53  ? 113 HIS A C   1 
ATOM   433  O  O   . HIS A 1 76  ? 15.635  -5.400  7.608   1.00 62.34  ? 113 HIS A O   1 
ATOM   434  C  CB  . HIS A 1 76  ? 17.564  -5.794  5.683   1.00 58.75  ? 113 HIS A CB  1 
ATOM   435  C  CG  . HIS A 1 76  ? 18.510  -6.122  4.565   1.00 63.20  ? 113 HIS A CG  1 
ATOM   436  N  ND1 . HIS A 1 76  ? 19.523  -5.247  4.193   1.00 65.70  ? 113 HIS A ND1 1 
ATOM   437  C  CD2 . HIS A 1 76  ? 18.587  -7.231  3.793   1.00 66.02  ? 113 HIS A CD2 1 
ATOM   438  C  CE1 . HIS A 1 76  ? 20.170  -5.844  3.204   1.00 65.56  ? 113 HIS A CE1 1 
ATOM   439  N  NE2 . HIS A 1 76  ? 19.641  -7.036  2.922   1.00 66.04  ? 113 HIS A NE2 1 
ATOM   440  N  N   . ILE A 1 77  ? 13.840  -5.774  6.278   1.00 57.98  ? 114 ILE A N   1 
ATOM   441  C  CA  . ILE A 1 77  ? 12.757  -5.700  7.273   1.00 57.74  ? 114 ILE A CA  1 
ATOM   442  C  C   . ILE A 1 77  ? 13.052  -6.460  8.569   1.00 60.21  ? 114 ILE A C   1 
ATOM   443  O  O   . ILE A 1 77  ? 13.528  -7.586  8.526   1.00 59.49  ? 114 ILE A O   1 
ATOM   444  C  CB  . ILE A 1 77  ? 11.400  -6.154  6.616   1.00 61.37  ? 114 ILE A CB  1 
ATOM   445  C  CG1 . ILE A 1 77  ? 10.806  -5.097  5.648   1.00 62.11  ? 114 ILE A CG1 1 
ATOM   446  C  CG2 . ILE A 1 77  ? 10.348  -6.677  7.606   1.00 62.58  ? 114 ILE A CG2 1 
ATOM   447  C  CD1 . ILE A 1 77  ? 10.543  -3.647  6.221   1.00 74.46  ? 114 ILE A CD1 1 
ATOM   448  N  N   . THR A 1 78  ? 12.810  -5.798  9.712   1.00 55.12  ? 115 THR A N   1 
ATOM   449  C  CA  . THR A 1 78  ? 12.849  -6.335  11.076  1.00 53.10  ? 115 THR A CA  1 
ATOM   450  C  C   . THR A 1 78  ? 11.710  -5.633  11.807  1.00 53.71  ? 115 THR A C   1 
ATOM   451  O  O   . THR A 1 78  ? 11.405  -4.475  11.465  1.00 52.34  ? 115 THR A O   1 
ATOM   452  C  CB  . THR A 1 78  ? 14.183  -6.089  11.821  1.00 61.13  ? 115 THR A CB  1 
ATOM   453  O  OG1 . THR A 1 78  ? 14.468  -4.691  11.923  1.00 60.70  ? 115 THR A OG1 1 
ATOM   454  C  CG2 . THR A 1 78  ? 15.363  -6.872  11.243  1.00 58.98  ? 115 THR A CG2 1 
ATOM   455  N  N   . PRO A 1 79  ? 11.096  -6.259  12.836  1.00 48.22  ? 116 PRO A N   1 
ATOM   456  C  CA  . PRO A 1 79  ? 10.016  -5.570  13.569  1.00 47.21  ? 116 PRO A CA  1 
ATOM   457  C  C   . PRO A 1 79  ? 10.400  -4.194  14.141  1.00 50.21  ? 116 PRO A C   1 
ATOM   458  O  O   . PRO A 1 79  ? 9.511   -3.371  14.346  1.00 50.08  ? 116 PRO A O   1 
ATOM   459  C  CB  . PRO A 1 79  ? 9.648   -6.568  14.671  1.00 48.36  ? 116 PRO A CB  1 
ATOM   460  C  CG  . PRO A 1 79  ? 10.054  -7.880  14.130  1.00 52.56  ? 116 PRO A CG  1 
ATOM   461  C  CD  . PRO A 1 79  ? 11.313  -7.619  13.368  1.00 48.52  ? 116 PRO A CD  1 
ATOM   462  N  N   . GLY A 1 80  ? 11.703  -3.937  14.315  1.00 45.14  ? 117 GLY A N   1 
ATOM   463  C  CA  . GLY A 1 80  ? 12.211  -2.678  14.846  1.00 44.26  ? 117 GLY A CA  1 
ATOM   464  C  C   . GLY A 1 80  ? 12.603  -1.630  13.816  1.00 48.69  ? 117 GLY A C   1 
ATOM   465  O  O   . GLY A 1 80  ? 12.683  -0.443  14.148  1.00 47.92  ? 117 GLY A O   1 
ATOM   466  N  N   . THR A 1 81  ? 12.845  -2.031  12.559  1.00 43.64  ? 118 THR A N   1 
ATOM   467  C  CA  . THR A 1 81  ? 13.244  -1.043  11.543  1.00 44.09  ? 118 THR A CA  1 
ATOM   468  C  C   . THR A 1 81  ? 12.131  -0.749  10.530  1.00 49.93  ? 118 THR A C   1 
ATOM   469  O  O   . THR A 1 81  ? 12.264  0.199   9.742   1.00 51.54  ? 118 THR A O   1 
ATOM   470  C  CB  . THR A 1 81  ? 14.491  -1.530  10.794  1.00 49.66  ? 118 THR A CB  1 
ATOM   471  O  OG1 . THR A 1 81  ? 14.174  -2.790  10.194  1.00 48.22  ? 118 THR A OG1 1 
ATOM   472  C  CG2 . THR A 1 81  ? 15.733  -1.637  11.697  1.00 45.19  ? 118 THR A CG2 1 
ATOM   473  N  N   . ALA A 1 82  ? 11.074  -1.594  10.522  1.00 47.31  ? 119 ALA A N   1 
ATOM   474  C  CA  . ALA A 1 82  ? 9.930   -1.564  9.607   1.00 47.86  ? 119 ALA A CA  1 
ATOM   475  C  C   . ALA A 1 82  ? 9.242   -0.213  9.571   1.00 54.11  ? 119 ALA A C   1 
ATOM   476  O  O   . ALA A 1 82  ? 9.050   0.333   8.479   1.00 53.59  ? 119 ALA A O   1 
ATOM   477  C  CB  . ALA A 1 82  ? 8.934   -2.647  9.981   1.00 48.40  ? 119 ALA A CB  1 
ATOM   478  N  N   . TYR A 1 83  ? 8.922   0.362   10.761  1.00 50.81  ? 120 TYR A N   1 
ATOM   479  C  CA  . TYR A 1 83  ? 8.272   1.657   10.823  1.00 49.58  ? 120 TYR A CA  1 
ATOM   480  C  C   . TYR A 1 83  ? 9.098   2.765   10.222  1.00 52.44  ? 120 TYR A C   1 
ATOM   481  O  O   . TYR A 1 83  ? 8.558   3.540   9.436   1.00 51.37  ? 120 TYR A O   1 
ATOM   482  C  CB  . TYR A 1 83  ? 7.783   2.013   12.232  1.00 51.39  ? 120 TYR A CB  1 
ATOM   483  C  CG  . TYR A 1 83  ? 6.981   3.301   12.236  1.00 53.23  ? 120 TYR A CG  1 
ATOM   484  C  CD1 . TYR A 1 83  ? 5.723   3.362   11.643  1.00 55.09  ? 120 TYR A CD1 1 
ATOM   485  C  CD2 . TYR A 1 83  ? 7.522   4.482   12.738  1.00 53.90  ? 120 TYR A CD2 1 
ATOM   486  C  CE1 . TYR A 1 83  ? 5.005   4.554   11.588  1.00 56.41  ? 120 TYR A CE1 1 
ATOM   487  C  CE2 . TYR A 1 83  ? 6.814   5.681   12.689  1.00 54.96  ? 120 TYR A CE2 1 
ATOM   488  C  CZ  . TYR A 1 83  ? 5.555   5.712   12.113  1.00 64.38  ? 120 TYR A CZ  1 
ATOM   489  O  OH  . TYR A 1 83  ? 4.851   6.889   12.046  1.00 68.51  ? 120 TYR A OH  1 
ATOM   490  N  N   . GLN A 1 84  ? 10.401  2.840   10.567  1.00 49.87  ? 121 GLN A N   1 
ATOM   491  C  CA  . GLN A 1 84  ? 11.299  3.894   10.069  1.00 49.69  ? 121 GLN A CA  1 
ATOM   492  C  C   . GLN A 1 84  ? 11.519  3.788   8.568   1.00 53.80  ? 121 GLN A C   1 
ATOM   493  O  O   . GLN A 1 84  ? 11.611  4.824   7.887   1.00 54.14  ? 121 GLN A O   1 
ATOM   494  C  CB  . GLN A 1 84  ? 12.634  3.922   10.833  1.00 51.07  ? 121 GLN A CB  1 
ATOM   495  N  N   . SER A 1 85  ? 11.601  2.540   8.048   1.00 48.81  ? 122 SER A N   1 
ATOM   496  C  CA  . SER A 1 85  ? 11.739  2.282   6.608   1.00 47.84  ? 122 SER A CA  1 
ATOM   497  C  C   . SER A 1 85  ? 10.458  2.780   5.910   1.00 47.83  ? 122 SER A C   1 
ATOM   498  O  O   . SER A 1 85  ? 10.540  3.505   4.914   1.00 48.04  ? 122 SER A O   1 
ATOM   499  C  CB  . SER A 1 85  ? 11.945  0.791   6.351   1.00 52.56  ? 122 SER A CB  1 
ATOM   500  O  OG  . SER A 1 85  ? 13.198  0.358   6.855   1.00 59.37  ? 122 SER A OG  1 
ATOM   501  N  N   . PHE A 1 86  ? 9.293   2.440   6.482   1.00 42.66  ? 123 PHE A N   1 
ATOM   502  C  CA  . PHE A 1 86  ? 7.971   2.868   6.007   1.00 43.42  ? 123 PHE A CA  1 
ATOM   503  C  C   . PHE A 1 86  ? 7.879   4.398   5.994   1.00 48.11  ? 123 PHE A C   1 
ATOM   504  O  O   . PHE A 1 86  ? 7.678   4.999   4.931   1.00 46.96  ? 123 PHE A O   1 
ATOM   505  C  CB  . PHE A 1 86  ? 6.862   2.262   6.881   1.00 44.94  ? 123 PHE A CB  1 
ATOM   506  C  CG  . PHE A 1 86  ? 5.479   2.737   6.508   1.00 46.92  ? 123 PHE A CG  1 
ATOM   507  C  CD1 . PHE A 1 86  ? 4.775   2.138   5.466   1.00 49.02  ? 123 PHE A CD1 1 
ATOM   508  C  CD2 . PHE A 1 86  ? 4.867   3.775   7.209   1.00 48.76  ? 123 PHE A CD2 1 
ATOM   509  C  CE1 . PHE A 1 86  ? 3.501   2.595   5.107   1.00 50.08  ? 123 PHE A CE1 1 
ATOM   510  C  CE2 . PHE A 1 86  ? 3.590   4.225   6.852   1.00 51.11  ? 123 PHE A CE2 1 
ATOM   511  C  CZ  . PHE A 1 86  ? 2.915   3.631   5.804   1.00 48.72  ? 123 PHE A CZ  1 
ATOM   512  N  N   . GLU A 1 87  ? 8.111   5.028   7.166   1.00 45.85  ? 124 GLU A N   1 
ATOM   513  C  CA  . GLU A 1 87  ? 8.096   6.485   7.323   1.00 45.48  ? 124 GLU A CA  1 
ATOM   514  C  C   . GLU A 1 87  ? 8.998   7.157   6.298   1.00 48.92  ? 124 GLU A C   1 
ATOM   515  O  O   . GLU A 1 87  ? 8.530   8.051   5.583   1.00 47.65  ? 124 GLU A O   1 
ATOM   516  C  CB  . GLU A 1 87  ? 8.501   6.889   8.766   1.00 46.57  ? 124 GLU A CB  1 
ATOM   517  N  N   . GLN A 1 88  ? 10.260  6.670   6.158   1.00 45.47  ? 125 GLN A N   1 
ATOM   518  C  CA  . GLN A 1 88  ? 11.254  7.263   5.247   1.00 45.30  ? 125 GLN A CA  1 
ATOM   519  C  C   . GLN A 1 88  ? 10.885  7.209   3.797   1.00 47.42  ? 125 GLN A C   1 
ATOM   520  O  O   . GLN A 1 88  ? 11.110  8.188   3.091   1.00 48.58  ? 125 GLN A O   1 
ATOM   521  C  CB  . GLN A 1 88  ? 12.647  6.665   5.453   1.00 47.34  ? 125 GLN A CB  1 
ATOM   522  C  CG  . GLN A 1 88  ? 13.656  7.691   5.967   1.00 71.78  ? 125 GLN A CG  1 
ATOM   523  C  CD  . GLN A 1 88  ? 14.815  7.055   6.686   1.00 90.31  ? 125 GLN A CD  1 
ATOM   524  O  OE1 . GLN A 1 88  ? 14.650  6.334   7.685   1.00 81.38  ? 125 GLN A OE1 1 
ATOM   525  N  NE2 . GLN A 1 88  ? 16.022  7.346   6.216   1.00 87.12  ? 125 GLN A NE2 1 
ATOM   526  N  N   . VAL A 1 89  ? 10.326  6.066   3.340   1.00 41.22  ? 126 VAL A N   1 
ATOM   527  C  CA  . VAL A 1 89  ? 9.899   5.895   1.954   1.00 38.66  ? 126 VAL A CA  1 
ATOM   528  C  C   . VAL A 1 89  ? 8.648   6.749   1.706   1.00 40.89  ? 126 VAL A C   1 
ATOM   529  O  O   . VAL A 1 89  ? 8.660   7.570   0.794   1.00 39.72  ? 126 VAL A O   1 
ATOM   530  C  CB  . VAL A 1 89  ? 9.693   4.405   1.599   1.00 41.83  ? 126 VAL A CB  1 
ATOM   531  C  CG1 . VAL A 1 89  ? 8.927   4.246   0.281   1.00 40.48  ? 126 VAL A CG1 1 
ATOM   532  C  CG2 . VAL A 1 89  ? 11.036  3.671   1.539   1.00 41.71  ? 126 VAL A CG2 1 
ATOM   533  N  N   . VAL A 1 90  ? 7.617   6.596   2.554   1.00 39.43  ? 127 VAL A N   1 
ATOM   534  C  CA  . VAL A 1 90  ? 6.371   7.355   2.459   1.00 40.31  ? 127 VAL A CA  1 
ATOM   535  C  C   . VAL A 1 90  ? 6.638   8.876   2.442   1.00 47.75  ? 127 VAL A C   1 
ATOM   536  O  O   . VAL A 1 90  ? 6.186   9.544   1.505   1.00 47.56  ? 127 VAL A O   1 
ATOM   537  C  CB  . VAL A 1 90  ? 5.292   6.895   3.476   1.00 43.38  ? 127 VAL A CB  1 
ATOM   538  C  CG1 . VAL A 1 90  ? 4.052   7.776   3.409   1.00 43.40  ? 127 VAL A CG1 1 
ATOM   539  C  CG2 . VAL A 1 90  ? 4.893   5.445   3.230   1.00 42.33  ? 127 VAL A CG2 1 
ATOM   540  N  N   . ASN A 1 91  ? 7.473   9.393   3.397   1.00 44.50  ? 128 ASN A N   1 
ATOM   541  C  CA  . ASN A 1 91  ? 7.831   10.819  3.471   1.00 43.37  ? 128 ASN A CA  1 
ATOM   542  C  C   . ASN A 1 91  ? 8.470   11.305  2.199   1.00 47.25  ? 128 ASN A C   1 
ATOM   543  O  O   . ASN A 1 91  ? 8.046   12.325  1.660   1.00 47.98  ? 128 ASN A O   1 
ATOM   544  C  CB  . ASN A 1 91  ? 8.720   11.140  4.703   1.00 45.84  ? 128 ASN A CB  1 
ATOM   545  C  CG  . ASN A 1 91  ? 8.003   11.108  6.039   1.00 67.64  ? 128 ASN A CG  1 
ATOM   546  O  OD1 . ASN A 1 91  ? 6.772   10.929  6.129   1.00 70.45  ? 128 ASN A OD1 1 
ATOM   547  N  ND2 . ASN A 1 91  ? 8.762   11.268  7.125   1.00 55.59  ? 128 ASN A ND2 1 
ATOM   548  N  N   . GLU A 1 92  ? 9.438   10.542  1.675   1.00 43.84  ? 129 GLU A N   1 
ATOM   549  C  CA  . GLU A 1 92  ? 10.134  10.861  0.431   1.00 42.78  ? 129 GLU A CA  1 
ATOM   550  C  C   . GLU A 1 92  ? 9.183   10.777  -0.759  1.00 45.83  ? 129 GLU A C   1 
ATOM   551  O  O   . GLU A 1 92  ? 9.287   11.589  -1.682  1.00 44.65  ? 129 GLU A O   1 
ATOM   552  C  CB  . GLU A 1 92  ? 11.351  9.914   0.252   1.00 44.10  ? 129 GLU A CB  1 
ATOM   553  C  CG  . GLU A 1 92  ? 12.166  10.085  -1.031  1.00 53.78  ? 129 GLU A CG  1 
ATOM   554  C  CD  . GLU A 1 92  ? 12.731  11.455  -1.357  1.00 84.71  ? 129 GLU A CD  1 
ATOM   555  O  OE1 . GLU A 1 92  ? 13.167  12.172  -0.425  1.00 91.75  ? 129 GLU A OE1 1 
ATOM   556  O  OE2 . GLU A 1 92  ? 12.780  11.792  -2.562  1.00 79.08  ? 129 GLU A OE2 1 
ATOM   557  N  N   . LEU A 1 93  ? 8.269   9.779   -0.743  1.00 42.83  ? 130 LEU A N   1 
ATOM   558  C  CA  . LEU A 1 93  ? 7.294   9.545   -1.816  1.00 41.80  ? 130 LEU A CA  1 
ATOM   559  C  C   . LEU A 1 93  ? 6.394   10.777  -2.021  1.00 46.73  ? 130 LEU A C   1 
ATOM   560  O  O   . LEU A 1 93  ? 6.283   11.279  -3.137  1.00 47.31  ? 130 LEU A O   1 
ATOM   561  C  CB  . LEU A 1 93  ? 6.453   8.288   -1.495  1.00 41.46  ? 130 LEU A CB  1 
ATOM   562  C  CG  . LEU A 1 93  ? 5.254   7.963   -2.386  1.00 43.98  ? 130 LEU A CG  1 
ATOM   563  C  CD1 . LEU A 1 93  ? 5.688   7.645   -3.803  1.00 42.56  ? 130 LEU A CD1 1 
ATOM   564  C  CD2 . LEU A 1 93  ? 4.489   6.831   -1.829  1.00 43.32  ? 130 LEU A CD2 1 
ATOM   565  N  N   . PHE A 1 94  ? 5.814   11.284  -0.944  1.00 44.21  ? 131 PHE A N   1 
ATOM   566  C  CA  . PHE A 1 94  ? 4.933   12.454  -0.997  1.00 45.14  ? 131 PHE A CA  1 
ATOM   567  C  C   . PHE A 1 94  ? 5.657   13.797  -0.712  1.00 55.53  ? 131 PHE A C   1 
ATOM   568  O  O   . PHE A 1 94  ? 5.008   14.743  -0.245  1.00 57.15  ? 131 PHE A O   1 
ATOM   569  C  CB  . PHE A 1 94  ? 3.729   12.243  -0.057  1.00 45.48  ? 131 PHE A CB  1 
ATOM   570  C  CG  . PHE A 1 94  ? 2.878   11.039  -0.404  1.00 45.09  ? 131 PHE A CG  1 
ATOM   571  C  CD1 . PHE A 1 94  ? 2.036   11.056  -1.513  1.00 46.63  ? 131 PHE A CD1 1 
ATOM   572  C  CD2 . PHE A 1 94  ? 2.890   9.905   0.400   1.00 44.55  ? 131 PHE A CD2 1 
ATOM   573  C  CE1 . PHE A 1 94  ? 1.238   9.948   -1.819  1.00 46.28  ? 131 PHE A CE1 1 
ATOM   574  C  CE2 . PHE A 1 94  ? 2.082   8.802   0.099   1.00 46.18  ? 131 PHE A CE2 1 
ATOM   575  C  CZ  . PHE A 1 94  ? 1.258   8.834   -1.004  1.00 44.28  ? 131 PHE A CZ  1 
ATOM   576  N  N   . ARG A 1 95  ? 6.979   13.891  -1.026  1.00 53.69  ? 132 ARG A N   1 
ATOM   577  C  CA  . ARG A 1 95  ? 7.787   15.107  -0.805  1.00 54.92  ? 132 ARG A CA  1 
ATOM   578  C  C   . ARG A 1 95  ? 7.251   16.310  -1.600  1.00 61.02  ? 132 ARG A C   1 
ATOM   579  O  O   . ARG A 1 95  ? 6.937   17.341  -0.999  1.00 62.00  ? 132 ARG A O   1 
ATOM   580  C  CB  . ARG A 1 95  ? 9.277   14.868  -1.147  1.00 55.86  ? 132 ARG A CB  1 
ATOM   581  C  CG  . ARG A 1 95  ? 10.213  16.004  -0.708  1.00 67.31  ? 132 ARG A CG  1 
ATOM   582  C  CD  . ARG A 1 95  ? 11.610  15.856  -1.281  1.00 77.53  ? 132 ARG A CD  1 
ATOM   583  N  N   . ASP A 1 96  ? 7.148   16.161  -2.937  1.00 56.96  ? 133 ASP A N   1 
ATOM   584  C  CA  . ASP A 1 96  ? 6.704   17.169  -3.904  1.00 56.29  ? 133 ASP A CA  1 
ATOM   585  C  C   . ASP A 1 96  ? 5.193   17.311  -4.039  1.00 59.20  ? 133 ASP A C   1 
ATOM   586  O  O   . ASP A 1 96  ? 4.729   18.041  -4.918  1.00 60.51  ? 133 ASP A O   1 
ATOM   587  C  CB  . ASP A 1 96  ? 7.319   16.872  -5.279  1.00 58.35  ? 133 ASP A CB  1 
ATOM   588  C  CG  . ASP A 1 96  ? 8.831   16.955  -5.328  1.00 69.65  ? 133 ASP A CG  1 
ATOM   589  O  OD1 . ASP A 1 96  ? 9.444   17.265  -4.279  1.00 71.04  ? 133 ASP A OD1 1 
ATOM   590  O  OD2 . ASP A 1 96  ? 9.402   16.726  -6.424  1.00 74.05  ? 133 ASP A OD2 1 
ATOM   591  N  N   . GLY A 1 97  ? 4.450   16.633  -3.176  1.00 52.43  ? 134 GLY A N   1 
ATOM   592  C  CA  . GLY A 1 97  ? 2.995   16.658  -3.179  1.00 51.56  ? 134 GLY A CA  1 
ATOM   593  C  C   . GLY A 1 97  ? 2.351   15.307  -3.451  1.00 51.01  ? 134 GLY A C   1 
ATOM   594  O  O   . GLY A 1 97  ? 3.043   14.314  -3.695  1.00 49.14  ? 134 GLY A O   1 
ATOM   595  N  N   . VAL A 1 98  ? 1.018   15.277  -3.407  1.00 44.15  ? 135 VAL A N   1 
ATOM   596  C  CA  . VAL A 1 98  ? 0.207   14.097  -3.644  1.00 42.21  ? 135 VAL A CA  1 
ATOM   597  C  C   . VAL A 1 98  ? -0.312  14.081  -5.085  1.00 45.31  ? 135 VAL A C   1 
ATOM   598  O  O   . VAL A 1 98  ? -0.507  15.134  -5.683  1.00 45.21  ? 135 VAL A O   1 
ATOM   599  C  CB  . VAL A 1 98  ? -0.938  13.988  -2.615  1.00 45.59  ? 135 VAL A CB  1 
ATOM   600  C  CG1 . VAL A 1 98  ? -1.757  12.722  -2.825  1.00 45.06  ? 135 VAL A CG1 1 
ATOM   601  C  CG2 . VAL A 1 98  ? -0.408  14.048  -1.180  1.00 45.56  ? 135 VAL A CG2 1 
ATOM   602  N  N   . ASN A 1 99  ? -0.484  12.871  -5.651  1.00 38.94  ? 136 ASN A N   1 
ATOM   603  C  CA  . ASN A 1 99  ? -1.092  12.604  -6.962  1.00 37.08  ? 136 ASN A CA  1 
ATOM   604  C  C   . ASN A 1 99  ? -1.555  11.143  -6.966  1.00 39.99  ? 136 ASN A C   1 
ATOM   605  O  O   . ASN A 1 99  ? -1.065  10.370  -6.138  1.00 39.31  ? 136 ASN A O   1 
ATOM   606  C  CB  . ASN A 1 99  ? -0.191  12.979  -8.156  1.00 34.19  ? 136 ASN A CB  1 
ATOM   607  C  CG  . ASN A 1 99  ? 1.033   12.132  -8.370  1.00 50.38  ? 136 ASN A CG  1 
ATOM   608  O  OD1 . ASN A 1 99  ? 1.013   10.899  -8.281  1.00 46.91  ? 136 ASN A OD1 1 
ATOM   609  N  ND2 . ASN A 1 99  ? 2.124   12.785  -8.717  1.00 39.78  ? 136 ASN A ND2 1 
ATOM   610  N  N   . TRP A 1 100 ? -2.449  10.740  -7.897  1.00 34.96  ? 137 TRP A N   1 
ATOM   611  C  CA  . TRP A 1 100 ? -2.940  9.362   -7.892  1.00 34.45  ? 137 TRP A CA  1 
ATOM   612  C  C   . TRP A 1 100 ? -1.831  8.307   -8.021  1.00 37.48  ? 137 TRP A C   1 
ATOM   613  O  O   . TRP A 1 100 ? -1.889  7.283   -7.344  1.00 36.71  ? 137 TRP A O   1 
ATOM   614  C  CB  . TRP A 1 100 ? -4.055  9.146   -8.927  1.00 32.66  ? 137 TRP A CB  1 
ATOM   615  C  CG  . TRP A 1 100 ? -5.332  9.894   -8.644  1.00 33.09  ? 137 TRP A CG  1 
ATOM   616  C  CD1 . TRP A 1 100 ? -5.931  10.817  -9.452  1.00 35.75  ? 137 TRP A CD1 1 
ATOM   617  C  CD2 . TRP A 1 100 ? -6.238  9.675   -7.549  1.00 32.95  ? 137 TRP A CD2 1 
ATOM   618  N  NE1 . TRP A 1 100 ? -7.116  11.246  -8.889  1.00 34.39  ? 137 TRP A NE1 1 
ATOM   619  C  CE2 . TRP A 1 100 ? -7.332  10.558  -7.726  1.00 36.13  ? 137 TRP A CE2 1 
ATOM   620  C  CE3 . TRP A 1 100 ? -6.231  8.824   -6.428  1.00 34.09  ? 137 TRP A CE3 1 
ATOM   621  C  CZ2 . TRP A 1 100 ? -8.411  10.599  -6.839  1.00 35.08  ? 137 TRP A CZ2 1 
ATOM   622  C  CZ3 . TRP A 1 100 ? -7.265  8.920   -5.516  1.00 35.86  ? 137 TRP A CZ3 1 
ATOM   623  C  CH2 . TRP A 1 100 ? -8.345  9.793   -5.729  1.00 36.23  ? 137 TRP A CH2 1 
ATOM   624  N  N   . GLY A 1 101 ? -0.838  8.571   -8.866  1.00 35.15  ? 138 GLY A N   1 
ATOM   625  C  CA  . GLY A 1 101 ? 0.282   7.648   -9.073  1.00 35.41  ? 138 GLY A CA  1 
ATOM   626  C  C   . GLY A 1 101 ? 1.023   7.327   -7.796  1.00 40.76  ? 138 GLY A C   1 
ATOM   627  O  O   . GLY A 1 101 ? 1.252   6.152   -7.479  1.00 39.94  ? 138 GLY A O   1 
ATOM   628  N  N   . ARG A 1 102 ? 1.354   8.378   -7.017  1.00 37.09  ? 139 ARG A N   1 
ATOM   629  C  CA  . ARG A 1 102 ? 2.053   8.213   -5.736  1.00 36.86  ? 139 ARG A CA  1 
ATOM   630  C  C   . ARG A 1 102 ? 1.213   7.485   -4.705  1.00 39.44  ? 139 ARG A C   1 
ATOM   631  O  O   . ARG A 1 102 ? 1.766   6.747   -3.896  1.00 40.63  ? 139 ARG A O   1 
ATOM   632  C  CB  . ARG A 1 102 ? 2.549   9.565   -5.192  1.00 36.12  ? 139 ARG A CB  1 
ATOM   633  C  CG  . ARG A 1 102 ? 3.516   10.265  -6.110  1.00 35.99  ? 139 ARG A CG  1 
ATOM   634  C  CD  . ARG A 1 102 ? 3.885   11.639  -5.545  1.00 38.27  ? 139 ARG A CD  1 
ATOM   635  N  NE  . ARG A 1 102 ? 4.927   12.280  -6.342  1.00 43.70  ? 139 ARG A NE  1 
ATOM   636  C  CZ  . ARG A 1 102 ? 4.970   13.580  -6.621  1.00 61.38  ? 139 ARG A CZ  1 
ATOM   637  N  NH1 . ARG A 1 102 ? 4.033   14.398  -6.158  1.00 51.07  ? 139 ARG A NH1 1 
ATOM   638  N  NH2 . ARG A 1 102 ? 5.957   14.073  -7.345  1.00 50.11  ? 139 ARG A NH2 1 
ATOM   639  N  N   . ILE A 1 103 ? -0.124  7.663   -4.742  1.00 34.51  ? 140 ILE A N   1 
ATOM   640  C  CA  . ILE A 1 103 ? -1.033  6.944   -3.830  1.00 33.23  ? 140 ILE A CA  1 
ATOM   641  C  C   . ILE A 1 103 ? -0.988  5.428   -4.179  1.00 34.35  ? 140 ILE A C   1 
ATOM   642  O  O   . ILE A 1 103 ? -0.912  4.582   -3.279  1.00 33.29  ? 140 ILE A O   1 
ATOM   643  C  CB  . ILE A 1 103 ? -2.455  7.541   -3.908  1.00 35.35  ? 140 ILE A CB  1 
ATOM   644  C  CG1 . ILE A 1 103 ? -2.496  8.956   -3.285  1.00 36.28  ? 140 ILE A CG1 1 
ATOM   645  C  CG2 . ILE A 1 103 ? -3.474  6.619   -3.283  1.00 33.86  ? 140 ILE A CG2 1 
ATOM   646  C  CD1 . ILE A 1 103 ? -3.909  9.702   -3.384  1.00 37.06  ? 140 ILE A CD1 1 
ATOM   647  N  N   . VAL A 1 104 ? -0.959  5.107   -5.493  1.00 29.64  ? 141 VAL A N   1 
ATOM   648  C  CA  . VAL A 1 104 ? -0.805  3.733   -5.978  1.00 29.25  ? 141 VAL A CA  1 
ATOM   649  C  C   . VAL A 1 104 ? 0.523   3.148   -5.479  1.00 34.07  ? 141 VAL A C   1 
ATOM   650  O  O   . VAL A 1 104 ? 0.548   2.059   -4.886  1.00 32.49  ? 141 VAL A O   1 
ATOM   651  C  CB  . VAL A 1 104 ? -0.998  3.623   -7.517  1.00 31.74  ? 141 VAL A CB  1 
ATOM   652  C  CG1 . VAL A 1 104 ? -0.677  2.208   -8.003  1.00 31.40  ? 141 VAL A CG1 1 
ATOM   653  C  CG2 . VAL A 1 104 ? -2.435  3.981   -7.897  1.00 30.45  ? 141 VAL A CG2 1 
ATOM   654  N  N   . ALA A 1 105 ? 1.606   3.936   -5.586  1.00 33.62  ? 142 ALA A N   1 
ATOM   655  C  CA  . ALA A 1 105 ? 2.924   3.507   -5.086  1.00 32.85  ? 142 ALA A CA  1 
ATOM   656  C  C   . ALA A 1 105 ? 2.883   3.198   -3.583  1.00 37.57  ? 142 ALA A C   1 
ATOM   657  O  O   . ALA A 1 105 ? 3.465   2.200   -3.145  1.00 36.86  ? 142 ALA A O   1 
ATOM   658  C  CB  . ALA A 1 105 ? 3.961   4.578   -5.384  1.00 33.55  ? 142 ALA A CB  1 
ATOM   659  N  N   . PHE A 1 106 ? 2.155   4.036   -2.790  1.00 34.59  ? 143 PHE A N   1 
ATOM   660  C  CA  . PHE A 1 106 ? 2.007   3.895   -1.339  1.00 33.25  ? 143 PHE A CA  1 
ATOM   661  C  C   . PHE A 1 106 ? 1.322   2.560   -0.973  1.00 36.94  ? 143 PHE A C   1 
ATOM   662  O  O   . PHE A 1 106 ? 1.790   1.833   -0.096  1.00 38.92  ? 143 PHE A O   1 
ATOM   663  C  CB  . PHE A 1 106 ? 1.250   5.126   -0.798  1.00 35.43  ? 143 PHE A CB  1 
ATOM   664  C  CG  . PHE A 1 106 ? 0.610   4.998   0.561   1.00 36.13  ? 143 PHE A CG  1 
ATOM   665  C  CD1 . PHE A 1 106 ? 1.311   5.335   1.712   1.00 38.35  ? 143 PHE A CD1 1 
ATOM   666  C  CD2 . PHE A 1 106 ? -0.710  4.579   0.687   1.00 37.01  ? 143 PHE A CD2 1 
ATOM   667  C  CE1 . PHE A 1 106 ? 0.725   5.187   2.972   1.00 37.86  ? 143 PHE A CE1 1 
ATOM   668  C  CE2 . PHE A 1 106 ? -1.294  4.440   1.939   1.00 39.30  ? 143 PHE A CE2 1 
ATOM   669  C  CZ  . PHE A 1 106 ? -0.568  4.739   3.075   1.00 37.63  ? 143 PHE A CZ  1 
ATOM   670  N  N   . PHE A 1 107 ? 0.218   2.225   -1.646  1.00 31.55  ? 144 PHE A N   1 
ATOM   671  C  CA  . PHE A 1 107 ? -0.452  0.951   -1.387  1.00 30.56  ? 144 PHE A CA  1 
ATOM   672  C  C   . PHE A 1 107 ? 0.483   -0.193  -1.784  1.00 32.98  ? 144 PHE A C   1 
ATOM   673  O  O   . PHE A 1 107 ? 0.674   -1.134  -1.021  1.00 30.54  ? 144 PHE A O   1 
ATOM   674  C  CB  . PHE A 1 107 ? -1.749  0.877   -2.168  1.00 31.46  ? 144 PHE A CB  1 
ATOM   675  C  CG  . PHE A 1 107 ? -2.905  1.536   -1.459  1.00 32.67  ? 144 PHE A CG  1 
ATOM   676  C  CD1 . PHE A 1 107 ? -3.712  0.809   -0.589  1.00 36.28  ? 144 PHE A CD1 1 
ATOM   677  C  CD2 . PHE A 1 107 ? -3.203  2.878   -1.678  1.00 32.81  ? 144 PHE A CD2 1 
ATOM   678  C  CE1 . PHE A 1 107 ? -4.814  1.406   0.031   1.00 37.25  ? 144 PHE A CE1 1 
ATOM   679  C  CE2 . PHE A 1 107 ? -4.301  3.467   -1.060  1.00 35.91  ? 144 PHE A CE2 1 
ATOM   680  C  CZ  . PHE A 1 107 ? -5.105  2.723   -0.216  1.00 34.46  ? 144 PHE A CZ  1 
ATOM   681  N  N   . SER A 1 108 ? 1.124   -0.056  -2.951  1.00 31.54  ? 145 SER A N   1 
ATOM   682  C  CA  . SER A 1 108 ? 2.046   -1.078  -3.468  1.00 32.18  ? 145 SER A CA  1 
ATOM   683  C  C   . SER A 1 108 ? 3.168   -1.331  -2.474  1.00 35.17  ? 145 SER A C   1 
ATOM   684  O  O   . SER A 1 108 ? 3.401   -2.475  -2.085  1.00 33.60  ? 145 SER A O   1 
ATOM   685  C  CB  . SER A 1 108 ? 2.603   -0.657  -4.824  1.00 32.41  ? 145 SER A CB  1 
ATOM   686  O  OG  . SER A 1 108 ? 1.562   -0.708  -5.783  1.00 33.93  ? 145 SER A OG  1 
ATOM   687  N  N   . PHE A 1 109 ? 3.778   -0.240  -1.979  1.00 33.78  ? 146 PHE A N   1 
ATOM   688  C  CA  . PHE A 1 109 ? 4.861   -0.277  -1.007  1.00 32.79  ? 146 PHE A CA  1 
ATOM   689  C  C   . PHE A 1 109 ? 4.435   -0.989  0.226   1.00 34.59  ? 146 PHE A C   1 
ATOM   690  O  O   . PHE A 1 109 ? 5.088   -1.939  0.637   1.00 32.79  ? 146 PHE A O   1 
ATOM   691  C  CB  . PHE A 1 109 ? 5.382   1.141   -0.690  1.00 36.18  ? 146 PHE A CB  1 
ATOM   692  C  CG  . PHE A 1 109 ? 6.501   1.122   0.323   1.00 40.38  ? 146 PHE A CG  1 
ATOM   693  C  CD1 . PHE A 1 109 ? 7.687   0.443   0.060   1.00 45.06  ? 146 PHE A CD1 1 
ATOM   694  C  CD2 . PHE A 1 109 ? 6.346   1.725   1.564   1.00 44.57  ? 146 PHE A CD2 1 
ATOM   695  C  CE1 . PHE A 1 109 ? 8.713   0.410   1.005   1.00 47.29  ? 146 PHE A CE1 1 
ATOM   696  C  CE2 . PHE A 1 109 ? 7.370   1.684   2.509   1.00 48.78  ? 146 PHE A CE2 1 
ATOM   697  C  CZ  . PHE A 1 109 ? 8.552   1.037   2.218   1.00 46.87  ? 146 PHE A CZ  1 
ATOM   698  N  N   . GLY A 1 110 ? 3.297   -0.586  0.787   1.00 32.76  ? 147 GLY A N   1 
ATOM   699  C  CA  . GLY A 1 110 ? 2.751   -1.239  1.966   1.00 31.14  ? 147 GLY A CA  1 
ATOM   700  C  C   . GLY A 1 110 ? 2.502   -2.715  1.728   1.00 35.35  ? 147 GLY A C   1 
ATOM   701  O  O   . GLY A 1 110 ? 2.812   -3.544  2.589   1.00 36.20  ? 147 GLY A O   1 
ATOM   702  N  N   . GLY A 1 111 ? 2.003   -3.047  0.531   1.00 29.06  ? 148 GLY A N   1 
ATOM   703  C  CA  . GLY A 1 111 ? 1.760   -4.427  0.146   1.00 28.43  ? 148 GLY A CA  1 
ATOM   704  C  C   . GLY A 1 111 ? 3.034   -5.248  0.136   1.00 30.59  ? 148 GLY A C   1 
ATOM   705  O  O   . GLY A 1 111 ? 3.057   -6.360  0.675   1.00 28.90  ? 148 GLY A O   1 
ATOM   706  N  N   . ALA A 1 112 ? 4.101   -4.681  -0.433  1.00 30.11  ? 149 ALA A N   1 
ATOM   707  C  CA  . ALA A 1 112 ? 5.421   -5.338  -0.512  1.00 31.17  ? 149 ALA A CA  1 
ATOM   708  C  C   . ALA A 1 112 ? 6.004   -5.524  0.861   1.00 37.87  ? 149 ALA A C   1 
ATOM   709  O  O   . ALA A 1 112 ? 6.539   -6.592  1.156   1.00 37.65  ? 149 ALA A O   1 
ATOM   710  C  CB  . ALA A 1 112 ? 6.363   -4.522  -1.389  1.00 31.76  ? 149 ALA A CB  1 
ATOM   711  N  N   . LEU A 1 113 ? 5.797   -4.536  1.746   1.00 37.23  ? 150 LEU A N   1 
ATOM   712  C  CA  . LEU A 1 113 ? 6.203   -4.623  3.158   1.00 38.60  ? 150 LEU A CA  1 
ATOM   713  C  C   . LEU A 1 113 ? 5.538   -5.784  3.882   1.00 42.42  ? 150 LEU A C   1 
ATOM   714  O  O   . LEU A 1 113 ? 6.231   -6.494  4.601   1.00 42.82  ? 150 LEU A O   1 
ATOM   715  C  CB  . LEU A 1 113 ? 5.956   -3.289  3.889   1.00 39.56  ? 150 LEU A CB  1 
ATOM   716  C  CG  . LEU A 1 113 ? 7.198   -2.618  4.497   1.00 47.13  ? 150 LEU A CG  1 
ATOM   717  C  CD1 . LEU A 1 113 ? 8.292   -2.390  3.454   1.00 48.33  ? 150 LEU A CD1 1 
ATOM   718  C  CD2 . LEU A 1 113 ? 6.839   -1.308  5.193   1.00 50.75  ? 150 LEU A CD2 1 
ATOM   719  N  N   . CYS A 1 114 ? 4.213   -6.027  3.663   1.00 39.08  ? 151 CYS A N   1 
ATOM   720  C  CA  . CYS A 1 114 ? 3.498   -7.156  4.310   1.00 37.54  ? 151 CYS A CA  1 
ATOM   721  C  C   . CYS A 1 114 ? 4.017   -8.512  3.842   1.00 40.91  ? 151 CYS A C   1 
ATOM   722  O  O   . CYS A 1 114 ? 4.193   -9.412  4.665   1.00 41.43  ? 151 CYS A O   1 
ATOM   723  C  CB  . CYS A 1 114 ? 1.991   -7.065  4.095   1.00 37.66  ? 151 CYS A CB  1 
ATOM   724  S  SG  . CYS A 1 114 ? 1.187   -5.762  5.041   1.00 42.00  ? 151 CYS A SG  1 
ATOM   725  N  N   . VAL A 1 115 ? 4.170   -8.695  2.521   1.00 35.28  ? 152 VAL A N   1 
ATOM   726  C  CA  . VAL A 1 115 ? 4.626   -9.990  1.955   1.00 35.37  ? 152 VAL A CA  1 
ATOM   727  C  C   . VAL A 1 115 ? 6.029   -10.300 2.478   1.00 40.71  ? 152 VAL A C   1 
ATOM   728  O  O   . VAL A 1 115 ? 6.290   -11.422 2.919   1.00 41.64  ? 152 VAL A O   1 
ATOM   729  C  CB  . VAL A 1 115 ? 4.554   -10.020 0.400   1.00 39.53  ? 152 VAL A CB  1 
ATOM   730  C  CG1 . VAL A 1 115 ? 5.178   -11.307 -0.169  1.00 39.62  ? 152 VAL A CG1 1 
ATOM   731  C  CG2 . VAL A 1 115 ? 3.117   -9.845  -0.082  1.00 38.85  ? 152 VAL A CG2 1 
ATOM   732  N  N   . GLU A 1 116 ? 6.915   -9.277  2.454   1.00 39.41  ? 153 GLU A N   1 
ATOM   733  C  CA  . GLU A 1 116 ? 8.287   -9.324  2.941   1.00 40.00  ? 153 GLU A CA  1 
ATOM   734  C  C   . GLU A 1 116 ? 8.294   -9.789  4.386   1.00 44.17  ? 153 GLU A C   1 
ATOM   735  O  O   . GLU A 1 116 ? 9.082   -10.666 4.716   1.00 43.86  ? 153 GLU A O   1 
ATOM   736  C  CB  . GLU A 1 116 ? 8.921   -7.931  2.828   1.00 42.01  ? 153 GLU A CB  1 
ATOM   737  C  CG  . GLU A 1 116 ? 10.423  -7.902  3.011   1.00 54.83  ? 153 GLU A CG  1 
ATOM   738  C  CD  . GLU A 1 116 ? 11.244  -8.487  1.880   1.00 71.52  ? 153 GLU A CD  1 
ATOM   739  O  OE1 . GLU A 1 116 ? 10.683  -8.742  0.789   1.00 56.92  ? 153 GLU A OE1 1 
ATOM   740  O  OE2 . GLU A 1 116 ? 12.463  -8.673  2.086   1.00 67.38  ? 153 GLU A OE2 1 
ATOM   741  N  N   . SER A 1 117 ? 7.370   -9.247  5.223   1.00 40.09  ? 154 SER A N   1 
ATOM   742  C  CA  . SER A 1 117 ? 7.180   -9.595  6.636   1.00 39.41  ? 154 SER A CA  1 
ATOM   743  C  C   . SER A 1 117 ? 6.755   -11.038 6.791   1.00 42.72  ? 154 SER A C   1 
ATOM   744  O  O   . SER A 1 117 ? 7.304   -11.723 7.642   1.00 44.77  ? 154 SER A O   1 
ATOM   745  C  CB  . SER A 1 117 ? 6.148   -8.671  7.294   1.00 42.21  ? 154 SER A CB  1 
ATOM   746  O  OG  . SER A 1 117 ? 6.599   -7.330  7.261   1.00 51.01  ? 154 SER A OG  1 
ATOM   747  N  N   . VAL A 1 118 ? 5.782   -11.514 5.979   1.00 38.33  ? 155 VAL A N   1 
ATOM   748  C  CA  . VAL A 1 118 ? 5.324   -12.917 6.018   1.00 37.42  ? 155 VAL A CA  1 
ATOM   749  C  C   . VAL A 1 118 ? 6.440   -13.861 5.511   1.00 43.01  ? 155 VAL A C   1 
ATOM   750  O  O   . VAL A 1 118 ? 6.692   -14.879 6.143   1.00 42.32  ? 155 VAL A O   1 
ATOM   751  C  CB  . VAL A 1 118 ? 3.962   -13.142 5.337   1.00 40.82  ? 155 VAL A CB  1 
ATOM   752  C  CG1 . VAL A 1 118 ? 3.564   -14.610 5.372   1.00 40.74  ? 155 VAL A CG1 1 
ATOM   753  C  CG2 . VAL A 1 118 ? 2.878   -12.293 5.999   1.00 40.74  ? 155 VAL A CG2 1 
ATOM   754  N  N   . ASP A 1 119 ? 7.150   -13.472 4.428   1.00 42.69  ? 156 ASP A N   1 
ATOM   755  C  CA  . ASP A 1 119 ? 8.288   -14.214 3.845   1.00 43.36  ? 156 ASP A CA  1 
ATOM   756  C  C   . ASP A 1 119 ? 9.350   -14.466 4.920   1.00 50.29  ? 156 ASP A C   1 
ATOM   757  O  O   . ASP A 1 119 ? 9.807   -15.598 5.087   1.00 50.50  ? 156 ASP A O   1 
ATOM   758  C  CB  . ASP A 1 119 ? 8.930   -13.422 2.670   1.00 44.87  ? 156 ASP A CB  1 
ATOM   759  C  CG  . ASP A 1 119 ? 8.191   -13.396 1.331   1.00 56.68  ? 156 ASP A CG  1 
ATOM   760  O  OD1 . ASP A 1 119 ? 7.178   -14.118 1.187   1.00 55.03  ? 156 ASP A OD1 1 
ATOM   761  O  OD2 . ASP A 1 119 ? 8.642   -12.663 0.414   1.00 64.69  ? 156 ASP A OD2 1 
ATOM   762  N  N   . LYS A 1 120 ? 9.707   -13.404 5.674   1.00 48.64  ? 157 LYS A N   1 
ATOM   763  C  CA  . LYS A 1 120 ? 10.711  -13.432 6.740   1.00 48.21  ? 157 LYS A CA  1 
ATOM   764  C  C   . LYS A 1 120 ? 10.189  -13.890 8.104   1.00 53.70  ? 157 LYS A C   1 
ATOM   765  O  O   . LYS A 1 120 ? 10.902  -13.755 9.088   1.00 54.82  ? 157 LYS A O   1 
ATOM   766  C  CB  . LYS A 1 120 ? 11.436  -12.077 6.832   1.00 49.98  ? 157 LYS A CB  1 
ATOM   767  N  N   . GLU A 1 121 ? 8.968   -14.455 8.164   1.00 51.09  ? 158 GLU A N   1 
ATOM   768  C  CA  . GLU A 1 121 ? 8.340   -14.986 9.381   1.00 52.25  ? 158 GLU A CA  1 
ATOM   769  C  C   . GLU A 1 121 ? 7.984   -13.967 10.497  1.00 57.58  ? 158 GLU A C   1 
ATOM   770  O  O   . GLU A 1 121 ? 7.690   -14.366 11.632  1.00 57.64  ? 158 GLU A O   1 
ATOM   771  C  CB  . GLU A 1 121 ? 9.056   -16.251 9.906   1.00 54.21  ? 158 GLU A CB  1 
ATOM   772  C  CG  . GLU A 1 121 ? 8.567   -17.545 9.270   1.00 68.65  ? 158 GLU A CG  1 
ATOM   773  C  CD  . GLU A 1 121 ? 7.279   -18.102 9.849   1.00 101.69 ? 158 GLU A CD  1 
ATOM   774  O  OE1 . GLU A 1 121 ? 7.319   -18.642 10.980  1.00 103.89 ? 158 GLU A OE1 1 
ATOM   775  O  OE2 . GLU A 1 121 ? 6.233   -18.017 9.166   1.00 99.44  ? 158 GLU A OE2 1 
ATOM   776  N  N   . MET A 1 122 ? 7.890   -12.674 10.140  1.00 53.07  ? 159 MET A N   1 
ATOM   777  C  CA  . MET A 1 122 ? 7.520   -11.603 11.066  1.00 52.36  ? 159 MET A CA  1 
ATOM   778  C  C   . MET A 1 122 ? 6.064   -11.182 10.805  1.00 56.30  ? 159 MET A C   1 
ATOM   779  O  O   . MET A 1 122 ? 5.800   -9.993  10.636  1.00 56.40  ? 159 MET A O   1 
ATOM   780  C  CB  . MET A 1 122 ? 8.447   -10.388 10.871  1.00 54.74  ? 159 MET A CB  1 
ATOM   781  C  CG  . MET A 1 122 ? 9.907   -10.662 11.054  1.00 57.44  ? 159 MET A CG  1 
ATOM   782  S  SD  . MET A 1 122 ? 10.806  -9.512  10.002  1.00 62.27  ? 159 MET A SD  1 
ATOM   783  C  CE  . MET A 1 122 ? 12.491  -10.143 10.206  1.00 58.73  ? 159 MET A CE  1 
ATOM   784  N  N   . GLN A 1 123 ? 5.117   -12.145 10.776  1.00 53.23  ? 160 GLN A N   1 
ATOM   785  C  CA  . GLN A 1 123 ? 3.700   -11.877 10.484  1.00 53.88  ? 160 GLN A CA  1 
ATOM   786  C  C   . GLN A 1 123 ? 2.975   -10.895 11.403  1.00 59.51  ? 160 GLN A C   1 
ATOM   787  O  O   . GLN A 1 123 ? 1.855   -10.455 11.095  1.00 59.24  ? 160 GLN A O   1 
ATOM   788  C  CB  . GLN A 1 123 ? 2.868   -13.146 10.222  1.00 55.19  ? 160 GLN A CB  1 
ATOM   789  C  CG  . GLN A 1 123 ? 3.155   -14.312 11.134  1.00 70.60  ? 160 GLN A CG  1 
ATOM   790  C  CD  . GLN A 1 123 ? 4.012   -15.321 10.425  1.00 86.30  ? 160 GLN A CD  1 
ATOM   791  O  OE1 . GLN A 1 123 ? 3.563   -16.048 9.522   1.00 82.13  ? 160 GLN A OE1 1 
ATOM   792  N  NE2 . GLN A 1 123 ? 5.261   -15.390 10.829  1.00 71.71  ? 160 GLN A NE2 1 
ATOM   793  N  N   . VAL A 1 124 ? 3.633   -10.526 12.509  1.00 55.27  ? 161 VAL A N   1 
ATOM   794  C  CA  . VAL A 1 124 ? 3.098   -9.579  13.471  1.00 54.65  ? 161 VAL A CA  1 
ATOM   795  C  C   . VAL A 1 124 ? 3.110   -8.154  12.865  1.00 53.79  ? 161 VAL A C   1 
ATOM   796  O  O   . VAL A 1 124 ? 2.336   -7.296  13.276  1.00 53.30  ? 161 VAL A O   1 
ATOM   797  C  CB  . VAL A 1 124 ? 3.807   -9.718  14.864  1.00 59.23  ? 161 VAL A CB  1 
ATOM   798  C  CG1 . VAL A 1 124 ? 5.251   -9.200  14.845  1.00 58.96  ? 161 VAL A CG1 1 
ATOM   799  C  CG2 . VAL A 1 124 ? 2.993   -9.057  15.977  1.00 59.33  ? 161 VAL A CG2 1 
ATOM   800  N  N   . LEU A 1 125 ? 3.959   -7.927  11.863  1.00 48.38  ? 162 LEU A N   1 
ATOM   801  C  CA  . LEU A 1 125 ? 4.050   -6.633  11.206  1.00 48.18  ? 162 LEU A CA  1 
ATOM   802  C  C   . LEU A 1 125 ? 2.888   -6.355  10.258  1.00 49.66  ? 162 LEU A C   1 
ATOM   803  O  O   . LEU A 1 125 ? 2.691   -5.190  9.925   1.00 49.61  ? 162 LEU A O   1 
ATOM   804  C  CB  . LEU A 1 125 ? 5.384   -6.493  10.450  1.00 48.82  ? 162 LEU A CB  1 
ATOM   805  C  CG  . LEU A 1 125 ? 6.635   -6.321  11.283  1.00 54.35  ? 162 LEU A CG  1 
ATOM   806  C  CD1 . LEU A 1 125 ? 7.870   -6.629  10.460  1.00 54.95  ? 162 LEU A CD1 1 
ATOM   807  C  CD2 . LEU A 1 125 ? 6.725   -4.913  11.830  1.00 57.87  ? 162 LEU A CD2 1 
ATOM   808  N  N   . VAL A 1 126 ? 2.161   -7.404  9.780   1.00 43.71  ? 163 VAL A N   1 
ATOM   809  C  CA  . VAL A 1 126 ? 1.058   -7.281  8.811   1.00 42.03  ? 163 VAL A CA  1 
ATOM   810  C  C   . VAL A 1 126 ? -0.033  -6.298  9.255   1.00 48.11  ? 163 VAL A C   1 
ATOM   811  O  O   . VAL A 1 126 ? -0.232  -5.296  8.573   1.00 46.71  ? 163 VAL A O   1 
ATOM   812  C  CB  . VAL A 1 126 ? 0.518   -8.651  8.297   1.00 43.78  ? 163 VAL A CB  1 
ATOM   813  C  CG1 . VAL A 1 126 ? -0.843  -8.512  7.613   1.00 42.92  ? 163 VAL A CG1 1 
ATOM   814  C  CG2 . VAL A 1 126 ? 1.509   -9.285  7.336   1.00 42.88  ? 163 VAL A CG2 1 
ATOM   815  N  N   . SER A 1 127 ? -0.709  -6.562  10.406  1.00 47.58  ? 164 SER A N   1 
ATOM   816  C  CA  . SER A 1 127 ? -1.728  -5.657  10.956  1.00 47.81  ? 164 SER A CA  1 
ATOM   817  C  C   . SER A 1 127 ? -1.107  -4.315  11.388  1.00 50.27  ? 164 SER A C   1 
ATOM   818  O  O   . SER A 1 127 ? -1.762  -3.281  11.275  1.00 51.48  ? 164 SER A O   1 
ATOM   819  C  CB  . SER A 1 127 ? -2.478  -6.310  12.111  1.00 53.53  ? 164 SER A CB  1 
ATOM   820  O  OG  . SER A 1 127 ? -1.574  -6.652  13.145  1.00 63.77  ? 164 SER A OG  1 
ATOM   821  N  N   . ARG A 1 128 ? 0.176   -4.310  11.772  1.00 44.64  ? 165 ARG A N   1 
ATOM   822  C  CA  . ARG A 1 128 ? 0.858   -3.067  12.136  1.00 44.63  ? 165 ARG A CA  1 
ATOM   823  C  C   . ARG A 1 128 ? 0.999   -2.156  10.914  1.00 46.84  ? 165 ARG A C   1 
ATOM   824  O  O   . ARG A 1 128 ? 0.676   -0.967  10.992  1.00 44.81  ? 165 ARG A O   1 
ATOM   825  C  CB  . ARG A 1 128 ? 2.234   -3.338  12.729  1.00 44.66  ? 165 ARG A CB  1 
ATOM   826  C  CG  . ARG A 1 128 ? 2.222   -3.878  14.137  1.00 52.85  ? 165 ARG A CG  1 
ATOM   827  C  CD  . ARG A 1 128 ? 3.632   -3.800  14.674  1.00 47.65  ? 165 ARG A CD  1 
ATOM   828  N  NE  . ARG A 1 128 ? 3.860   -4.762  15.747  1.00 57.83  ? 165 ARG A NE  1 
ATOM   829  C  CZ  . ARG A 1 128 ? 5.063   -5.111  16.194  1.00 72.82  ? 165 ARG A CZ  1 
ATOM   830  N  NH1 . ARG A 1 128 ? 6.158   -4.576  15.665  1.00 58.07  ? 165 ARG A NH1 1 
ATOM   831  N  NH2 . ARG A 1 128 ? 5.182   -6.003  17.169  1.00 59.51  ? 165 ARG A NH2 1 
ATOM   832  N  N   . ILE A 1 129 ? 1.500   -2.713  9.788   1.00 41.78  ? 166 ILE A N   1 
ATOM   833  C  CA  . ILE A 1 129 ? 1.624   -1.975  8.525   1.00 41.19  ? 166 ILE A CA  1 
ATOM   834  C  C   . ILE A 1 129 ? 0.205   -1.521  8.079   1.00 43.78  ? 166 ILE A C   1 
ATOM   835  O  O   . ILE A 1 129 ? 0.062   -0.396  7.620   1.00 44.27  ? 166 ILE A O   1 
ATOM   836  C  CB  . ILE A 1 129 ? 2.370   -2.804  7.422   1.00 44.03  ? 166 ILE A CB  1 
ATOM   837  C  CG1 . ILE A 1 129 ? 3.808   -3.170  7.884   1.00 44.02  ? 166 ILE A CG1 1 
ATOM   838  C  CG2 . ILE A 1 129 ? 2.412   -2.043  6.099   1.00 44.73  ? 166 ILE A CG2 1 
ATOM   839  C  CD1 . ILE A 1 129 ? 4.459   -4.426  7.222   1.00 45.95  ? 166 ILE A CD1 1 
ATOM   840  N  N   . ALA A 1 130 ? -0.826  -2.374  8.255   1.00 40.83  ? 167 ALA A N   1 
ATOM   841  C  CA  . ALA A 1 130 ? -2.218  -2.034  7.887   1.00 42.03  ? 167 ALA A CA  1 
ATOM   842  C  C   . ALA A 1 130 ? -2.692  -0.762  8.628   1.00 47.10  ? 167 ALA A C   1 
ATOM   843  O  O   . ALA A 1 130 ? -3.219  0.168   7.991   1.00 44.37  ? 167 ALA A O   1 
ATOM   844  C  CB  . ALA A 1 130 ? -3.150  -3.199  8.180   1.00 42.04  ? 167 ALA A CB  1 
ATOM   845  N  N   . ALA A 1 131 ? -2.409  -0.699  9.964   1.00 45.14  ? 168 ALA A N   1 
ATOM   846  C  CA  . ALA A 1 131 ? -2.724  0.446   10.820  1.00 44.74  ? 168 ALA A CA  1 
ATOM   847  C  C   . ALA A 1 131 ? -1.964  1.662   10.348  1.00 47.93  ? 168 ALA A C   1 
ATOM   848  O  O   . ALA A 1 131 ? -2.601  2.692   10.101  1.00 47.60  ? 168 ALA A O   1 
ATOM   849  C  CB  . ALA A 1 131 ? -2.371  0.145   12.273  1.00 45.49  ? 168 ALA A CB  1 
ATOM   850  N  N   . TRP A 1 132 ? -0.623  1.551   10.163  1.00 43.36  ? 169 TRP A N   1 
ATOM   851  C  CA  . TRP A 1 132 ? 0.193   2.694   9.723   1.00 43.91  ? 169 TRP A CA  1 
ATOM   852  C  C   . TRP A 1 132 ? -0.279  3.241   8.379   1.00 46.02  ? 169 TRP A C   1 
ATOM   853  O  O   . TRP A 1 132 ? -0.211  4.447   8.162   1.00 46.64  ? 169 TRP A O   1 
ATOM   854  C  CB  . TRP A 1 132 ? 1.707   2.405   9.668   1.00 43.78  ? 169 TRP A CB  1 
ATOM   855  C  CG  . TRP A 1 132 ? 2.299   1.582   10.782  1.00 45.34  ? 169 TRP A CG  1 
ATOM   856  C  CD1 . TRP A 1 132 ? 1.902   1.544   12.090  1.00 48.30  ? 169 TRP A CD1 1 
ATOM   857  C  CD2 . TRP A 1 132 ? 3.466   0.748   10.694  1.00 45.01  ? 169 TRP A CD2 1 
ATOM   858  N  NE1 . TRP A 1 132 ? 2.693   0.667   12.798  1.00 47.55  ? 169 TRP A NE1 1 
ATOM   859  C  CE2 . TRP A 1 132 ? 3.685   0.196   11.978  1.00 48.63  ? 169 TRP A CE2 1 
ATOM   860  C  CE3 . TRP A 1 132 ? 4.355   0.417   9.650   1.00 45.99  ? 169 TRP A CE3 1 
ATOM   861  C  CZ2 . TRP A 1 132 ? 4.727   -0.704  12.239  1.00 47.56  ? 169 TRP A CZ2 1 
ATOM   862  C  CZ3 . TRP A 1 132 ? 5.380   -0.484  9.906   1.00 47.21  ? 169 TRP A CZ3 1 
ATOM   863  C  CH2 . TRP A 1 132 ? 5.553   -1.042  11.184  1.00 47.92  ? 169 TRP A CH2 1 
ATOM   864  N  N   . MET A 1 133 ? -0.779  2.356   7.494   1.00 39.44  ? 170 MET A N   1 
ATOM   865  C  CA  . MET A 1 133 ? -1.297  2.745   6.191   1.00 36.99  ? 170 MET A CA  1 
ATOM   866  C  C   . MET A 1 133 ? -2.661  3.431   6.353   1.00 38.58  ? 170 MET A C   1 
ATOM   867  O  O   . MET A 1 133 ? -2.875  4.485   5.767   1.00 38.14  ? 170 MET A O   1 
ATOM   868  C  CB  . MET A 1 133 ? -1.436  1.515   5.285   1.00 38.35  ? 170 MET A CB  1 
ATOM   869  C  CG  . MET A 1 133 ? -0.095  1.023   4.692   1.00 41.05  ? 170 MET A CG  1 
ATOM   870  S  SD  . MET A 1 133 ? -0.379  -0.529  3.821   1.00 42.81  ? 170 MET A SD  1 
ATOM   871  C  CE  . MET A 1 133 ? -1.030  0.123   2.299   1.00 39.07  ? 170 MET A CE  1 
ATOM   872  N  N   . ALA A 1 134 ? -3.585  2.825   7.118   1.00 36.50  ? 171 ALA A N   1 
ATOM   873  C  CA  . ALA A 1 134 ? -4.941  3.397   7.322   1.00 37.50  ? 171 ALA A CA  1 
ATOM   874  C  C   . ALA A 1 134 ? -4.844  4.777   7.949   1.00 46.14  ? 171 ALA A C   1 
ATOM   875  O  O   . ALA A 1 134 ? -5.534  5.706   7.511   1.00 46.84  ? 171 ALA A O   1 
ATOM   876  C  CB  . ALA A 1 134 ? -5.800  2.472   8.167   1.00 37.08  ? 171 ALA A CB  1 
ATOM   877  N  N   . THR A 1 135 ? -3.883  4.936   8.881   1.00 43.18  ? 172 THR A N   1 
ATOM   878  C  CA  . THR A 1 135 ? -3.592  6.181   9.599   1.00 42.70  ? 172 THR A CA  1 
ATOM   879  C  C   . THR A 1 135 ? -3.042  7.218   8.670   1.00 47.54  ? 172 THR A C   1 
ATOM   880  O  O   . THR A 1 135 ? -3.547  8.345   8.667   1.00 47.35  ? 172 THR A O   1 
ATOM   881  C  CB  . THR A 1 135 ? -2.712  5.871   10.825  1.00 47.07  ? 172 THR A CB  1 
ATOM   882  O  OG1 . THR A 1 135 ? -3.479  5.024   11.679  1.00 38.44  ? 172 THR A OG1 1 
ATOM   883  C  CG2 . THR A 1 135 ? -2.249  7.113   11.577  1.00 48.61  ? 172 THR A CG2 1 
ATOM   884  N  N   . TYR A 1 136 ? -2.014  6.849   7.866   1.00 43.61  ? 173 TYR A N   1 
ATOM   885  C  CA  . TYR A 1 136 ? -1.433  7.777   6.910   1.00 43.02  ? 173 TYR A CA  1 
ATOM   886  C  C   . TYR A 1 136 ? -2.470  8.237   5.849   1.00 46.89  ? 173 TYR A C   1 
ATOM   887  O  O   . TYR A 1 136 ? -2.465  9.398   5.456   1.00 47.19  ? 173 TYR A O   1 
ATOM   888  C  CB  . TYR A 1 136 ? -0.148  7.221   6.273   1.00 42.73  ? 173 TYR A CB  1 
ATOM   889  C  CG  . TYR A 1 136 ? 0.609   8.286   5.511   1.00 42.30  ? 173 TYR A CG  1 
ATOM   890  C  CD1 . TYR A 1 136 ? 0.336   8.538   4.170   1.00 43.04  ? 173 TYR A CD1 1 
ATOM   891  C  CD2 . TYR A 1 136 ? 1.557   9.081   6.143   1.00 42.97  ? 173 TYR A CD2 1 
ATOM   892  C  CE1 . TYR A 1 136 ? 0.955   9.579   3.491   1.00 41.85  ? 173 TYR A CE1 1 
ATOM   893  C  CE2 . TYR A 1 136 ? 2.221   10.096  5.455   1.00 43.28  ? 173 TYR A CE2 1 
ATOM   894  C  CZ  . TYR A 1 136 ? 1.898   10.356  4.137   1.00 48.12  ? 173 TYR A CZ  1 
ATOM   895  O  OH  . TYR A 1 136 ? 2.539   11.359  3.446   1.00 50.68  ? 173 TYR A OH  1 
ATOM   896  N  N   . LEU A 1 137 ? -3.346  7.336   5.411   1.00 44.27  ? 174 LEU A N   1 
ATOM   897  C  CA  . LEU A 1 137 ? -4.428  7.607   4.451   1.00 45.57  ? 174 LEU A CA  1 
ATOM   898  C  C   . LEU A 1 137 ? -5.451  8.636   5.064   1.00 50.65  ? 174 LEU A C   1 
ATOM   899  O  O   . LEU A 1 137 ? -5.708  9.689   4.481   1.00 49.34  ? 174 LEU A O   1 
ATOM   900  C  CB  . LEU A 1 137 ? -5.114  6.260   4.178   1.00 45.77  ? 174 LEU A CB  1 
ATOM   901  C  CG  . LEU A 1 137 ? -5.767  5.980   2.843   1.00 52.23  ? 174 LEU A CG  1 
ATOM   902  C  CD1 . LEU A 1 137 ? -4.883  6.327   1.676   1.00 51.70  ? 174 LEU A CD1 1 
ATOM   903  C  CD2 . LEU A 1 137 ? -6.138  4.505   2.759   1.00 56.17  ? 174 LEU A CD2 1 
ATOM   904  N  N   . ASN A 1 138 ? -5.960  8.335   6.265   1.00 48.29  ? 175 ASN A N   1 
ATOM   905  C  CA  . ASN A 1 138 ? -6.899  9.166   7.025   1.00 49.53  ? 175 ASN A CA  1 
ATOM   906  C  C   . ASN A 1 138 ? -6.316  10.553  7.337   1.00 54.80  ? 175 ASN A C   1 
ATOM   907  O  O   . ASN A 1 138 ? -6.997  11.559  7.131   1.00 55.03  ? 175 ASN A O   1 
ATOM   908  C  CB  . ASN A 1 138 ? -7.242  8.472   8.342   1.00 51.40  ? 175 ASN A CB  1 
ATOM   909  C  CG  . ASN A 1 138 ? -8.665  8.035   8.456   1.00 98.68  ? 175 ASN A CG  1 
ATOM   910  O  OD1 . ASN A 1 138 ? -9.477  8.682   9.130   1.00 105.91 ? 175 ASN A OD1 1 
ATOM   911  N  ND2 . ASN A 1 138 ? -8.991  6.910   7.835   1.00 90.35  ? 175 ASN A ND2 1 
ATOM   912  N  N   . ASP A 1 139 ? -5.060  10.599  7.814   1.00 50.84  ? 176 ASP A N   1 
ATOM   913  C  CA  . ASP A 1 139 ? -4.424  11.845  8.240   1.00 50.42  ? 176 ASP A CA  1 
ATOM   914  C  C   . ASP A 1 139 ? -3.791  12.707  7.170   1.00 54.47  ? 176 ASP A C   1 
ATOM   915  O  O   . ASP A 1 139 ? -3.844  13.928  7.290   1.00 54.22  ? 176 ASP A O   1 
ATOM   916  C  CB  . ASP A 1 139 ? -3.415  11.599  9.380   1.00 51.71  ? 176 ASP A CB  1 
ATOM   917  C  CG  . ASP A 1 139 ? -3.977  11.156  10.718  1.00 56.45  ? 176 ASP A CG  1 
ATOM   918  O  OD1 . ASP A 1 139 ? -5.209  11.015  10.829  1.00 57.54  ? 176 ASP A OD1 1 
ATOM   919  O  OD2 . ASP A 1 139 ? -3.177  10.938  11.652  1.00 63.94  ? 176 ASP A OD2 1 
ATOM   920  N  N   . HIS A 1 140 ? -3.131  12.105  6.175   1.00 50.68  ? 177 HIS A N   1 
ATOM   921  C  CA  . HIS A 1 140 ? -2.415  12.888  5.170   1.00 50.13  ? 177 HIS A CA  1 
ATOM   922  C  C   . HIS A 1 140 ? -2.886  12.705  3.732   1.00 51.14  ? 177 HIS A C   1 
ATOM   923  O  O   . HIS A 1 140 ? -2.338  13.366  2.851   1.00 50.29  ? 177 HIS A O   1 
ATOM   924  C  CB  . HIS A 1 140 ? -0.907  12.601  5.260   1.00 52.22  ? 177 HIS A CB  1 
ATOM   925  C  CG  . HIS A 1 140 ? -0.312  12.859  6.607   1.00 56.75  ? 177 HIS A CG  1 
ATOM   926  N  ND1 . HIS A 1 140 ? -0.525  11.994  7.668   1.00 58.84  ? 177 HIS A ND1 1 
ATOM   927  C  CD2 . HIS A 1 140 ? 0.486   13.871  7.021   1.00 58.92  ? 177 HIS A CD2 1 
ATOM   928  C  CE1 . HIS A 1 140 ? 0.124   12.519  8.694   1.00 58.31  ? 177 HIS A CE1 1 
ATOM   929  N  NE2 . HIS A 1 140 ? 0.758   13.642  8.351   1.00 58.60  ? 177 HIS A NE2 1 
ATOM   930  N  N   . LEU A 1 141 ? -3.848  11.794  3.461   1.00 46.12  ? 178 LEU A N   1 
ATOM   931  C  CA  . LEU A 1 141 ? -4.298  11.572  2.077   1.00 44.63  ? 178 LEU A CA  1 
ATOM   932  C  C   . LEU A 1 141 ? -5.778  11.794  1.778   1.00 48.00  ? 178 LEU A C   1 
ATOM   933  O  O   . LEU A 1 141 ? -6.096  12.143  0.643   1.00 47.79  ? 178 LEU A O   1 
ATOM   934  C  CB  . LEU A 1 141 ? -3.822  10.215  1.526   1.00 43.85  ? 178 LEU A CB  1 
ATOM   935  C  CG  . LEU A 1 141 ? -2.298  9.958   1.557   1.00 47.33  ? 178 LEU A CG  1 
ATOM   936  C  CD1 . LEU A 1 141 ? -1.969  8.499   1.231   1.00 47.84  ? 178 LEU A CD1 1 
ATOM   937  C  CD2 . LEU A 1 141 ? -1.548  10.907  0.647   1.00 46.68  ? 178 LEU A CD2 1 
ATOM   938  N  N   . GLU A 1 142 ? -6.673  11.552  2.761   1.00 45.29  ? 179 GLU A N   1 
ATOM   939  C  CA  . GLU A 1 142 ? -8.134  11.721  2.638   1.00 45.44  ? 179 GLU A CA  1 
ATOM   940  C  C   . GLU A 1 142 ? -8.516  13.135  2.106   1.00 50.87  ? 179 GLU A C   1 
ATOM   941  O  O   . GLU A 1 142 ? -9.230  13.196  1.088   1.00 49.44  ? 179 GLU A O   1 
ATOM   942  C  CB  . GLU A 1 142 ? -8.867  11.355  3.944   1.00 46.43  ? 179 GLU A CB  1 
ATOM   943  N  N   . PRO A 1 143 ? -7.962  14.260  2.672   1.00 48.09  ? 180 PRO A N   1 
ATOM   944  C  CA  . PRO A 1 143 ? -8.287  15.595  2.129   1.00 46.76  ? 180 PRO A CA  1 
ATOM   945  C  C   . PRO A 1 143 ? -8.029  15.707  0.639   1.00 48.91  ? 180 PRO A C   1 
ATOM   946  O  O   . PRO A 1 143 ? -8.963  16.014  -0.103  1.00 49.23  ? 180 PRO A O   1 
ATOM   947  C  CB  . PRO A 1 143 ? -7.352  16.530  2.908   1.00 48.52  ? 180 PRO A CB  1 
ATOM   948  C  CG  . PRO A 1 143 ? -7.144  15.845  4.201   1.00 53.41  ? 180 PRO A CG  1 
ATOM   949  C  CD  . PRO A 1 143 ? -7.095  14.383  3.871   1.00 49.56  ? 180 PRO A CD  1 
ATOM   950  N  N   . TRP A 1 144 ? -6.773  15.418  0.195   1.00 41.47  ? 181 TRP A N   1 
ATOM   951  C  CA  . TRP A 1 144 ? -6.383  15.464  -1.204  1.00 39.97  ? 181 TRP A CA  1 
ATOM   952  C  C   . TRP A 1 144 ? -7.313  14.578  -2.056  1.00 45.78  ? 181 TRP A C   1 
ATOM   953  O  O   . TRP A 1 144 ? -7.756  15.017  -3.123  1.00 46.65  ? 181 TRP A O   1 
ATOM   954  C  CB  . TRP A 1 144 ? -4.915  15.047  -1.371  1.00 38.20  ? 181 TRP A CB  1 
ATOM   955  C  CG  . TRP A 1 144 ? -4.406  15.247  -2.755  1.00 38.34  ? 181 TRP A CG  1 
ATOM   956  C  CD1 . TRP A 1 144 ? -3.710  16.315  -3.219  1.00 41.08  ? 181 TRP A CD1 1 
ATOM   957  C  CD2 . TRP A 1 144 ? -4.649  14.400  -3.889  1.00 38.03  ? 181 TRP A CD2 1 
ATOM   958  N  NE1 . TRP A 1 144 ? -3.513  16.199  -4.575  1.00 40.67  ? 181 TRP A NE1 1 
ATOM   959  C  CE2 . TRP A 1 144 ? -4.051  15.015  -5.006  1.00 41.45  ? 181 TRP A CE2 1 
ATOM   960  C  CE3 . TRP A 1 144 ? -5.268  13.148  -4.058  1.00 38.84  ? 181 TRP A CE3 1 
ATOM   961  C  CZ2 . TRP A 1 144 ? -4.096  14.454  -6.283  1.00 40.59  ? 181 TRP A CZ2 1 
ATOM   962  C  CZ3 . TRP A 1 144 ? -5.311  12.593  -5.324  1.00 40.01  ? 181 TRP A CZ3 1 
ATOM   963  C  CH2 . TRP A 1 144 ? -4.709  13.229  -6.414  1.00 40.69  ? 181 TRP A CH2 1 
ATOM   964  N  N   . ILE A 1 145 ? -7.602  13.344  -1.591  1.00 41.46  ? 182 ILE A N   1 
ATOM   965  C  CA  . ILE A 1 145 ? -8.479  12.411  -2.327  1.00 41.39  ? 182 ILE A CA  1 
ATOM   966  C  C   . ILE A 1 145 ? -9.853  13.044  -2.600  1.00 46.71  ? 182 ILE A C   1 
ATOM   967  O  O   . ILE A 1 145 ? -10.318 13.022  -3.735  1.00 45.56  ? 182 ILE A O   1 
ATOM   968  C  CB  . ILE A 1 145 ? -8.522  10.982  -1.694  1.00 43.51  ? 182 ILE A CB  1 
ATOM   969  C  CG1 . ILE A 1 145 ? -7.141  10.279  -1.908  1.00 43.09  ? 182 ILE A CG1 1 
ATOM   970  C  CG2 . ILE A 1 145 ? -9.650  10.117  -2.312  1.00 43.88  ? 182 ILE A CG2 1 
ATOM   971  C  CD1 . ILE A 1 145 ? -6.828  9.025   -1.015  1.00 41.78  ? 182 ILE A CD1 1 
ATOM   972  N  N   . GLN A 1 146 ? -10.437 13.689  -1.576  1.00 45.63  ? 183 GLN A N   1 
ATOM   973  C  CA  . GLN A 1 146 ? -11.723 14.387  -1.672  1.00 45.00  ? 183 GLN A CA  1 
ATOM   974  C  C   . GLN A 1 146 ? -11.650 15.575  -2.616  1.00 47.41  ? 183 GLN A C   1 
ATOM   975  O  O   . GLN A 1 146 ? -12.551 15.749  -3.437  1.00 47.09  ? 183 GLN A O   1 
ATOM   976  C  CB  . GLN A 1 146 ? -12.234 14.813  -0.284  1.00 46.07  ? 183 GLN A CB  1 
ATOM   977  C  CG  . GLN A 1 146 ? -12.557 13.652  0.675   1.00 49.37  ? 183 GLN A CG  1 
ATOM   978  C  CD  . GLN A 1 146 ? -13.391 12.540  0.064   1.00 87.81  ? 183 GLN A CD  1 
ATOM   979  O  OE1 . GLN A 1 146 ? -14.404 12.767  -0.610  1.00 91.55  ? 183 GLN A OE1 1 
ATOM   980  N  NE2 . GLN A 1 146 ? -12.990 11.302  0.299   1.00 83.83  ? 183 GLN A NE2 1 
ATOM   981  N  N   . GLU A 1 147 ? -10.550 16.345  -2.553  1.00 42.43  ? 184 GLU A N   1 
ATOM   982  C  CA  . GLU A 1 147 ? -10.332 17.531  -3.390  1.00 41.77  ? 184 GLU A CA  1 
ATOM   983  C  C   . GLU A 1 147 ? -9.994  17.210  -4.832  1.00 48.57  ? 184 GLU A C   1 
ATOM   984  O  O   . GLU A 1 147 ? -10.095 18.088  -5.705  1.00 48.93  ? 184 GLU A O   1 
ATOM   985  C  CB  . GLU A 1 147 ? -9.282  18.448  -2.759  1.00 42.41  ? 184 GLU A CB  1 
ATOM   986  C  CG  . GLU A 1 147 ? -9.770  19.004  -1.428  1.00 46.64  ? 184 GLU A CG  1 
ATOM   987  C  CD  . GLU A 1 147 ? -8.744  19.572  -0.472  1.00 76.88  ? 184 GLU A CD  1 
ATOM   988  O  OE1 . GLU A 1 147 ? -7.832  20.305  -0.925  1.00 55.49  ? 184 GLU A OE1 1 
ATOM   989  O  OE2 . GLU A 1 147 ? -8.916  19.356  0.749   1.00 82.73  ? 184 GLU A OE2 1 
ATOM   990  N  N   . ASN A 1 148 ? -9.599  15.954  -5.094  1.00 45.48  ? 185 ASN A N   1 
ATOM   991  C  CA  . ASN A 1 148 ? -9.269  15.521  -6.439  1.00 45.15  ? 185 ASN A CA  1 
ATOM   992  C  C   . ASN A 1 148 ? -10.283 14.549  -7.054  1.00 50.55  ? 185 ASN A C   1 
ATOM   993  O  O   . ASN A 1 148 ? -9.950  13.790  -7.978  1.00 51.46  ? 185 ASN A O   1 
ATOM   994  C  CB  . ASN A 1 148 ? -7.801  15.110  -6.560  1.00 41.46  ? 185 ASN A CB  1 
ATOM   995  C  CG  . ASN A 1 148 ? -6.899  16.310  -6.472  1.00 54.66  ? 185 ASN A CG  1 
ATOM   996  O  OD1 . ASN A 1 148 ? -6.483  16.862  -7.488  1.00 50.45  ? 185 ASN A OD1 1 
ATOM   997  N  ND2 . ASN A 1 148 ? -6.638  16.794  -5.263  1.00 45.56  ? 185 ASN A ND2 1 
ATOM   998  N  N   . GLY A 1 149 ? -11.517 14.619  -6.541  1.00 46.07  ? 186 GLY A N   1 
ATOM   999  C  CA  . GLY A 1 149 ? -12.674 13.887  -7.041  1.00 45.10  ? 186 GLY A CA  1 
ATOM   1000 C  C   . GLY A 1 149 ? -13.080 12.577  -6.397  1.00 45.79  ? 186 GLY A C   1 
ATOM   1001 O  O   . GLY A 1 149 ? -13.919 11.858  -6.949  1.00 44.08  ? 186 GLY A O   1 
ATOM   1002 N  N   . GLY A 1 150 ? -12.477 12.243  -5.271  1.00 41.67  ? 187 GLY A N   1 
ATOM   1003 C  CA  . GLY A 1 150 ? -12.766 10.995  -4.571  1.00 40.97  ? 187 GLY A CA  1 
ATOM   1004 C  C   . GLY A 1 150 ? -12.280 9.753   -5.302  1.00 42.71  ? 187 GLY A C   1 
ATOM   1005 O  O   . GLY A 1 150 ? -11.733 9.829   -6.414  1.00 38.97  ? 187 GLY A O   1 
ATOM   1006 N  N   . TRP A 1 151 ? -12.490 8.596   -4.673  1.00 41.41  ? 188 TRP A N   1 
ATOM   1007 C  CA  . TRP A 1 151 ? -12.084 7.316   -5.238  1.00 43.09  ? 188 TRP A CA  1 
ATOM   1008 C  C   . TRP A 1 151 ? -12.749 6.988   -6.567  1.00 46.41  ? 188 TRP A C   1 
ATOM   1009 O  O   . TRP A 1 151 ? -12.109 6.354   -7.401  1.00 46.28  ? 188 TRP A O   1 
ATOM   1010 C  CB  . TRP A 1 151 ? -12.242 6.190   -4.220  1.00 42.68  ? 188 TRP A CB  1 
ATOM   1011 C  CG  . TRP A 1 151 ? -11.137 6.141   -3.210  1.00 44.24  ? 188 TRP A CG  1 
ATOM   1012 C  CD1 . TRP A 1 151 ? -11.231 6.409   -1.876  1.00 47.42  ? 188 TRP A CD1 1 
ATOM   1013 C  CD2 . TRP A 1 151 ? -9.759  5.840   -3.467  1.00 44.49  ? 188 TRP A CD2 1 
ATOM   1014 N  NE1 . TRP A 1 151 ? -9.998  6.258   -1.274  1.00 47.67  ? 188 TRP A NE1 1 
ATOM   1015 C  CE2 . TRP A 1 151 ? -9.075  5.913   -2.232  1.00 49.15  ? 188 TRP A CE2 1 
ATOM   1016 C  CE3 . TRP A 1 151 ? -9.039  5.462   -4.615  1.00 46.17  ? 188 TRP A CE3 1 
ATOM   1017 C  CZ2 . TRP A 1 151 ? -7.708  5.626   -2.115  1.00 48.34  ? 188 TRP A CZ2 1 
ATOM   1018 C  CZ3 . TRP A 1 151 ? -7.679  5.213   -4.507  1.00 47.86  ? 188 TRP A CZ3 1 
ATOM   1019 C  CH2 . TRP A 1 151 ? -7.028  5.286   -3.267  1.00 48.57  ? 188 TRP A CH2 1 
ATOM   1020 N  N   . ASP A 1 152 ? -13.987 7.509   -6.818  1.00 41.70  ? 189 ASP A N   1 
ATOM   1021 C  CA  . ASP A 1 152 ? -14.723 7.315   -8.080  1.00 41.14  ? 189 ASP A CA  1 
ATOM   1022 C  C   . ASP A 1 152 ? -13.921 7.878   -9.261  1.00 42.44  ? 189 ASP A C   1 
ATOM   1023 O  O   . ASP A 1 152 ? -13.977 7.335   -10.374 1.00 40.27  ? 189 ASP A O   1 
ATOM   1024 C  CB  . ASP A 1 152 ? -16.125 7.955   -8.004  1.00 44.43  ? 189 ASP A CB  1 
ATOM   1025 C  CG  . ASP A 1 152 ? -16.807 7.830   -6.640  1.00 65.97  ? 189 ASP A CG  1 
ATOM   1026 O  OD1 . ASP A 1 152 ? -16.218 8.312   -5.621  1.00 70.63  ? 189 ASP A OD1 1 
ATOM   1027 O  OD2 . ASP A 1 152 ? -17.943 7.317   -6.590  1.00 68.49  ? 189 ASP A OD2 1 
ATOM   1028 N  N   . THR A 1 153 ? -13.143 8.967   -9.009  1.00 38.79  ? 190 THR A N   1 
ATOM   1029 C  CA  . THR A 1 153 ? -12.322 9.579   -10.046 1.00 38.70  ? 190 THR A CA  1 
ATOM   1030 C  C   . THR A 1 153 ? -11.128 8.651   -10.314 1.00 42.04  ? 190 THR A C   1 
ATOM   1031 O  O   . THR A 1 153 ? -10.802 8.402   -11.468 1.00 41.14  ? 190 THR A O   1 
ATOM   1032 C  CB  . THR A 1 153 ? -11.956 11.016  -9.686  1.00 44.59  ? 190 THR A CB  1 
ATOM   1033 O  OG1 . THR A 1 153 ? -13.160 11.727  -9.405  1.00 47.53  ? 190 THR A OG1 1 
ATOM   1034 C  CG2 . THR A 1 153 ? -11.208 11.718  -10.796 1.00 36.75  ? 190 THR A CG2 1 
ATOM   1035 N  N   . PHE A 1 154 ? -10.555 8.076   -9.253  1.00 37.72  ? 191 PHE A N   1 
ATOM   1036 C  CA  . PHE A 1 154 ? -9.459  7.119   -9.384  1.00 36.24  ? 191 PHE A CA  1 
ATOM   1037 C  C   . PHE A 1 154 ? -9.922  5.904   -10.239 1.00 40.24  ? 191 PHE A C   1 
ATOM   1038 O  O   . PHE A 1 154 ? -9.233  5.557   -11.209 1.00 37.45  ? 191 PHE A O   1 
ATOM   1039 C  CB  . PHE A 1 154 ? -8.997  6.658   -8.002  1.00 36.95  ? 191 PHE A CB  1 
ATOM   1040 C  CG  . PHE A 1 154 ? -7.955  5.563   -8.091  1.00 36.72  ? 191 PHE A CG  1 
ATOM   1041 C  CD1 . PHE A 1 154 ? -6.630  5.866   -8.362  1.00 37.56  ? 191 PHE A CD1 1 
ATOM   1042 C  CD2 . PHE A 1 154 ? -8.308  4.230   -7.926  1.00 36.95  ? 191 PHE A CD2 1 
ATOM   1043 C  CE1 . PHE A 1 154 ? -5.677  4.856   -8.475  1.00 38.13  ? 191 PHE A CE1 1 
ATOM   1044 C  CE2 . PHE A 1 154 ? -7.344  3.216   -8.031  1.00 38.42  ? 191 PHE A CE2 1 
ATOM   1045 C  CZ  . PHE A 1 154 ? -6.038  3.541   -8.276  1.00 34.31  ? 191 PHE A CZ  1 
ATOM   1046 N  N   . VAL A 1 155 ? -11.107 5.306   -9.925  1.00 38.18  ? 192 VAL A N   1 
ATOM   1047 C  CA  . VAL A 1 155 ? -11.584 4.182   -10.752 1.00 39.00  ? 192 VAL A CA  1 
ATOM   1048 C  C   . VAL A 1 155 ? -11.687 4.523   -12.238 1.00 43.42  ? 192 VAL A C   1 
ATOM   1049 O  O   . VAL A 1 155 ? -11.269 3.723   -13.066 1.00 42.38  ? 192 VAL A O   1 
ATOM   1050 C  CB  . VAL A 1 155 ? -12.703 3.239   -10.228 1.00 43.51  ? 192 VAL A CB  1 
ATOM   1051 C  CG1 . VAL A 1 155 ? -13.080 3.498   -8.783  1.00 43.47  ? 192 VAL A CG1 1 
ATOM   1052 C  CG2 . VAL A 1 155 ? -13.917 3.165   -11.145 1.00 43.11  ? 192 VAL A CG2 1 
ATOM   1053 N  N   . GLU A 1 156 ? -12.144 5.744   -12.559 1.00 39.71  ? 193 GLU A N   1 
ATOM   1054 C  CA  . GLU A 1 156 ? -12.270 6.217   -13.927 1.00 39.93  ? 193 GLU A CA  1 
ATOM   1055 C  C   . GLU A 1 156 ? -10.919 6.338   -14.595 1.00 43.24  ? 193 GLU A C   1 
ATOM   1056 O  O   . GLU A 1 156 ? -10.762 5.904   -15.728 1.00 42.62  ? 193 GLU A O   1 
ATOM   1057 C  CB  . GLU A 1 156 ? -13.005 7.583   -13.962 1.00 41.50  ? 193 GLU A CB  1 
ATOM   1058 C  CG  . GLU A 1 156 ? -13.392 8.081   -15.355 1.00 53.20  ? 193 GLU A CG  1 
ATOM   1059 C  CD  . GLU A 1 156 ? -14.293 7.186   -16.192 1.00 69.47  ? 193 GLU A CD  1 
ATOM   1060 O  OE1 . GLU A 1 156 ? -15.214 6.553   -15.624 1.00 61.80  ? 193 GLU A OE1 1 
ATOM   1061 O  OE2 . GLU A 1 156 ? -14.077 7.126   -17.424 1.00 57.95  ? 193 GLU A OE2 1 
ATOM   1062 N  N   . LEU A 1 157 ? -9.948  6.933   -13.909 1.00 39.01  ? 194 LEU A N   1 
ATOM   1063 C  CA  . LEU A 1 157 ? -8.642  7.184   -14.504 1.00 39.08  ? 194 LEU A CA  1 
ATOM   1064 C  C   . LEU A 1 157 ? -7.713  5.977   -14.574 1.00 40.02  ? 194 LEU A C   1 
ATOM   1065 O  O   . LEU A 1 157 ? -6.843  5.968   -15.439 1.00 38.49  ? 194 LEU A O   1 
ATOM   1066 C  CB  . LEU A 1 157 ? -7.934  8.306   -13.714 1.00 39.98  ? 194 LEU A CB  1 
ATOM   1067 C  CG  . LEU A 1 157 ? -8.067  9.801   -14.111 1.00 45.69  ? 194 LEU A CG  1 
ATOM   1068 C  CD1 . LEU A 1 157 ? -9.327  10.108  -14.908 1.00 47.02  ? 194 LEU A CD1 1 
ATOM   1069 C  CD2 . LEU A 1 157 ? -7.948  10.693  -12.876 1.00 46.68  ? 194 LEU A CD2 1 
ATOM   1070 N  N   . TYR A 1 158 ? -7.827  5.025   -13.625 1.00 35.60  ? 195 TYR A N   1 
ATOM   1071 C  CA  . TYR A 1 158 ? -6.891  3.895   -13.453 1.00 36.64  ? 195 TYR A CA  1 
ATOM   1072 C  C   . TYR A 1 158 ? -7.518  2.504   -13.502 1.00 40.91  ? 195 TYR A C   1 
ATOM   1073 O  O   . TYR A 1 158 ? -6.795  1.532   -13.700 1.00 40.48  ? 195 TYR A O   1 
ATOM   1074 C  CB  . TYR A 1 158 ? -6.090  4.068   -12.132 1.00 38.58  ? 195 TYR A CB  1 
ATOM   1075 C  CG  . TYR A 1 158 ? -5.146  5.248   -12.158 1.00 41.45  ? 195 TYR A CG  1 
ATOM   1076 C  CD1 . TYR A 1 158 ? -5.582  6.526   -11.816 1.00 42.93  ? 195 TYR A CD1 1 
ATOM   1077 C  CD2 . TYR A 1 158 ? -3.833  5.105   -12.605 1.00 42.55  ? 195 TYR A CD2 1 
ATOM   1078 C  CE1 . TYR A 1 158 ? -4.741  7.631   -11.924 1.00 42.32  ? 195 TYR A CE1 1 
ATOM   1079 C  CE2 . TYR A 1 158 ? -2.979  6.201   -12.699 1.00 42.88  ? 195 TYR A CE2 1 
ATOM   1080 C  CZ  . TYR A 1 158 ? -3.432  7.460   -12.343 1.00 50.97  ? 195 TYR A CZ  1 
ATOM   1081 O  OH  . TYR A 1 158 ? -2.583  8.536   -12.432 1.00 53.96  ? 195 TYR A OH  1 
ATOM   1082 N  N   . GLY A 1 159 ? -8.829  2.406   -13.297 1.00 37.08  ? 196 GLY A N   1 
ATOM   1083 C  CA  . GLY A 1 159 ? -9.534  1.126   -13.315 1.00 52.00  ? 196 GLY A CA  1 
ATOM   1084 C  C   . GLY A 1 159 ? -10.113 0.773   -14.669 1.00 85.42  ? 196 GLY A C   1 
ATOM   1085 O  O   . GLY A 1 159 ? -9.506  1.060   -15.702 1.00 59.10  ? 196 GLY A O   1 
HETATM 1086 O  O4  . 0Q5 B 2 .   ? 9.994   8.131   -9.124  1.00 49.59  ? 301 0Q5 A O4  1 
HETATM 1087 C  C27 . 0Q5 B 2 .   ? 9.377   7.094   -9.263  1.00 46.89  ? 301 0Q5 A C27 1 
HETATM 1088 N  N3  . 0Q5 B 2 .   ? 9.982   5.896   -9.419  1.00 47.07  ? 301 0Q5 A N3  1 
HETATM 1089 C  C36 . 0Q5 B 2 .   ? 9.268   4.815   -10.081 1.00 44.84  ? 301 0Q5 A C36 1 
HETATM 1090 C  C35 . 0Q5 B 2 .   ? 8.999   3.729   -9.070  1.00 45.37  ? 301 0Q5 A C35 1 
HETATM 1091 C  C30 . 0Q5 B 2 .   ? 10.275  3.316   -8.393  1.00 44.77  ? 301 0Q5 A C30 1 
HETATM 1092 C  C31 . 0Q5 B 2 .   ? 10.339  2.084   -7.739  1.00 44.16  ? 301 0Q5 A C31 1 
HETATM 1093 C  C32 . 0Q5 B 2 .   ? 11.443  1.745   -6.975  1.00 45.24  ? 301 0Q5 A C32 1 
HETATM 1094 C  C33 . 0Q5 B 2 .   ? 12.507  2.618   -6.874  1.00 45.66  ? 301 0Q5 A C33 1 
HETATM 1095 C  C34 . 0Q5 B 2 .   ? 12.475  3.837   -7.539  1.00 46.95  ? 301 0Q5 A C34 1 
HETATM 1096 C  C29 . 0Q5 B 2 .   ? 11.371  4.206   -8.302  1.00 45.47  ? 301 0Q5 A C29 1 
HETATM 1097 C  C28 . 0Q5 B 2 .   ? 11.355  5.555   -9.011  1.00 46.64  ? 301 0Q5 A C28 1 
HETATM 1098 C  C   . 0Q5 B 2 .   ? 7.889   7.108   -9.006  1.00 44.51  ? 301 0Q5 A C   1 
HETATM 1099 C  C5  . 0Q5 B 2 .   ? 7.350   7.313   -7.719  1.00 41.16  ? 301 0Q5 A C5  1 
HETATM 1100 C  C6  . 0Q5 B 2 .   ? 8.187   7.540   -6.531  1.00 43.36  ? 301 0Q5 A C6  1 
HETATM 1101 C  C8  . 0Q5 B 2 .   ? 8.758   6.591   -5.717  1.00 44.29  ? 301 0Q5 A C8  1 
HETATM 1102 C  C9  . 0Q5 B 2 .   ? 8.597   5.105   -5.762  1.00 42.00  ? 301 0Q5 A C9  1 
HETATM 1103 C  C10 . 0Q5 B 2 .   ? 8.100   4.442   -4.496  1.00 40.25  ? 301 0Q5 A C10 1 
HETATM 1104 C  C11 . 0Q5 B 2 .   ? 7.999   2.945   -4.670  1.00 37.92  ? 301 0Q5 A C11 1 
HETATM 1105 C  C12 . 0Q5 B 2 .   ? 7.437   2.253   -3.493  1.00 33.30  ? 301 0Q5 A C12 1 
HETATM 1106 N  N1  . 0Q5 B 2 .   ? 9.612   7.295   -4.834  1.00 43.46  ? 301 0Q5 A N1  1 
HETATM 1107 C  C13 . 0Q5 B 2 .   ? 10.603  6.818   -3.921  1.00 43.81  ? 301 0Q5 A C13 1 
HETATM 1108 C  C18 . 0Q5 B 2 .   ? 10.492  7.092   -2.560  1.00 43.24  ? 301 0Q5 A C18 1 
HETATM 1109 C  C17 . 0Q5 B 2 .   ? 11.415  6.550   -1.671  1.00 41.82  ? 301 0Q5 A C17 1 
HETATM 1110 C  C16 . 0Q5 B 2 .   ? 12.438  5.741   -2.130  1.00 41.11  ? 301 0Q5 A C16 1 
HETATM 1111 C  C15 . 0Q5 B 2 .   ? 12.548  5.466   -3.483  1.00 43.21  ? 301 0Q5 A C15 1 
HETATM 1112 C  C14 . 0Q5 B 2 .   ? 11.646  6.011   -4.386  1.00 43.90  ? 301 0Q5 A C14 1 
HETATM 1113 N  N   . 0Q5 B 2 .   ? 9.523   8.655   -5.079  1.00 41.74  ? 301 0Q5 A N   1 
HETATM 1114 C  C7  . 0Q5 B 2 .   ? 8.688   8.805   -6.081  1.00 44.57  ? 301 0Q5 A C7  1 
HETATM 1115 C  C19 . 0Q5 B 2 .   ? 8.324   10.157  -6.604  1.00 47.52  ? 301 0Q5 A C19 1 
HETATM 1116 O  O   . 0Q5 B 2 .   ? 7.356   10.619  -5.677  1.00 54.78  ? 301 0Q5 A O   1 
HETATM 1117 C  C4  . 0Q5 B 2 .   ? 5.964   7.306   -7.552  1.00 42.49  ? 301 0Q5 A C4  1 
HETATM 1118 C  C3  . 0Q5 B 2 .   ? 5.121   7.086   -8.631  1.00 43.35  ? 301 0Q5 A C3  1 
HETATM 1119 C  C2  . 0Q5 B 2 .   ? 5.643   6.882   -9.909  1.00 41.85  ? 301 0Q5 A C2  1 
HETATM 1120 C  C1  . 0Q5 B 2 .   ? 7.022   6.897   -10.087 1.00 42.13  ? 301 0Q5 A C1  1 
HETATM 1121 C  C20 . 0Q5 B 2 .   ? 4.760   6.745   -11.106 1.00 39.96  ? 301 0Q5 A C20 1 
HETATM 1122 O  O1  . 0Q5 B 2 .   ? 5.130   6.167   -12.133 1.00 36.58  ? 301 0Q5 A O1  1 
HETATM 1123 N  N2  . 0Q5 B 2 .   ? 3.536   7.389   -11.034 1.00 37.99  ? 301 0Q5 A N2  1 
HETATM 1124 S  S   . 0Q5 B 2 .   ? 2.510   7.286   -12.308 1.00 40.90  ? 301 0Q5 A S   1 
HETATM 1125 O  O2  . 0Q5 B 2 .   ? 1.397   8.140   -12.022 1.00 43.54  ? 301 0Q5 A O2  1 
HETATM 1126 O  O3  . 0Q5 B 2 .   ? 3.255   7.486   -13.512 1.00 41.83  ? 301 0Q5 A O3  1 
HETATM 1127 C  C21 . 0Q5 B 2 .   ? 2.016   5.636   -12.159 1.00 40.24  ? 301 0Q5 A C21 1 
HETATM 1128 C  C22 . 0Q5 B 2 .   ? 1.105   5.253   -13.323 1.00 37.99  ? 301 0Q5 A C22 1 
HETATM 1129 SI SI1 . 0Q5 B 2 .   ? 0.466   3.472   -13.259 1.00 39.92  ? 301 0Q5 A SI1 1 
HETATM 1130 C  C26 . 0Q5 B 2 .   ? -0.448  3.167   -11.637 1.00 38.83  ? 301 0Q5 A C26 1 
HETATM 1131 C  C25 . 0Q5 B 2 .   ? 1.906   2.264   -13.413 1.00 34.63  ? 301 0Q5 A C25 1 
HETATM 1132 C  C24 . 0Q5 B 2 .   ? -0.719  3.218   -14.711 1.00 41.92  ? 301 0Q5 A C24 1 
HETATM 1133 N  N1  . IMD C 3 .   ? -5.305  -7.190  8.215   1.00 44.95  ? 302 IMD A N1  1 
HETATM 1134 C  C2  . IMD C 3 .   ? -4.183  -6.863  7.518   1.00 46.69  ? 302 IMD A C2  1 
HETATM 1135 N  N3  . IMD C 3 .   ? -4.041  -7.411  6.285   1.00 44.67  ? 302 IMD A N3  1 
HETATM 1136 C  C4  . IMD C 3 .   ? -5.113  -8.184  6.063   1.00 44.00  ? 302 IMD A C4  1 
HETATM 1137 C  C5  . IMD C 3 .   ? -6.061  -8.097  7.279   1.00 44.06  ? 302 IMD A C5  1 
HETATM 1138 O  O   . HOH D 4 .   ? -3.050  -11.884 7.344   1.00 71.27  ? 401 HOH A O   1 
HETATM 1139 O  O   . HOH D 4 .   ? 17.059  4.190   2.238   1.00 55.69  ? 402 HOH A O   1 
HETATM 1140 O  O   . HOH D 4 .   ? 13.152  -6.107  3.458   1.00 54.48  ? 403 HOH A O   1 
HETATM 1141 O  O   . HOH D 4 .   ? -3.278  13.006  -9.627  1.00 49.36  ? 404 HOH A O   1 
HETATM 1142 O  O   . HOH D 4 .   ? 4.495   -6.523  -3.836  1.00 39.56  ? 405 HOH A O   1 
HETATM 1143 O  O   . HOH D 4 .   ? -12.856 -1.001  -10.946 1.00 38.54  ? 406 HOH A O   1 
HETATM 1144 O  O   . HOH D 4 .   ? -3.354  11.567  -12.514 1.00 59.51  ? 407 HOH A O   1 
HETATM 1145 O  O   . HOH D 4 .   ? 13.852  -2.001  7.565   1.00 53.84  ? 408 HOH A O   1 
HETATM 1146 O  O   . HOH D 4 .   ? -8.207  13.713  -10.023 1.00 34.80  ? 409 HOH A O   1 
HETATM 1147 O  O   . HOH D 4 .   ? 5.828   -15.025 -1.716  1.00 40.66  ? 410 HOH A O   1 
HETATM 1148 O  O   . HOH D 4 .   ? 4.676   12.456  4.498   1.00 60.00  ? 411 HOH A O   1 
HETATM 1149 O  O   . HOH D 4 .   ? 2.240   -20.452 -1.540  1.00 47.72  ? 412 HOH A O   1 
HETATM 1150 O  O   . HOH D 4 .   ? 7.647   13.590  -4.419  1.00 57.89  ? 413 HOH A O   1 
HETATM 1151 O  O   . HOH D 4 .   ? 11.605  -4.423  -14.002 1.00 39.35  ? 414 HOH A O   1 
HETATM 1152 O  O   . HOH D 4 .   ? 12.552  -1.337  -12.382 1.00 38.36  ? 415 HOH A O   1 
HETATM 1153 O  O   . HOH D 4 .   ? -17.889 6.930   -15.992 1.00 45.54  ? 416 HOH A O   1 
HETATM 1154 O  O   . HOH D 4 .   ? -4.365  -13.301 1.772   1.00 44.05  ? 417 HOH A O   1 
HETATM 1155 O  O   . HOH D 4 .   ? -4.178  15.193  2.248   1.00 58.17  ? 418 HOH A O   1 
HETATM 1156 O  O   . HOH D 4 .   ? 14.322  -8.113  -15.941 1.00 46.26  ? 419 HOH A O   1 
HETATM 1157 O  O   . HOH D 4 .   ? -4.077  -7.396  -12.514 1.00 53.16  ? 420 HOH A O   1 
HETATM 1158 O  O   . HOH D 4 .   ? -3.739  -4.495  -13.855 1.00 52.28  ? 421 HOH A O   1 
HETATM 1159 O  O   . HOH D 4 .   ? 1.313   6.162   9.567   1.00 46.97  ? 422 HOH A O   1 
HETATM 1160 O  O   . HOH D 4 .   ? 17.661  -0.558  -3.745  1.00 68.12  ? 423 HOH A O   1 
HETATM 1161 O  O   . HOH D 4 .   ? -0.579  10.438  -11.119 1.00 56.39  ? 424 HOH A O   1 
HETATM 1162 O  O   . HOH D 4 .   ? 11.155  -1.729  -14.680 1.00 36.73  ? 425 HOH A O   1 
HETATM 1163 O  O   . HOH D 4 .   ? -5.457  2.859   11.586  1.00 50.22  ? 426 HOH A O   1 
HETATM 1164 O  O   . HOH D 4 .   ? 6.611   20.182  -5.635  1.00 71.68  ? 427 HOH A O   1 
HETATM 1165 O  O   . HOH D 4 .   ? 7.426   16.129  -8.738  1.00 57.99  ? 428 HOH A O   1 
HETATM 1166 O  O   . HOH D 4 .   ? 12.593  10.348  3.881   1.00 55.61  ? 429 HOH A O   1 
HETATM 1167 O  O   . HOH D 4 .   ? 2.537   -4.608  -3.263  1.00 36.56  ? 430 HOH A O   1 
HETATM 1168 O  O   . HOH D 4 .   ? 1.567   -3.742  -5.992  1.00 33.94  ? 431 HOH A O   1 
HETATM 1169 O  O   . HOH D 4 .   ? -11.265 10.294  8.014   1.00 64.73  ? 432 HOH A O   1 
HETATM 1170 O  O   . HOH D 4 .   ? -0.319  -13.480 -9.828  1.00 31.00  ? 433 HOH A O   1 
HETATM 1171 O  O   . HOH D 4 .   ? -0.599  -15.124 -7.844  1.00 37.57  ? 434 HOH A O   1 
# 
